data_3OMI
#
_entry.id   3OMI
#
_cell.length_a   125.064
_cell.length_b   131.519
_cell.length_c   175.674
_cell.angle_alpha   90.00
_cell.angle_beta   90.00
_cell.angle_gamma   90.00
#
_symmetry.space_group_name_H-M   'P 21 21 21'
#
loop_
_entity.id
_entity.type
_entity.pdbx_description
1 polymer 'Cytochrome c oxidase, aa3 type, subunit I'
2 polymer 'Cytochrome c oxidase subunit 2'
3 non-polymer 'HYDROXIDE ION'
4 non-polymer DECYL-BETA-D-MALTOPYRANOSIDE
5 non-polymer TRIDECANE
6 non-polymer HEME-A
7 non-polymer 'COPPER (II) ION'
8 non-polymer 'MAGNESIUM ION'
9 non-polymer 'CALCIUM ION'
10 non-polymer 'CHLORIDE ION'
11 non-polymer (2S,3R)-heptane-1,2,3-triol
12 non-polymer 'COPPER (I) ION'
13 non-polymer 'CADMIUM ION'
14 water water
#
loop_
_entity_poly.entity_id
_entity_poly.type
_entity_poly.pdbx_seq_one_letter_code
_entity_poly.pdbx_strand_id
1 'polypeptide(L)'
;FTRWFMSTNHKDIGVLYLFTGGLVGLISVAFTVYMRMELMAPGVQFMCAEHLESGLVKGFFQSLWPSAVENCTPNGHLWN
VMITGHGILMMFFVVIPALFGGFGNYFMPLHIGAPAMAFPRMNNLSYWLYVAGTSLAVASLFAPGGNGQLGSGIGWVLYP
PLSTSESGYSTDLAIFAVHLSGASSILGAINMITTFLNMRAPGMTMHKVPLFAWSIFVTAWLILLALPVLAGAITMLLTD
RNFGTTFFQPSGGGDPVLYQHILWFFGHPEVYIIVLPAFGIVSHVIATFAKKPIFGYLPMVYAMVAIGVLGFVVWAHHMY
TAGLSLTQQSYFMMATMVIAVPTGIKIFSWIATMWGGSIELKTPMLWALGFLFLFTVGGVTGIVLSQASVDRYYHDTYYV
VAHFHYVMSLGAVFGIFAGIYFWIGKMSGRQYPEWAGKLHFWMMFVGANLTFFPQHFLGRQGMPRRYIDYPEAFATWNFV
SSLGAFLSFASFLFFLGVIFYTLTRGARVTANNYWNEHADTLEWTLTSPPPEHTF
;
A,C
2 'polypeptide(L)'
;LEIIGRPQPGGTGFQPSASPVATQIHWLDGFILVIIAAITIFVTLLILYAVWRFHEKRNKVPARFTHNSPLEIAWTIVPI
VILVAIGAFSLPVLFNQQEIPEADVTVKVTGYQWYWGYEYPDEEISFESYMIGSPATGGDNRMSPEVEQQLIEAGYSRDE
FLLATDTAMVVPVNKTVVVQVTGADVIHSWTVPAFGVKQDAVPGRLAQLWFRAEREGIFFGQCSELCGISHAYMPITVKV
VSEEAYAAWLEQHHHH
;
B,D
#
loop_
_chem_comp.id
_chem_comp.type
_chem_comp.name
_chem_comp.formula
CA non-polymer 'CALCIUM ION' 'Ca 2'
CD non-polymer 'CADMIUM ION' 'Cd 2'
CL non-polymer 'CHLORIDE ION' 'Cl -1'
CU non-polymer 'COPPER (II) ION' 'Cu 2'
CU1 non-polymer 'COPPER (I) ION' 'Cu 1'
DMU D-saccharide DECYL-BETA-D-MALTOPYRANOSIDE 'C22 H42 O11'
HEA non-polymer HEME-A 'C49 H56 Fe N4 O6'
HTH non-polymer (2S,3R)-heptane-1,2,3-triol 'C7 H16 O3'
MG non-polymer 'MAGNESIUM ION' 'Mg 2'
OH non-polymer 'HYDROXIDE ION' 'H O -1'
TRD non-polymer TRIDECANE 'C13 H28'
#
# COMPACT_ATOMS: atom_id res chain seq x y z
N PHE A 1 -23.16 -18.19 -61.94
CA PHE A 1 -21.81 -17.67 -62.30
C PHE A 1 -21.21 -16.78 -61.21
N THR A 2 -19.96 -16.38 -61.39
CA THR A 2 -19.27 -15.47 -60.47
C THR A 2 -19.64 -14.00 -60.74
N ARG A 3 -20.84 -13.78 -61.27
CA ARG A 3 -21.47 -12.46 -61.30
C ARG A 3 -22.24 -12.24 -59.99
N TRP A 4 -22.38 -13.31 -59.21
CA TRP A 4 -22.98 -13.28 -57.87
C TRP A 4 -22.05 -12.61 -56.88
N PHE A 5 -20.80 -13.05 -56.91
CA PHE A 5 -19.81 -12.67 -55.92
C PHE A 5 -19.21 -11.29 -56.16
N MET A 6 -19.31 -10.79 -57.39
CA MET A 6 -18.84 -9.45 -57.72
C MET A 6 -19.95 -8.39 -57.68
N SER A 7 -21.18 -8.83 -57.40
CA SER A 7 -22.32 -7.91 -57.30
C SER A 7 -22.21 -6.97 -56.10
N THR A 8 -22.72 -5.76 -56.29
CA THR A 8 -22.64 -4.73 -55.25
C THR A 8 -24.03 -4.42 -54.72
N ASN A 9 -25.04 -5.03 -55.33
CA ASN A 9 -26.41 -4.79 -54.92
C ASN A 9 -26.72 -5.42 -53.55
N HIS A 10 -27.30 -4.62 -52.66
CA HIS A 10 -27.61 -5.04 -51.29
C HIS A 10 -28.43 -6.33 -51.18
N LYS A 11 -29.25 -6.61 -52.19
CA LYS A 11 -30.07 -7.81 -52.20
C LYS A 11 -29.21 -9.03 -52.47
N ASP A 12 -28.30 -8.92 -53.43
CA ASP A 12 -27.40 -10.02 -53.78
C ASP A 12 -26.44 -10.33 -52.64
N ILE A 13 -25.85 -9.28 -52.07
CA ILE A 13 -24.98 -9.39 -50.91
C ILE A 13 -25.71 -10.04 -49.72
N GLY A 14 -26.90 -9.53 -49.38
CA GLY A 14 -27.76 -10.14 -48.36
C GLY A 14 -27.91 -11.63 -48.57
N VAL A 15 -28.29 -12.04 -49.79
CA VAL A 15 -28.43 -13.44 -50.13
C VAL A 15 -27.10 -14.20 -49.92
N LEU A 16 -25.98 -13.62 -50.35
CA LEU A 16 -24.68 -14.25 -50.14
C LEU A 16 -24.36 -14.49 -48.63
N TYR A 17 -24.65 -13.49 -47.80
CA TYR A 17 -24.41 -13.64 -46.38
C TYR A 17 -25.27 -14.75 -45.77
N LEU A 18 -26.52 -14.84 -46.23
CA LEU A 18 -27.45 -15.85 -45.72
C LEU A 18 -27.01 -17.26 -46.05
N PHE A 19 -26.69 -17.53 -47.32
CA PHE A 19 -26.25 -18.87 -47.72
C PHE A 19 -24.96 -19.26 -47.02
N THR A 20 -24.05 -18.30 -46.90
CA THR A 20 -22.73 -18.56 -46.34
C THR A 20 -22.85 -18.75 -44.81
N GLY A 21 -23.65 -17.91 -44.17
CA GLY A 21 -23.95 -18.07 -42.73
C GLY A 21 -24.55 -19.44 -42.47
N GLY A 22 -25.43 -19.87 -43.38
CA GLY A 22 -26.04 -21.20 -43.31
C GLY A 22 -25.04 -22.34 -43.47
N LEU A 23 -24.12 -22.19 -44.43
CA LEU A 23 -23.14 -23.23 -44.67
C LEU A 23 -22.14 -23.34 -43.50
N VAL A 24 -21.67 -22.20 -43.02
CA VAL A 24 -20.80 -22.21 -41.84
C VAL A 24 -21.56 -22.73 -40.61
N GLY A 25 -22.85 -22.36 -40.52
CA GLY A 25 -23.72 -22.89 -39.47
C GLY A 25 -23.75 -24.42 -39.48
N LEU A 26 -23.90 -24.98 -40.70
CA LEU A 26 -23.89 -26.45 -40.85
C LEU A 26 -22.58 -27.06 -40.36
N ILE A 27 -21.45 -26.44 -40.70
CA ILE A 27 -20.16 -26.91 -40.23
C ILE A 27 -20.06 -26.87 -38.69
N SER A 28 -20.42 -25.74 -38.09
CA SER A 28 -20.36 -25.58 -36.64
C SER A 28 -21.33 -26.52 -35.90
N VAL A 29 -22.53 -26.69 -36.44
CA VAL A 29 -23.49 -27.68 -35.91
C VAL A 29 -22.92 -29.09 -35.97
N ALA A 30 -22.25 -29.44 -37.06
CA ALA A 30 -21.63 -30.76 -37.19
C ALA A 30 -20.56 -30.99 -36.10
N PHE A 31 -19.81 -29.94 -35.77
CA PHE A 31 -18.86 -30.00 -34.63
C PHE A 31 -19.60 -30.38 -33.35
N THR A 32 -20.76 -29.78 -33.12
CA THR A 32 -21.54 -30.04 -31.89
C THR A 32 -22.07 -31.47 -31.82
N VAL A 33 -22.37 -32.05 -32.97
CA VAL A 33 -22.79 -33.45 -33.02
C VAL A 33 -21.67 -34.38 -32.53
N TYR A 34 -20.46 -34.13 -33.04
CA TYR A 34 -19.27 -34.85 -32.61
C TYR A 34 -18.98 -34.63 -31.11
N MET A 35 -19.05 -33.36 -30.69
CA MET A 35 -18.97 -33.03 -29.27
C MET A 35 -19.98 -33.82 -28.41
N ARG A 36 -21.24 -33.84 -28.84
CA ARG A 36 -22.26 -34.59 -28.10
C ARG A 36 -22.10 -36.10 -28.20
N MET A 37 -21.49 -36.59 -29.27
CA MET A 37 -21.14 -38.02 -29.36
C MET A 37 -20.19 -38.36 -28.21
N GLU A 38 -19.16 -37.54 -28.03
CA GLU A 38 -18.21 -37.76 -26.95
C GLU A 38 -18.81 -37.51 -25.56
N LEU A 39 -19.67 -36.50 -25.42
CA LEU A 39 -20.32 -36.29 -24.11
C LEU A 39 -21.48 -37.27 -23.80
N MET A 40 -21.93 -38.04 -24.77
CA MET A 40 -23.06 -38.94 -24.56
C MET A 40 -22.83 -39.89 -23.37
N ALA A 41 -21.60 -40.34 -23.16
CA ALA A 41 -21.26 -41.28 -22.07
C ALA A 41 -19.92 -40.96 -21.41
N PRO A 42 -19.82 -41.21 -20.10
CA PRO A 42 -18.57 -40.94 -19.39
C PRO A 42 -17.48 -41.89 -19.90
N GLY A 43 -16.21 -41.48 -19.77
CA GLY A 43 -15.12 -42.19 -20.44
C GLY A 43 -14.97 -41.60 -21.84
N VAL A 44 -13.76 -41.63 -22.38
CA VAL A 44 -13.49 -41.09 -23.72
C VAL A 44 -13.44 -42.25 -24.71
N GLN A 45 -14.26 -42.18 -25.75
CA GLN A 45 -14.40 -43.29 -26.70
C GLN A 45 -14.08 -42.86 -28.12
N PHE A 46 -14.16 -41.56 -28.40
CA PHE A 46 -14.04 -41.05 -29.77
C PHE A 46 -12.73 -40.29 -30.00
N MET A 47 -12.39 -39.42 -29.06
CA MET A 47 -11.24 -38.52 -29.21
C MET A 47 -9.97 -39.14 -28.61
N CYS A 48 -9.46 -40.14 -29.33
CA CYS A 48 -8.35 -40.98 -28.91
C CYS A 48 -7.06 -40.49 -29.54
N ALA A 49 -5.99 -40.41 -28.75
CA ALA A 49 -4.66 -40.07 -29.28
C ALA A 49 -4.20 -41.03 -30.39
N GLU A 50 -4.64 -42.28 -30.32
CA GLU A 50 -4.34 -43.30 -31.33
C GLU A 50 -4.70 -42.89 -32.76
N HIS A 51 -5.80 -42.13 -32.92
CA HIS A 51 -6.22 -41.66 -34.23
C HIS A 51 -5.24 -40.67 -34.88
N LEU A 52 -4.33 -40.10 -34.09
CA LEU A 52 -3.32 -39.18 -34.61
C LEU A 52 -2.21 -39.89 -35.41
N GLU A 53 -2.04 -41.19 -35.17
CA GLU A 53 -1.06 -42.03 -35.89
C GLU A 53 -1.42 -42.23 -37.37
N SER A 54 -2.72 -42.19 -37.68
CA SER A 54 -3.21 -42.31 -39.06
C SER A 54 -2.95 -41.02 -39.83
N GLY A 55 -3.43 -40.96 -41.07
CA GLY A 55 -3.41 -39.72 -41.85
C GLY A 55 -4.55 -38.80 -41.45
N LEU A 56 -4.61 -37.62 -42.08
CA LEU A 56 -5.69 -36.67 -41.84
C LEU A 56 -7.06 -37.27 -42.17
N VAL A 57 -7.21 -37.77 -43.39
CA VAL A 57 -8.47 -38.39 -43.85
C VAL A 57 -8.82 -39.67 -43.08
N LYS A 58 -7.84 -40.55 -42.90
CA LYS A 58 -8.08 -41.82 -42.19
C LYS A 58 -8.35 -41.62 -40.70
N GLY A 59 -7.59 -40.73 -40.07
CA GLY A 59 -7.80 -40.33 -38.68
C GLY A 59 -9.20 -39.79 -38.42
N PHE A 60 -9.68 -38.92 -39.33
CA PHE A 60 -11.05 -38.39 -39.29
C PHE A 60 -12.09 -39.50 -39.16
N PHE A 61 -12.07 -40.46 -40.08
CA PHE A 61 -13.11 -41.49 -40.13
C PHE A 61 -13.10 -42.46 -38.95
N GLN A 62 -11.91 -42.79 -38.47
CA GLN A 62 -11.76 -43.65 -37.30
C GLN A 62 -12.31 -42.98 -36.05
N SER A 63 -12.14 -41.67 -35.98
CA SER A 63 -12.59 -40.90 -34.83
C SER A 63 -14.11 -40.78 -34.72
N LEU A 64 -14.84 -41.29 -35.73
CA LEU A 64 -16.30 -41.26 -35.74
C LEU A 64 -16.95 -42.53 -35.21
N TRP A 65 -16.13 -43.55 -34.99
CA TRP A 65 -16.59 -44.81 -34.42
C TRP A 65 -16.00 -44.98 -33.02
N PRO A 66 -16.83 -45.39 -32.05
CA PRO A 66 -16.31 -45.47 -30.69
C PRO A 66 -15.32 -46.61 -30.49
N SER A 67 -14.36 -46.38 -29.59
CA SER A 67 -13.41 -47.39 -29.15
C SER A 67 -13.72 -47.72 -27.71
N ALA A 68 -13.25 -48.89 -27.26
CA ALA A 68 -13.26 -49.22 -25.85
C ALA A 68 -12.30 -48.27 -25.14
N VAL A 69 -12.59 -47.94 -23.89
CA VAL A 69 -11.72 -47.07 -23.09
C VAL A 69 -10.26 -47.54 -23.08
N GLU A 70 -10.06 -48.85 -22.94
CA GLU A 70 -8.72 -49.47 -22.90
C GLU A 70 -7.92 -49.29 -24.20
N ASN A 71 -8.61 -48.94 -25.28
CA ASN A 71 -7.96 -48.64 -26.54
C ASN A 71 -7.98 -47.16 -26.90
N CYS A 72 -8.44 -46.32 -25.98
CA CYS A 72 -8.61 -44.89 -26.27
C CYS A 72 -7.87 -44.04 -25.24
N THR A 73 -6.70 -43.55 -25.64
CA THR A 73 -5.96 -42.59 -24.82
C THR A 73 -6.60 -41.21 -25.02
N PRO A 74 -7.15 -40.61 -23.95
CA PRO A 74 -7.92 -39.38 -24.09
C PRO A 74 -7.08 -38.25 -24.69
N ASN A 75 -7.62 -37.58 -25.70
CA ASN A 75 -6.96 -36.46 -26.33
C ASN A 75 -7.71 -35.16 -26.03
N GLY A 76 -7.40 -34.57 -24.87
CA GLY A 76 -8.05 -33.33 -24.44
C GLY A 76 -7.89 -32.19 -25.42
N HIS A 77 -6.74 -32.14 -26.10
CA HIS A 77 -6.49 -31.08 -27.07
C HIS A 77 -7.55 -31.03 -28.17
N LEU A 78 -7.93 -32.18 -28.72
CA LEU A 78 -8.98 -32.21 -29.73
C LEU A 78 -10.35 -31.68 -29.22
N TRP A 79 -10.75 -32.10 -28.03
CA TRP A 79 -11.93 -31.52 -27.41
C TRP A 79 -11.84 -29.99 -27.40
N ASN A 80 -10.73 -29.48 -26.85
CA ASN A 80 -10.54 -28.05 -26.72
C ASN A 80 -10.57 -27.34 -28.08
N VAL A 81 -9.95 -27.94 -29.08
CA VAL A 81 -9.97 -27.40 -30.43
C VAL A 81 -11.40 -27.36 -31.01
N MET A 82 -12.17 -28.43 -30.82
CA MET A 82 -13.52 -28.51 -31.38
C MET A 82 -14.45 -27.48 -30.78
N ILE A 83 -14.44 -27.34 -29.45
CA ILE A 83 -15.34 -26.39 -28.82
C ILE A 83 -14.95 -24.95 -29.14
N THR A 84 -13.64 -24.69 -29.25
CA THR A 84 -13.12 -23.38 -29.64
C THR A 84 -13.57 -23.10 -31.08
N GLY A 85 -13.43 -24.09 -31.95
CA GLY A 85 -13.90 -23.97 -33.35
C GLY A 85 -15.39 -23.71 -33.40
N HIS A 86 -16.16 -24.44 -32.60
CA HIS A 86 -17.62 -24.27 -32.58
C HIS A 86 -18.01 -22.83 -32.18
N GLY A 87 -17.43 -22.33 -31.08
CA GLY A 87 -17.78 -21.01 -30.53
C GLY A 87 -17.38 -19.86 -31.44
N ILE A 88 -16.16 -19.92 -31.96
CA ILE A 88 -15.67 -18.89 -32.88
C ILE A 88 -16.50 -18.82 -34.17
N LEU A 89 -16.74 -19.97 -34.81
CA LEU A 89 -17.62 -19.98 -35.97
C LEU A 89 -18.99 -19.37 -35.68
N MET A 90 -19.64 -19.78 -34.60
CA MET A 90 -20.96 -19.25 -34.24
C MET A 90 -20.93 -17.74 -34.00
N MET A 91 -19.99 -17.30 -33.15
CA MET A 91 -20.00 -15.93 -32.66
C MET A 91 -19.53 -14.89 -33.68
N PHE A 92 -18.68 -15.32 -34.61
CA PHE A 92 -18.12 -14.43 -35.61
C PHE A 92 -18.54 -14.74 -37.05
N PHE A 93 -18.88 -15.99 -37.36
CA PHE A 93 -19.07 -16.38 -38.75
C PHE A 93 -20.41 -17.00 -39.10
N VAL A 94 -21.36 -16.95 -38.16
CA VAL A 94 -22.68 -17.54 -38.42
C VAL A 94 -23.85 -16.57 -38.20
N VAL A 95 -24.19 -16.32 -36.95
CA VAL A 95 -25.48 -15.70 -36.66
C VAL A 95 -25.56 -14.20 -37.03
N ILE A 96 -24.48 -13.47 -36.78
CA ILE A 96 -24.42 -12.06 -37.10
C ILE A 96 -24.36 -11.86 -38.61
N PRO A 97 -23.45 -12.56 -39.32
CA PRO A 97 -23.53 -12.52 -40.76
C PRO A 97 -24.91 -12.87 -41.35
N ALA A 98 -25.63 -13.80 -40.73
CA ALA A 98 -26.96 -14.17 -41.22
C ALA A 98 -27.99 -13.06 -40.94
N LEU A 99 -28.01 -12.57 -39.70
CA LEU A 99 -29.00 -11.57 -39.31
C LEU A 99 -28.69 -10.17 -39.79
N PHE A 100 -27.46 -9.72 -39.53
CA PHE A 100 -27.01 -8.37 -39.87
C PHE A 100 -26.60 -8.27 -41.33
N GLY A 101 -25.62 -9.06 -41.73
CA GLY A 101 -25.15 -9.11 -43.10
C GLY A 101 -26.21 -9.59 -44.09
N GLY A 102 -27.05 -10.52 -43.65
CA GLY A 102 -28.01 -11.19 -44.52
C GLY A 102 -29.30 -10.40 -44.60
N PHE A 103 -30.18 -10.63 -43.64
CA PHE A 103 -31.44 -9.93 -43.60
C PHE A 103 -31.28 -8.40 -43.52
N GLY A 104 -30.29 -7.94 -42.75
CA GLY A 104 -29.99 -6.52 -42.64
C GLY A 104 -29.73 -5.89 -44.00
N ASN A 105 -28.77 -6.43 -44.73
CA ASN A 105 -28.48 -5.95 -46.06
C ASN A 105 -29.64 -6.11 -47.06
N TYR A 106 -30.38 -7.21 -46.99
CA TYR A 106 -31.47 -7.41 -47.94
C TYR A 106 -32.60 -6.46 -47.64
N PHE A 107 -33.02 -6.40 -46.38
CA PHE A 107 -34.28 -5.77 -46.02
C PHE A 107 -34.29 -4.37 -45.44
N MET A 108 -33.24 -3.99 -44.69
CA MET A 108 -33.23 -2.65 -44.13
C MET A 108 -33.42 -1.57 -45.21
N PRO A 109 -32.65 -1.62 -46.32
CA PRO A 109 -32.82 -0.61 -47.37
C PRO A 109 -34.22 -0.60 -47.98
N LEU A 110 -34.84 -1.79 -48.08
CA LEU A 110 -36.23 -1.93 -48.54
C LEU A 110 -37.21 -1.31 -47.56
N HIS A 111 -36.99 -1.54 -46.27
CA HIS A 111 -37.89 -1.02 -45.24
C HIS A 111 -37.92 0.52 -45.13
N ILE A 112 -36.80 1.16 -45.45
CA ILE A 112 -36.69 2.62 -45.37
C ILE A 112 -36.88 3.30 -46.74
N GLY A 113 -37.16 2.49 -47.77
CA GLY A 113 -37.43 3.01 -49.11
C GLY A 113 -36.21 3.54 -49.84
N ALA A 114 -35.04 2.97 -49.52
CA ALA A 114 -33.80 3.36 -50.18
C ALA A 114 -33.57 2.50 -51.42
N PRO A 115 -33.38 3.13 -52.60
CA PRO A 115 -33.10 2.37 -53.83
C PRO A 115 -31.72 1.69 -53.84
N ALA A 116 -30.80 2.23 -53.05
CA ALA A 116 -29.45 1.69 -52.94
C ALA A 116 -28.85 2.06 -51.59
N MET A 117 -27.73 1.43 -51.25
CA MET A 117 -27.03 1.72 -50.00
C MET A 117 -25.91 2.71 -50.28
N ALA A 118 -25.50 3.43 -49.24
CA ALA A 118 -24.47 4.48 -49.34
C ALA A 118 -23.21 4.01 -50.03
N PHE A 119 -22.69 2.83 -49.66
CA PHE A 119 -21.41 2.33 -50.17
C PHE A 119 -21.48 0.89 -50.68
N PRO A 120 -22.09 0.69 -51.87
CA PRO A 120 -22.25 -0.67 -52.41
C PRO A 120 -20.94 -1.44 -52.55
N ARG A 121 -19.88 -0.74 -52.96
CA ARG A 121 -18.57 -1.38 -53.15
C ARG A 121 -17.93 -1.85 -51.84
N MET A 122 -18.13 -1.05 -50.78
CA MET A 122 -17.68 -1.35 -49.44
C MET A 122 -18.48 -2.54 -48.89
N ASN A 123 -19.76 -2.59 -49.25
CA ASN A 123 -20.63 -3.70 -48.89
C ASN A 123 -20.12 -5.00 -49.48
N ASN A 124 -19.74 -4.98 -50.76
CA ASN A 124 -19.18 -6.17 -51.37
C ASN A 124 -17.84 -6.60 -50.74
N LEU A 125 -17.05 -5.62 -50.33
CA LEU A 125 -15.79 -5.88 -49.65
C LEU A 125 -16.03 -6.52 -48.28
N SER A 126 -17.01 -5.98 -47.53
CA SER A 126 -17.40 -6.53 -46.23
C SER A 126 -17.69 -8.04 -46.32
N TYR A 127 -18.41 -8.47 -47.37
CA TYR A 127 -18.64 -9.90 -47.62
C TYR A 127 -17.35 -10.68 -47.82
N TRP A 128 -16.42 -10.14 -48.60
CA TRP A 128 -15.17 -10.84 -48.86
C TRP A 128 -14.28 -10.97 -47.63
N LEU A 129 -14.30 -9.96 -46.77
CA LEU A 129 -13.57 -10.02 -45.51
C LEU A 129 -14.16 -11.09 -44.59
N TYR A 130 -15.49 -11.18 -44.58
CA TYR A 130 -16.19 -12.26 -43.89
C TYR A 130 -15.71 -13.63 -44.38
N VAL A 131 -15.71 -13.83 -45.69
CA VAL A 131 -15.23 -15.11 -46.27
C VAL A 131 -13.76 -15.41 -45.99
N ALA A 132 -12.92 -14.38 -46.07
CA ALA A 132 -11.50 -14.54 -45.76
C ALA A 132 -11.30 -14.88 -44.28
N GLY A 133 -12.07 -14.24 -43.40
CA GLY A 133 -12.03 -14.52 -41.97
C GLY A 133 -12.43 -15.96 -41.66
N THR A 134 -13.47 -16.45 -42.34
CA THR A 134 -13.96 -17.82 -42.16
C THR A 134 -12.90 -18.81 -42.60
N SER A 135 -12.29 -18.51 -43.74
CA SER A 135 -11.23 -19.34 -44.28
C SER A 135 -10.06 -19.47 -43.30
N LEU A 136 -9.64 -18.36 -42.72
CA LEU A 136 -8.56 -18.38 -41.73
C LEU A 136 -8.94 -19.13 -40.46
N ALA A 137 -10.17 -18.95 -39.97
CA ALA A 137 -10.64 -19.71 -38.80
C ALA A 137 -10.58 -21.22 -39.07
N VAL A 138 -11.04 -21.64 -40.25
CA VAL A 138 -11.02 -23.06 -40.60
C VAL A 138 -9.60 -23.55 -40.82
N ALA A 139 -8.77 -22.74 -41.47
CA ALA A 139 -7.37 -23.07 -41.67
C ALA A 139 -6.65 -23.31 -40.34
N SER A 140 -7.00 -22.51 -39.31
CA SER A 140 -6.37 -22.63 -37.98
C SER A 140 -6.52 -24.03 -37.39
N LEU A 141 -7.61 -24.71 -37.76
CA LEU A 141 -7.89 -26.09 -37.31
C LEU A 141 -6.88 -27.08 -37.83
N PHE A 142 -6.23 -26.74 -38.94
CA PHE A 142 -5.31 -27.66 -39.60
C PHE A 142 -3.86 -27.16 -39.55
N ALA A 143 -3.63 -26.13 -38.74
CA ALA A 143 -2.32 -25.52 -38.60
C ALA A 143 -1.65 -26.02 -37.31
N PRO A 144 -0.30 -26.14 -37.31
CA PRO A 144 0.44 -26.46 -36.07
C PRO A 144 -0.05 -25.60 -34.92
N GLY A 145 -0.43 -26.25 -33.81
CA GLY A 145 -1.00 -25.54 -32.68
C GLY A 145 -0.55 -26.10 -31.34
N GLY A 146 -1.44 -26.03 -30.34
CA GLY A 146 -1.11 -26.45 -28.98
C GLY A 146 -0.63 -27.89 -28.86
N ASN A 147 0.25 -28.11 -27.90
CA ASN A 147 0.66 -29.47 -27.51
C ASN A 147 1.25 -30.31 -28.64
N GLY A 148 1.86 -29.65 -29.63
CA GLY A 148 2.43 -30.35 -30.79
C GLY A 148 1.42 -31.06 -31.67
N GLN A 149 0.16 -30.63 -31.60
CA GLN A 149 -0.87 -31.13 -32.52
C GLN A 149 -1.35 -29.97 -33.40
N LEU A 150 -2.43 -30.19 -34.14
CA LEU A 150 -3.05 -29.11 -34.91
C LEU A 150 -4.15 -28.39 -34.13
N GLY A 151 -4.33 -27.10 -34.45
CA GLY A 151 -5.44 -26.29 -33.92
C GLY A 151 -5.22 -25.65 -32.57
N SER A 152 -6.03 -24.62 -32.27
CA SER A 152 -5.98 -23.90 -30.99
C SER A 152 -7.07 -24.35 -30.05
N GLY A 153 -6.68 -24.86 -28.89
CA GLY A 153 -7.63 -25.27 -27.86
C GLY A 153 -7.70 -24.26 -26.73
N ILE A 154 -8.19 -23.06 -27.01
CA ILE A 154 -8.03 -21.95 -26.07
C ILE A 154 -9.34 -21.26 -25.70
N GLY A 155 -10.46 -21.76 -26.23
CA GLY A 155 -11.76 -21.18 -25.89
C GLY A 155 -12.01 -20.00 -26.81
N TRP A 156 -13.26 -19.68 -27.08
CA TRP A 156 -13.56 -18.73 -28.16
C TRP A 156 -13.18 -17.29 -27.77
N VAL A 157 -12.98 -17.05 -26.47
CA VAL A 157 -12.55 -15.75 -25.96
C VAL A 157 -11.02 -15.57 -25.75
N LEU A 158 -10.23 -16.61 -26.04
CA LEU A 158 -8.76 -16.52 -26.12
C LEU A 158 -8.02 -15.95 -24.88
N TYR A 159 -8.41 -16.37 -23.68
CA TYR A 159 -7.77 -15.87 -22.45
C TYR A 159 -6.27 -16.13 -22.41
N PRO A 160 -5.45 -15.08 -22.15
CA PRO A 160 -4.03 -15.29 -21.85
C PRO A 160 -3.92 -15.58 -20.36
N PRO A 161 -2.77 -16.10 -19.88
CA PRO A 161 -1.61 -16.52 -20.66
C PRO A 161 -1.78 -17.77 -21.53
N LEU A 162 -2.87 -18.54 -21.38
CA LEU A 162 -3.04 -19.75 -22.22
C LEU A 162 -2.97 -19.43 -23.71
N SER A 163 -3.72 -18.44 -24.17
CA SER A 163 -3.70 -18.12 -25.62
C SER A 163 -2.32 -17.61 -26.07
N THR A 164 -1.61 -16.94 -25.17
CA THR A 164 -0.31 -16.38 -25.55
C THR A 164 0.83 -17.40 -25.48
N SER A 165 0.63 -18.50 -24.75
CA SER A 165 1.65 -19.53 -24.66
C SER A 165 1.38 -20.73 -25.56
N GLU A 166 0.20 -20.80 -26.17
CA GLU A 166 -0.14 -21.93 -27.07
C GLU A 166 0.90 -21.99 -28.18
N SER A 167 1.51 -23.17 -28.38
CA SER A 167 2.55 -23.30 -29.39
C SER A 167 1.97 -23.30 -30.82
N GLY A 168 2.86 -23.22 -31.80
CA GLY A 168 2.47 -23.16 -33.21
C GLY A 168 1.91 -21.81 -33.57
N TYR A 169 1.32 -21.74 -34.76
CA TYR A 169 0.77 -20.46 -35.25
C TYR A 169 -0.74 -20.54 -35.51
N SER A 170 -1.36 -21.67 -35.13
CA SER A 170 -2.81 -21.84 -35.19
C SER A 170 -3.56 -20.64 -34.57
N THR A 171 -3.10 -20.24 -33.38
CA THR A 171 -3.71 -19.13 -32.64
C THR A 171 -3.57 -17.78 -33.34
N ASP A 172 -2.43 -17.58 -34.02
CA ASP A 172 -2.21 -16.34 -34.77
C ASP A 172 -3.21 -16.28 -35.94
N LEU A 173 -3.40 -17.41 -36.61
CA LEU A 173 -4.40 -17.52 -37.69
C LEU A 173 -5.81 -17.25 -37.20
N ALA A 174 -6.17 -17.81 -36.04
CA ALA A 174 -7.45 -17.52 -35.39
C ALA A 174 -7.62 -16.03 -35.10
N ILE A 175 -6.56 -15.39 -34.59
CA ILE A 175 -6.61 -13.95 -34.29
C ILE A 175 -6.81 -13.12 -35.59
N PHE A 176 -6.10 -13.48 -36.64
CA PHE A 176 -6.30 -12.83 -37.94
C PHE A 176 -7.74 -13.02 -38.45
N ALA A 177 -8.27 -14.22 -38.27
CA ALA A 177 -9.66 -14.52 -38.62
C ALA A 177 -10.61 -13.54 -37.96
N VAL A 178 -10.44 -13.33 -36.66
CA VAL A 178 -11.29 -12.44 -35.91
C VAL A 178 -11.11 -10.96 -36.34
N HIS A 179 -9.87 -10.54 -36.65
CA HIS A 179 -9.62 -9.22 -37.25
C HIS A 179 -10.45 -9.03 -38.53
N LEU A 180 -10.43 -10.03 -39.40
CA LEU A 180 -11.15 -9.96 -40.66
C LEU A 180 -12.66 -9.89 -40.44
N SER A 181 -13.16 -10.66 -39.47
CA SER A 181 -14.58 -10.57 -39.10
C SER A 181 -14.94 -9.16 -38.60
N GLY A 182 -14.13 -8.62 -37.70
CA GLY A 182 -14.35 -7.28 -37.16
C GLY A 182 -14.40 -6.23 -38.28
N ALA A 183 -13.49 -6.35 -39.23
CA ALA A 183 -13.41 -5.43 -40.37
C ALA A 183 -14.68 -5.52 -41.20
N SER A 184 -15.12 -6.74 -41.52
CA SER A 184 -16.39 -6.96 -42.21
C SER A 184 -17.56 -6.31 -41.48
N SER A 185 -17.62 -6.52 -40.17
CA SER A 185 -18.69 -5.96 -39.35
C SER A 185 -18.68 -4.43 -39.35
N ILE A 186 -17.50 -3.85 -39.17
CA ILE A 186 -17.34 -2.38 -39.10
C ILE A 186 -17.76 -1.70 -40.43
N LEU A 187 -17.27 -2.23 -41.56
CA LEU A 187 -17.68 -1.74 -42.88
C LEU A 187 -19.18 -1.80 -43.06
N GLY A 188 -19.78 -2.94 -42.69
CA GLY A 188 -21.21 -3.13 -42.75
C GLY A 188 -21.91 -2.11 -41.88
N ALA A 189 -21.40 -1.92 -40.67
CA ALA A 189 -21.99 -0.96 -39.74
C ALA A 189 -21.99 0.48 -40.30
N ILE A 190 -20.87 0.89 -40.91
CA ILE A 190 -20.74 2.23 -41.49
C ILE A 190 -21.74 2.38 -42.65
N ASN A 191 -21.75 1.39 -43.55
CA ASN A 191 -22.74 1.28 -44.61
C ASN A 191 -24.19 1.39 -44.10
N MET A 192 -24.54 0.64 -43.05
CA MET A 192 -25.92 0.64 -42.53
C MET A 192 -26.30 2.01 -42.00
N ILE A 193 -25.38 2.62 -41.25
CA ILE A 193 -25.67 3.89 -40.57
C ILE A 193 -25.87 5.01 -41.59
N THR A 194 -24.99 5.08 -42.58
CA THR A 194 -25.01 6.12 -43.60
C THR A 194 -26.28 6.00 -44.46
N THR A 195 -26.61 4.77 -44.85
CA THR A 195 -27.84 4.48 -45.59
C THR A 195 -29.07 4.91 -44.81
N PHE A 196 -29.13 4.52 -43.55
CA PHE A 196 -30.28 4.82 -42.69
C PHE A 196 -30.48 6.32 -42.53
N LEU A 197 -29.37 7.04 -42.45
CA LEU A 197 -29.42 8.47 -42.16
C LEU A 197 -29.68 9.32 -43.41
N ASN A 198 -29.08 8.94 -44.53
CA ASN A 198 -29.10 9.78 -45.72
C ASN A 198 -30.04 9.35 -46.87
N MET A 199 -30.52 8.10 -46.86
CA MET A 199 -31.23 7.57 -48.02
C MET A 199 -32.63 7.07 -47.81
N ARG A 200 -33.24 7.42 -46.68
CA ARG A 200 -34.65 7.16 -46.48
C ARG A 200 -35.48 7.84 -47.59
N ALA A 201 -36.63 7.26 -47.89
CA ALA A 201 -37.57 7.82 -48.87
C ALA A 201 -38.17 9.14 -48.37
N PRO A 202 -38.54 10.04 -49.32
CA PRO A 202 -39.36 11.20 -48.99
C PRO A 202 -40.61 10.79 -48.20
N GLY A 203 -40.80 11.41 -47.04
CA GLY A 203 -41.92 11.06 -46.16
C GLY A 203 -41.54 10.09 -45.05
N MET A 204 -40.51 9.29 -45.31
CA MET A 204 -40.03 8.29 -44.35
C MET A 204 -39.24 8.98 -43.24
N THR A 205 -39.96 9.52 -42.25
CA THR A 205 -39.32 10.12 -41.08
C THR A 205 -38.94 9.07 -40.04
N MET A 206 -38.12 9.49 -39.09
CA MET A 206 -37.60 8.64 -38.00
C MET A 206 -38.67 7.79 -37.31
N HIS A 207 -39.85 8.38 -37.09
CA HIS A 207 -40.93 7.71 -36.37
C HIS A 207 -41.83 6.87 -37.29
N LYS A 208 -41.44 6.73 -38.56
CA LYS A 208 -42.19 5.90 -39.52
C LYS A 208 -41.33 4.73 -40.05
N VAL A 209 -40.10 4.66 -39.56
CA VAL A 209 -39.18 3.58 -39.93
C VAL A 209 -39.63 2.29 -39.23
N PRO A 210 -39.72 1.17 -39.95
CA PRO A 210 -40.12 -0.10 -39.34
C PRO A 210 -39.12 -0.58 -38.27
N LEU A 211 -39.62 -1.30 -37.28
CA LEU A 211 -38.82 -1.80 -36.15
C LEU A 211 -37.58 -2.60 -36.55
N PHE A 212 -37.66 -3.39 -37.61
CA PHE A 212 -36.49 -4.14 -38.05
C PHE A 212 -35.34 -3.25 -38.49
N ALA A 213 -35.68 -2.19 -39.25
CA ALA A 213 -34.65 -1.27 -39.74
C ALA A 213 -34.01 -0.51 -38.58
N TRP A 214 -34.80 -0.20 -37.57
CA TRP A 214 -34.31 0.34 -36.30
C TRP A 214 -33.36 -0.63 -35.57
N SER A 215 -33.74 -1.93 -35.52
CA SER A 215 -32.92 -2.94 -34.84
C SER A 215 -31.54 -2.97 -35.50
N ILE A 216 -31.50 -2.88 -36.83
CA ILE A 216 -30.25 -2.92 -37.59
C ILE A 216 -29.41 -1.65 -37.35
N PHE A 217 -30.10 -0.51 -37.27
CA PHE A 217 -29.48 0.78 -37.01
C PHE A 217 -28.79 0.79 -35.64
N VAL A 218 -29.53 0.43 -34.59
CA VAL A 218 -28.98 0.33 -33.24
C VAL A 218 -27.80 -0.66 -33.21
N THR A 219 -28.00 -1.86 -33.77
CA THR A 219 -26.93 -2.87 -33.86
C THR A 219 -25.65 -2.35 -34.52
N ALA A 220 -25.81 -1.54 -35.55
CA ALA A 220 -24.67 -0.97 -36.26
C ALA A 220 -23.85 -0.02 -35.36
N TRP A 221 -24.54 0.72 -34.51
CA TRP A 221 -23.86 1.61 -33.57
C TRP A 221 -23.05 0.78 -32.56
N LEU A 222 -23.66 -0.29 -32.05
CA LEU A 222 -23.00 -1.16 -31.07
C LEU A 222 -21.71 -1.69 -31.66
N ILE A 223 -21.77 -2.10 -32.93
CA ILE A 223 -20.62 -2.65 -33.64
C ILE A 223 -19.45 -1.67 -33.70
N LEU A 224 -19.74 -0.41 -34.02
CA LEU A 224 -18.68 0.60 -34.16
C LEU A 224 -17.94 0.87 -32.86
N LEU A 225 -18.64 0.76 -31.73
CA LEU A 225 -17.99 0.91 -30.44
C LEU A 225 -17.30 -0.39 -29.96
N ALA A 226 -17.92 -1.53 -30.19
CA ALA A 226 -17.45 -2.79 -29.61
C ALA A 226 -16.31 -3.44 -30.39
N LEU A 227 -16.42 -3.47 -31.71
CA LEU A 227 -15.42 -4.18 -32.52
C LEU A 227 -14.00 -3.58 -32.54
N PRO A 228 -13.87 -2.24 -32.56
CA PRO A 228 -12.51 -1.66 -32.41
C PRO A 228 -11.81 -2.02 -31.10
N VAL A 229 -12.57 -2.08 -30.00
CA VAL A 229 -12.07 -2.51 -28.70
C VAL A 229 -11.52 -3.96 -28.76
N LEU A 230 -12.27 -4.85 -29.42
CA LEU A 230 -11.83 -6.22 -29.63
C LEU A 230 -10.55 -6.27 -30.43
N ALA A 231 -10.47 -5.46 -31.49
CA ALA A 231 -9.30 -5.37 -32.35
C ALA A 231 -8.04 -5.03 -31.53
N GLY A 232 -8.20 -4.13 -30.56
CA GLY A 232 -7.14 -3.83 -29.61
C GLY A 232 -6.73 -5.03 -28.75
N ALA A 233 -7.72 -5.64 -28.09
CA ALA A 233 -7.45 -6.79 -27.19
C ALA A 233 -6.67 -7.88 -27.90
N ILE A 234 -7.09 -8.25 -29.11
CA ILE A 234 -6.47 -9.35 -29.81
C ILE A 234 -5.14 -8.99 -30.50
N THR A 235 -4.95 -7.70 -30.81
CA THR A 235 -3.64 -7.27 -31.33
C THR A 235 -2.59 -7.34 -30.21
N MET A 236 -3.02 -7.01 -28.99
CA MET A 236 -2.17 -7.14 -27.80
C MET A 236 -1.77 -8.59 -27.55
N LEU A 237 -2.66 -9.54 -27.86
CA LEU A 237 -2.34 -10.97 -27.79
C LEU A 237 -1.32 -11.33 -28.86
N LEU A 238 -1.50 -10.72 -30.02
CA LEU A 238 -0.64 -11.01 -31.15
C LEU A 238 0.79 -10.51 -30.89
N THR A 239 0.91 -9.37 -30.22
CA THR A 239 2.23 -8.80 -29.92
C THR A 239 2.88 -9.49 -28.71
N ASP A 240 2.08 -9.90 -27.73
CA ASP A 240 2.59 -10.77 -26.65
C ASP A 240 3.14 -12.07 -27.21
N ARG A 241 2.50 -12.64 -28.23
CA ARG A 241 2.95 -13.90 -28.82
C ARG A 241 4.17 -13.75 -29.73
N ASN A 242 4.26 -12.64 -30.46
CA ASN A 242 5.20 -12.53 -31.57
C ASN A 242 6.19 -11.37 -31.51
N PHE A 243 5.88 -10.31 -30.78
CA PHE A 243 6.67 -9.07 -30.86
C PHE A 243 7.19 -8.60 -29.50
N GLY A 244 7.34 -9.53 -28.57
CA GLY A 244 8.00 -9.27 -27.29
C GLY A 244 7.33 -8.36 -26.29
N THR A 245 6.05 -8.04 -26.50
CA THR A 245 5.32 -7.28 -25.49
C THR A 245 4.91 -8.20 -24.33
N THR A 246 4.57 -7.60 -23.19
CA THR A 246 4.18 -8.35 -22.02
C THR A 246 2.96 -7.70 -21.39
N PHE A 247 1.99 -7.31 -22.21
CA PHE A 247 0.74 -6.72 -21.71
C PHE A 247 0.04 -7.63 -20.72
N PHE A 248 0.10 -8.94 -20.96
CA PHE A 248 -0.67 -9.89 -20.16
C PHE A 248 0.23 -10.91 -19.44
N GLN A 249 1.53 -10.61 -19.38
CA GLN A 249 2.51 -11.53 -18.80
C GLN A 249 3.14 -10.93 -17.54
N PRO A 250 2.82 -11.52 -16.37
CA PRO A 250 3.25 -11.02 -15.04
C PRO A 250 4.77 -10.87 -14.86
N SER A 251 5.56 -11.71 -15.53
CA SER A 251 7.02 -11.57 -15.45
C SER A 251 7.50 -10.24 -16.01
N GLY A 252 6.76 -9.70 -16.98
CA GLY A 252 7.07 -8.40 -17.54
C GLY A 252 6.21 -7.32 -16.94
N GLY A 253 5.55 -7.62 -15.83
CA GLY A 253 4.68 -6.64 -15.15
C GLY A 253 3.28 -6.49 -15.76
N GLY A 254 2.87 -7.44 -16.61
CA GLY A 254 1.53 -7.42 -17.19
C GLY A 254 0.49 -8.05 -16.28
N ASP A 255 -0.76 -8.06 -16.73
CA ASP A 255 -1.89 -8.57 -15.97
C ASP A 255 -2.85 -9.28 -16.94
N PRO A 256 -2.99 -10.62 -16.81
CA PRO A 256 -3.91 -11.36 -17.68
C PRO A 256 -5.33 -10.84 -17.54
N VAL A 257 -5.69 -10.34 -16.35
CA VAL A 257 -7.05 -9.87 -16.10
C VAL A 257 -7.39 -8.57 -16.87
N LEU A 258 -6.35 -7.81 -17.26
CA LEU A 258 -6.53 -6.66 -18.13
C LEU A 258 -7.17 -7.10 -19.43
N TYR A 259 -6.67 -8.19 -20.01
CA TYR A 259 -7.22 -8.71 -21.25
C TYR A 259 -8.71 -8.96 -21.12
N GLN A 260 -9.11 -9.51 -19.98
CA GLN A 260 -10.51 -9.81 -19.72
C GLN A 260 -11.40 -8.57 -19.73
N HIS A 261 -10.93 -7.46 -19.16
CA HIS A 261 -11.73 -6.22 -19.14
C HIS A 261 -11.97 -5.73 -20.56
N ILE A 262 -10.91 -5.76 -21.37
CA ILE A 262 -10.99 -5.30 -22.74
C ILE A 262 -11.84 -6.26 -23.60
N LEU A 263 -11.61 -7.56 -23.44
CA LEU A 263 -12.33 -8.57 -24.20
C LEU A 263 -13.83 -8.48 -23.90
N TRP A 264 -14.19 -8.43 -22.63
CA TRP A 264 -15.62 -8.42 -22.27
C TRP A 264 -16.34 -7.09 -22.55
N PHE A 265 -15.55 -6.02 -22.67
CA PHE A 265 -16.09 -4.74 -23.11
C PHE A 265 -16.66 -4.88 -24.53
N PHE A 266 -16.00 -5.68 -25.37
CA PHE A 266 -16.58 -6.15 -26.65
C PHE A 266 -17.62 -7.26 -26.45
N GLY A 267 -17.32 -8.18 -25.54
CA GLY A 267 -17.97 -9.49 -25.45
C GLY A 267 -19.40 -9.44 -24.99
N HIS A 268 -19.71 -8.55 -24.04
CA HIS A 268 -21.11 -8.36 -23.80
C HIS A 268 -21.88 -7.71 -24.98
N PRO A 269 -21.47 -6.51 -25.43
CA PRO A 269 -22.14 -5.91 -26.61
C PRO A 269 -22.38 -6.93 -27.72
N GLU A 270 -21.40 -7.80 -27.98
CA GLU A 270 -21.50 -8.88 -28.97
C GLU A 270 -22.83 -9.63 -28.94
N VAL A 271 -23.35 -9.94 -27.75
CA VAL A 271 -24.60 -10.72 -27.70
C VAL A 271 -25.86 -9.90 -28.03
N TYR A 272 -25.81 -8.61 -27.70
CA TYR A 272 -26.89 -7.69 -28.05
C TYR A 272 -26.82 -7.37 -29.53
N ILE A 273 -25.61 -7.34 -30.08
CA ILE A 273 -25.43 -7.27 -31.53
C ILE A 273 -26.07 -8.50 -32.21
N ILE A 274 -25.96 -9.66 -31.56
CA ILE A 274 -26.56 -10.88 -32.08
C ILE A 274 -28.07 -10.80 -32.02
N VAL A 275 -28.61 -10.39 -30.88
CA VAL A 275 -30.03 -10.58 -30.65
C VAL A 275 -30.96 -9.46 -31.15
N LEU A 276 -30.43 -8.24 -31.30
CA LEU A 276 -31.28 -7.09 -31.67
C LEU A 276 -31.97 -7.26 -33.02
N PRO A 277 -31.23 -7.65 -34.08
CA PRO A 277 -31.97 -7.94 -35.34
C PRO A 277 -33.05 -9.02 -35.21
N ALA A 278 -32.85 -10.02 -34.35
CA ALA A 278 -33.89 -11.04 -34.10
C ALA A 278 -35.12 -10.43 -33.44
N PHE A 279 -34.92 -9.49 -32.50
CA PHE A 279 -36.03 -8.70 -31.94
C PHE A 279 -36.82 -7.99 -33.06
N GLY A 280 -36.11 -7.35 -33.99
CA GLY A 280 -36.73 -6.69 -35.13
C GLY A 280 -37.58 -7.61 -35.99
N ILE A 281 -37.04 -8.79 -36.32
CA ILE A 281 -37.75 -9.78 -37.14
C ILE A 281 -39.00 -10.27 -36.40
N VAL A 282 -38.88 -10.54 -35.10
CA VAL A 282 -40.01 -10.98 -34.31
C VAL A 282 -41.16 -9.95 -34.36
N SER A 283 -40.80 -8.65 -34.28
CA SER A 283 -41.80 -7.59 -34.34
C SER A 283 -42.58 -7.59 -35.66
N HIS A 284 -41.89 -7.73 -36.78
CA HIS A 284 -42.53 -7.82 -38.09
C HIS A 284 -43.43 -9.05 -38.23
N VAL A 285 -42.94 -10.20 -37.75
CA VAL A 285 -43.65 -11.46 -37.90
C VAL A 285 -44.90 -11.51 -37.04
N ILE A 286 -44.78 -11.06 -35.79
CA ILE A 286 -45.92 -11.14 -34.88
C ILE A 286 -47.07 -10.21 -35.32
N ALA A 287 -46.70 -9.02 -35.79
CA ALA A 287 -47.68 -8.04 -36.25
C ALA A 287 -48.45 -8.59 -37.46
N THR A 288 -47.71 -9.20 -38.39
CA THR A 288 -48.29 -9.84 -39.57
C THR A 288 -49.29 -10.95 -39.23
N PHE A 289 -48.90 -11.87 -38.35
CA PHE A 289 -49.69 -13.08 -38.12
C PHE A 289 -50.70 -12.94 -36.99
N ALA A 290 -50.57 -11.89 -36.20
CA ALA A 290 -51.62 -11.48 -35.28
C ALA A 290 -52.63 -10.59 -36.03
N LYS A 291 -52.25 -10.11 -37.21
CA LYS A 291 -53.07 -9.24 -38.07
C LYS A 291 -53.41 -7.95 -37.30
N LYS A 292 -52.40 -7.37 -36.69
CA LYS A 292 -52.59 -6.32 -35.71
C LYS A 292 -51.33 -5.49 -35.65
N PRO A 293 -51.44 -4.15 -35.56
CA PRO A 293 -50.17 -3.41 -35.60
C PRO A 293 -49.39 -3.61 -34.30
N ILE A 294 -48.07 -3.44 -34.37
CA ILE A 294 -47.21 -3.68 -33.22
C ILE A 294 -47.62 -2.79 -32.05
N PHE A 295 -47.77 -3.40 -30.87
CA PHE A 295 -48.11 -2.67 -29.66
C PHE A 295 -46.90 -1.83 -29.22
N GLY A 296 -47.15 -0.55 -28.91
CA GLY A 296 -46.13 0.35 -28.38
C GLY A 296 -44.91 0.53 -29.27
N TYR A 297 -45.14 0.95 -30.51
CA TYR A 297 -44.04 1.17 -31.43
C TYR A 297 -42.86 1.94 -30.82
N LEU A 298 -43.14 3.07 -30.19
CA LEU A 298 -42.08 3.96 -29.70
C LEU A 298 -41.29 3.36 -28.52
N PRO A 299 -41.98 2.79 -27.51
CA PRO A 299 -41.30 2.00 -26.48
C PRO A 299 -40.47 0.82 -27.03
N MET A 300 -40.93 0.18 -28.12
CA MET A 300 -40.13 -0.86 -28.78
C MET A 300 -38.80 -0.30 -29.28
N VAL A 301 -38.85 0.88 -29.90
CA VAL A 301 -37.62 1.53 -30.36
C VAL A 301 -36.70 1.89 -29.19
N TYR A 302 -37.28 2.53 -28.18
CA TYR A 302 -36.51 3.01 -27.03
C TYR A 302 -35.99 1.89 -26.13
N ALA A 303 -36.74 0.79 -26.03
CA ALA A 303 -36.29 -0.37 -25.28
C ALA A 303 -35.04 -0.94 -25.95
N MET A 304 -35.02 -0.96 -27.28
CA MET A 304 -33.87 -1.43 -28.02
C MET A 304 -32.67 -0.52 -27.83
N VAL A 305 -32.92 0.79 -27.86
CA VAL A 305 -31.86 1.77 -27.62
C VAL A 305 -31.27 1.59 -26.22
N ALA A 306 -32.15 1.45 -25.23
CA ALA A 306 -31.76 1.30 -23.83
C ALA A 306 -30.95 0.01 -23.60
N ILE A 307 -31.40 -1.09 -24.21
CA ILE A 307 -30.67 -2.37 -24.18
C ILE A 307 -29.28 -2.21 -24.80
N GLY A 308 -29.22 -1.56 -25.96
CA GLY A 308 -27.97 -1.30 -26.64
C GLY A 308 -26.97 -0.54 -25.78
N VAL A 309 -27.47 0.51 -25.13
CA VAL A 309 -26.66 1.39 -24.28
C VAL A 309 -26.23 0.68 -22.99
N LEU A 310 -27.19 0.08 -22.29
CA LEU A 310 -26.89 -0.67 -21.07
C LEU A 310 -25.89 -1.82 -21.28
N GLY A 311 -25.89 -2.39 -22.49
CA GLY A 311 -24.99 -3.49 -22.85
C GLY A 311 -23.52 -3.11 -22.89
N PHE A 312 -23.22 -1.82 -22.71
CA PHE A 312 -21.82 -1.36 -22.65
C PHE A 312 -21.27 -1.13 -21.24
N VAL A 313 -22.09 -1.33 -20.22
CA VAL A 313 -21.71 -0.97 -18.87
C VAL A 313 -21.89 -2.15 -17.90
N VAL A 314 -21.92 -3.37 -18.45
CA VAL A 314 -22.21 -4.56 -17.65
C VAL A 314 -21.14 -5.66 -17.78
N TRP A 315 -20.10 -5.41 -18.56
CA TRP A 315 -19.19 -6.44 -19.01
C TRP A 315 -18.61 -7.36 -17.92
N ALA A 316 -18.37 -6.83 -16.73
CA ALA A 316 -17.66 -7.60 -15.71
C ALA A 316 -18.52 -8.63 -15.00
N HIS A 317 -19.79 -8.78 -15.40
CA HIS A 317 -20.56 -9.94 -14.94
C HIS A 317 -19.97 -11.23 -15.52
N HIS A 318 -19.02 -11.10 -16.46
CA HIS A 318 -18.24 -12.24 -16.95
C HIS A 318 -16.95 -12.48 -16.14
N MET A 319 -16.79 -11.75 -15.02
CA MET A 319 -15.52 -11.72 -14.32
C MET A 319 -15.70 -11.74 -12.80
N TYR A 320 -16.85 -12.19 -12.33
CA TYR A 320 -17.15 -12.23 -10.89
C TYR A 320 -16.18 -13.08 -10.05
N THR A 321 -15.56 -14.09 -10.67
CA THR A 321 -14.62 -14.98 -9.96
C THR A 321 -13.18 -14.71 -10.38
N ALA A 322 -12.97 -13.63 -11.13
CA ALA A 322 -11.64 -13.33 -11.67
C ALA A 322 -10.83 -12.38 -10.76
N GLY A 323 -11.36 -12.05 -9.59
CA GLY A 323 -10.65 -11.18 -8.67
C GLY A 323 -11.17 -9.74 -8.64
N LEU A 324 -12.46 -9.57 -8.90
CA LEU A 324 -13.05 -8.25 -8.81
C LEU A 324 -13.34 -7.95 -7.35
N SER A 325 -13.12 -6.71 -6.95
CA SER A 325 -13.45 -6.24 -5.61
C SER A 325 -14.94 -6.38 -5.36
N LEU A 326 -15.32 -6.29 -4.09
CA LEU A 326 -16.72 -6.37 -3.69
C LEU A 326 -17.54 -5.22 -4.29
N THR A 327 -16.92 -4.06 -4.43
CA THR A 327 -17.59 -2.87 -4.95
C THR A 327 -17.88 -3.02 -6.45
N GLN A 328 -16.86 -3.42 -7.22
CA GLN A 328 -17.05 -3.71 -8.63
C GLN A 328 -18.12 -4.78 -8.87
N GLN A 329 -18.09 -5.84 -8.07
CA GLN A 329 -19.05 -6.94 -8.20
C GLN A 329 -20.49 -6.48 -7.96
N SER A 330 -20.69 -5.67 -6.93
CA SER A 330 -22.02 -5.14 -6.59
C SER A 330 -22.55 -4.23 -7.69
N TYR A 331 -21.69 -3.35 -8.20
CA TYR A 331 -22.11 -2.45 -9.27
C TYR A 331 -22.57 -3.24 -10.50
N PHE A 332 -21.70 -4.10 -11.02
CA PHE A 332 -21.98 -4.82 -12.27
C PHE A 332 -23.21 -5.70 -12.14
N MET A 333 -23.43 -6.22 -10.94
CA MET A 333 -24.62 -6.98 -10.64
C MET A 333 -25.89 -6.13 -10.77
N MET A 334 -25.88 -4.95 -10.16
CA MET A 334 -27.04 -4.05 -10.22
C MET A 334 -27.31 -3.51 -11.62
N ALA A 335 -26.25 -3.06 -12.30
CA ALA A 335 -26.33 -2.63 -13.71
C ALA A 335 -26.89 -3.70 -14.67
N THR A 336 -26.46 -4.95 -14.47
CA THR A 336 -26.92 -6.07 -15.30
C THR A 336 -28.41 -6.32 -15.12
N MET A 337 -28.86 -6.27 -13.86
CA MET A 337 -30.26 -6.46 -13.52
C MET A 337 -31.19 -5.50 -14.24
N VAL A 338 -30.74 -4.27 -14.44
CA VAL A 338 -31.53 -3.21 -15.09
C VAL A 338 -31.96 -3.62 -16.49
N ILE A 339 -31.10 -4.38 -17.18
CA ILE A 339 -31.38 -4.86 -18.55
C ILE A 339 -32.69 -5.63 -18.68
N ALA A 340 -33.11 -6.29 -17.60
CA ALA A 340 -34.38 -7.02 -17.60
C ALA A 340 -35.60 -6.14 -17.85
N VAL A 341 -35.52 -4.86 -17.48
CA VAL A 341 -36.70 -3.98 -17.55
C VAL A 341 -37.12 -3.64 -19.00
N PRO A 342 -36.20 -3.11 -19.82
CA PRO A 342 -36.53 -2.86 -21.24
C PRO A 342 -36.78 -4.14 -22.06
N THR A 343 -36.12 -5.25 -21.70
CA THR A 343 -36.36 -6.51 -22.37
C THR A 343 -37.77 -7.00 -22.05
N GLY A 344 -38.16 -6.87 -20.78
CA GLY A 344 -39.50 -7.24 -20.35
C GLY A 344 -40.57 -6.45 -21.07
N ILE A 345 -40.35 -5.14 -21.23
CA ILE A 345 -41.24 -4.30 -22.04
C ILE A 345 -41.43 -4.85 -23.45
N LYS A 346 -40.35 -5.28 -24.10
CA LYS A 346 -40.47 -5.86 -25.44
C LYS A 346 -41.24 -7.18 -25.44
N ILE A 347 -40.96 -8.07 -24.49
CA ILE A 347 -41.69 -9.34 -24.36
C ILE A 347 -43.20 -9.11 -24.12
N PHE A 348 -43.53 -8.23 -23.17
CA PHE A 348 -44.94 -7.97 -22.86
C PHE A 348 -45.68 -7.28 -24.03
N SER A 349 -44.96 -6.43 -24.78
CA SER A 349 -45.51 -5.77 -25.96
C SER A 349 -45.82 -6.74 -27.09
N TRP A 350 -44.96 -7.75 -27.26
CA TRP A 350 -45.19 -8.80 -28.23
C TRP A 350 -46.45 -9.58 -27.87
N ILE A 351 -46.62 -9.90 -26.59
CA ILE A 351 -47.84 -10.57 -26.12
C ILE A 351 -49.08 -9.66 -26.31
N ALA A 352 -48.93 -8.37 -26.00
CA ALA A 352 -50.03 -7.40 -26.16
C ALA A 352 -50.41 -7.23 -27.62
N THR A 353 -49.43 -7.39 -28.52
CA THR A 353 -49.67 -7.33 -29.95
C THR A 353 -50.60 -8.47 -30.38
N MET A 354 -50.34 -9.66 -29.84
CA MET A 354 -51.17 -10.83 -30.07
C MET A 354 -52.56 -10.66 -29.49
N TRP A 355 -52.64 -10.02 -28.33
CA TRP A 355 -53.87 -9.87 -27.58
C TRP A 355 -54.90 -9.11 -28.42
N GLY A 356 -56.06 -9.71 -28.61
CA GLY A 356 -57.13 -9.11 -29.41
C GLY A 356 -56.92 -9.22 -30.91
N GLY A 357 -55.92 -10.01 -31.32
CA GLY A 357 -55.61 -10.14 -32.74
C GLY A 357 -56.46 -11.22 -33.39
N SER A 358 -56.08 -11.57 -34.62
CA SER A 358 -56.71 -12.68 -35.32
C SER A 358 -55.58 -13.58 -35.76
N ILE A 359 -55.25 -14.55 -34.92
CA ILE A 359 -53.96 -15.24 -35.01
C ILE A 359 -53.89 -16.39 -36.02
N GLU A 360 -52.94 -16.29 -36.93
CA GLU A 360 -52.69 -17.32 -37.91
C GLU A 360 -51.40 -18.04 -37.53
N LEU A 361 -51.50 -19.34 -37.27
CA LEU A 361 -50.36 -20.13 -36.78
C LEU A 361 -49.50 -20.72 -37.89
N LYS A 362 -49.15 -19.90 -38.87
CA LYS A 362 -48.24 -20.29 -39.96
C LYS A 362 -46.83 -20.45 -39.40
N THR A 363 -45.96 -21.11 -40.17
CA THR A 363 -44.61 -21.40 -39.71
C THR A 363 -43.82 -20.20 -39.11
N PRO A 364 -43.79 -19.03 -39.80
CA PRO A 364 -43.01 -17.92 -39.21
C PRO A 364 -43.51 -17.54 -37.82
N MET A 365 -44.83 -17.63 -37.62
CA MET A 365 -45.43 -17.31 -36.34
C MET A 365 -45.05 -18.32 -35.27
N LEU A 366 -44.96 -19.60 -35.62
CA LEU A 366 -44.48 -20.62 -34.66
C LEU A 366 -43.07 -20.30 -34.15
N TRP A 367 -42.13 -20.00 -35.05
CA TRP A 367 -40.79 -19.59 -34.64
C TRP A 367 -40.83 -18.38 -33.71
N ALA A 368 -41.66 -17.39 -34.06
CA ALA A 368 -41.79 -16.18 -33.24
C ALA A 368 -42.30 -16.47 -31.84
N LEU A 369 -43.31 -17.32 -31.73
CA LEU A 369 -43.89 -17.67 -30.42
C LEU A 369 -42.92 -18.55 -29.59
N GLY A 370 -42.24 -19.47 -30.26
CA GLY A 370 -41.17 -20.25 -29.64
C GLY A 370 -40.09 -19.32 -29.11
N PHE A 371 -39.72 -18.32 -29.90
CA PHE A 371 -38.80 -17.29 -29.45
C PHE A 371 -39.23 -16.64 -28.14
N LEU A 372 -40.49 -16.18 -28.06
CA LEU A 372 -40.97 -15.51 -26.85
C LEU A 372 -40.76 -16.35 -25.60
N PHE A 373 -41.16 -17.60 -25.68
CA PHE A 373 -41.06 -18.53 -24.56
C PHE A 373 -39.59 -18.88 -24.23
N LEU A 374 -38.81 -19.22 -25.26
CA LEU A 374 -37.47 -19.75 -25.07
C LEU A 374 -36.46 -18.68 -24.72
N PHE A 375 -36.59 -17.51 -25.37
CA PHE A 375 -35.79 -16.36 -25.00
C PHE A 375 -36.06 -15.93 -23.56
N THR A 376 -37.32 -16.04 -23.11
CA THR A 376 -37.64 -15.77 -21.71
C THR A 376 -36.93 -16.75 -20.73
N VAL A 377 -36.94 -18.04 -21.06
CA VAL A 377 -36.24 -19.06 -20.25
C VAL A 377 -34.75 -18.69 -20.14
N GLY A 378 -34.15 -18.36 -21.28
CA GLY A 378 -32.74 -17.95 -21.31
C GLY A 378 -32.47 -16.64 -20.60
N GLY A 379 -33.40 -15.70 -20.70
CA GLY A 379 -33.22 -14.39 -20.10
C GLY A 379 -33.25 -14.41 -18.60
N VAL A 380 -34.15 -15.20 -18.02
CA VAL A 380 -34.26 -15.28 -16.58
C VAL A 380 -33.08 -16.04 -15.92
N THR A 381 -32.49 -17.01 -16.63
CA THR A 381 -31.27 -17.64 -16.09
C THR A 381 -30.09 -16.68 -16.22
N GLY A 382 -30.14 -15.78 -17.18
CA GLY A 382 -29.18 -14.69 -17.23
C GLY A 382 -29.25 -13.81 -15.98
N ILE A 383 -30.47 -13.54 -15.51
CA ILE A 383 -30.70 -12.77 -14.29
C ILE A 383 -30.16 -13.48 -13.04
N VAL A 384 -30.41 -14.80 -12.95
CA VAL A 384 -29.77 -15.63 -11.92
C VAL A 384 -28.24 -15.45 -11.91
N LEU A 385 -27.63 -15.49 -13.09
CA LEU A 385 -26.19 -15.41 -13.26
C LEU A 385 -25.64 -14.03 -12.92
N SER A 386 -26.48 -13.01 -13.10
CA SER A 386 -26.10 -11.63 -12.76
C SER A 386 -25.84 -11.52 -11.26
N GLN A 387 -26.47 -12.39 -10.48
CA GLN A 387 -26.25 -12.41 -9.04
C GLN A 387 -24.90 -13.05 -8.72
N ALA A 388 -23.89 -12.21 -8.51
CA ALA A 388 -22.52 -12.64 -8.18
C ALA A 388 -22.44 -13.72 -7.11
N SER A 389 -23.31 -13.68 -6.11
CA SER A 389 -23.25 -14.65 -5.03
C SER A 389 -23.65 -16.04 -5.51
N VAL A 390 -24.55 -16.10 -6.48
CA VAL A 390 -24.99 -17.39 -7.04
C VAL A 390 -24.08 -17.81 -8.23
N ASP A 391 -23.61 -16.81 -8.98
CA ASP A 391 -22.64 -17.04 -10.04
C ASP A 391 -21.37 -17.71 -9.51
N ARG A 392 -21.07 -17.47 -8.23
CA ARG A 392 -19.93 -18.09 -7.57
C ARG A 392 -19.98 -19.61 -7.79
N TYR A 393 -21.17 -20.18 -7.67
CA TYR A 393 -21.39 -21.60 -7.92
C TYR A 393 -21.49 -21.94 -9.43
N TYR A 394 -22.21 -21.11 -10.19
CA TYR A 394 -22.55 -21.44 -11.59
C TYR A 394 -21.47 -21.13 -12.61
N HIS A 395 -20.55 -20.23 -12.27
CA HIS A 395 -19.58 -19.76 -13.22
C HIS A 395 -18.76 -20.93 -13.76
N ASP A 396 -18.56 -20.95 -15.08
CA ASP A 396 -17.77 -22.00 -15.73
C ASP A 396 -18.35 -23.39 -15.44
N THR A 397 -19.67 -23.48 -15.33
CA THR A 397 -20.42 -24.74 -15.30
C THR A 397 -21.39 -24.76 -16.48
N TYR A 398 -22.02 -25.92 -16.71
CA TYR A 398 -23.02 -26.05 -17.75
C TYR A 398 -24.33 -25.24 -17.54
N TYR A 399 -24.50 -24.65 -16.37
CA TYR A 399 -25.65 -23.79 -16.15
C TYR A 399 -25.51 -22.55 -17.03
N VAL A 400 -24.28 -22.06 -17.17
CA VAL A 400 -23.99 -20.96 -18.09
C VAL A 400 -24.22 -21.38 -19.54
N VAL A 401 -23.74 -22.57 -19.90
CA VAL A 401 -23.95 -23.14 -21.23
C VAL A 401 -25.46 -23.23 -21.55
N ALA A 402 -26.27 -23.64 -20.58
CA ALA A 402 -27.72 -23.69 -20.77
C ALA A 402 -28.29 -22.30 -21.00
N HIS A 403 -27.89 -21.35 -20.16
CA HIS A 403 -28.29 -19.95 -20.36
C HIS A 403 -28.08 -19.46 -21.79
N PHE A 404 -26.84 -19.54 -22.26
CA PHE A 404 -26.53 -18.92 -23.52
C PHE A 404 -27.05 -19.67 -24.75
N HIS A 405 -27.25 -20.97 -24.63
CA HIS A 405 -27.88 -21.67 -25.74
C HIS A 405 -29.37 -21.37 -25.81
N TYR A 406 -30.04 -21.17 -24.67
CA TYR A 406 -31.44 -20.75 -24.72
C TYR A 406 -31.63 -19.37 -25.38
N VAL A 407 -30.78 -18.39 -25.04
CA VAL A 407 -30.91 -17.08 -25.67
C VAL A 407 -30.42 -17.07 -27.12
N MET A 408 -29.39 -17.86 -27.44
CA MET A 408 -28.85 -17.86 -28.82
C MET A 408 -29.42 -18.94 -29.73
N SER A 409 -29.38 -20.20 -29.30
CA SER A 409 -29.77 -21.28 -30.18
C SER A 409 -31.26 -21.53 -30.14
N LEU A 410 -31.90 -21.11 -29.08
CA LEU A 410 -33.36 -21.15 -29.03
C LEU A 410 -33.97 -19.76 -29.05
N GLY A 411 -33.13 -18.75 -29.27
CA GLY A 411 -33.58 -17.37 -29.28
C GLY A 411 -33.27 -16.76 -30.62
N ALA A 412 -32.02 -16.33 -30.77
CA ALA A 412 -31.59 -15.67 -32.00
C ALA A 412 -31.76 -16.58 -33.23
N VAL A 413 -31.49 -17.87 -33.07
CA VAL A 413 -31.68 -18.82 -34.17
C VAL A 413 -33.17 -18.98 -34.53
N PHE A 414 -34.06 -18.92 -33.55
CA PHE A 414 -35.49 -18.99 -33.85
C PHE A 414 -35.91 -17.76 -34.66
N GLY A 415 -35.26 -16.63 -34.36
CA GLY A 415 -35.42 -15.41 -35.14
C GLY A 415 -34.91 -15.55 -36.56
N ILE A 416 -33.79 -16.25 -36.73
CA ILE A 416 -33.28 -16.54 -38.07
C ILE A 416 -34.27 -17.42 -38.87
N PHE A 417 -34.80 -18.47 -38.25
CA PHE A 417 -35.76 -19.33 -38.95
C PHE A 417 -37.08 -18.60 -39.24
N ALA A 418 -37.52 -17.75 -38.32
CA ALA A 418 -38.71 -16.93 -38.51
C ALA A 418 -38.57 -16.05 -39.75
N GLY A 419 -37.40 -15.40 -39.90
CA GLY A 419 -37.11 -14.57 -41.06
C GLY A 419 -37.06 -15.34 -42.37
N ILE A 420 -36.41 -16.50 -42.35
CA ILE A 420 -36.31 -17.34 -43.53
C ILE A 420 -37.69 -17.76 -44.07
N TYR A 421 -38.53 -18.33 -43.23
CA TYR A 421 -39.87 -18.72 -43.63
C TYR A 421 -40.75 -17.49 -44.00
N PHE A 422 -40.59 -16.40 -43.25
CA PHE A 422 -41.31 -15.15 -43.52
C PHE A 422 -40.99 -14.59 -44.90
N TRP A 423 -39.70 -14.62 -45.24
CA TRP A 423 -39.20 -13.88 -46.38
C TRP A 423 -38.72 -14.70 -47.56
N ILE A 424 -38.62 -16.02 -47.44
CA ILE A 424 -38.12 -16.82 -48.56
C ILE A 424 -38.93 -16.65 -49.88
N GLY A 425 -40.25 -16.50 -49.80
CA GLY A 425 -41.05 -16.27 -51.00
C GLY A 425 -40.67 -14.95 -51.66
N LYS A 426 -40.51 -13.92 -50.84
CA LYS A 426 -40.14 -12.58 -51.29
C LYS A 426 -38.77 -12.54 -51.94
N MET A 427 -37.81 -13.27 -51.36
CA MET A 427 -36.44 -13.26 -51.86
C MET A 427 -36.27 -14.10 -53.11
N SER A 428 -37.04 -15.18 -53.22
CA SER A 428 -36.75 -16.21 -54.23
C SER A 428 -37.81 -16.35 -55.33
N GLY A 429 -39.03 -15.92 -55.05
CA GLY A 429 -40.14 -16.14 -55.98
C GLY A 429 -40.77 -17.51 -55.81
N ARG A 430 -40.32 -18.25 -54.79
CA ARG A 430 -40.86 -19.57 -54.47
C ARG A 430 -41.20 -19.73 -53.01
N GLN A 431 -42.32 -20.39 -52.75
CA GLN A 431 -42.84 -20.57 -51.41
C GLN A 431 -42.45 -21.93 -50.81
N TYR A 432 -42.23 -21.95 -49.50
CA TYR A 432 -41.91 -23.20 -48.82
C TYR A 432 -43.23 -24.00 -48.61
N PRO A 433 -43.16 -25.35 -48.54
CA PRO A 433 -44.37 -26.15 -48.19
C PRO A 433 -44.70 -26.07 -46.70
N GLU A 434 -45.95 -25.71 -46.41
CA GLU A 434 -46.35 -25.34 -45.05
C GLU A 434 -46.21 -26.46 -44.02
N TRP A 435 -46.58 -27.68 -44.41
CA TRP A 435 -46.50 -28.82 -43.49
C TRP A 435 -45.04 -29.10 -43.05
N ALA A 436 -44.09 -28.91 -43.96
CA ALA A 436 -42.68 -29.18 -43.72
C ALA A 436 -42.06 -28.13 -42.79
N GLY A 437 -42.49 -26.88 -42.93
CA GLY A 437 -42.06 -25.81 -42.04
C GLY A 437 -42.51 -26.06 -40.61
N LYS A 438 -43.76 -26.48 -40.46
CA LYS A 438 -44.30 -26.84 -39.16
C LYS A 438 -43.55 -28.03 -38.56
N LEU A 439 -43.29 -29.06 -39.37
CA LEU A 439 -42.53 -30.22 -38.91
C LEU A 439 -41.13 -29.84 -38.44
N HIS A 440 -40.46 -29.01 -39.23
CA HIS A 440 -39.14 -28.47 -38.87
C HIS A 440 -39.24 -27.80 -37.50
N PHE A 441 -40.21 -26.91 -37.35
CA PHE A 441 -40.39 -26.22 -36.08
C PHE A 441 -40.51 -27.18 -34.90
N TRP A 442 -41.42 -28.17 -35.00
CA TRP A 442 -41.66 -29.03 -33.85
C TRP A 442 -40.46 -29.92 -33.50
N MET A 443 -39.77 -30.42 -34.51
CA MET A 443 -38.54 -31.22 -34.32
C MET A 443 -37.44 -30.41 -33.61
N MET A 444 -37.20 -29.20 -34.09
CA MET A 444 -36.22 -28.30 -33.49
C MET A 444 -36.65 -27.94 -32.07
N PHE A 445 -37.93 -27.60 -31.89
CA PHE A 445 -38.47 -27.25 -30.59
C PHE A 445 -38.25 -28.33 -29.53
N VAL A 446 -38.56 -29.56 -29.90
CA VAL A 446 -38.42 -30.69 -28.99
C VAL A 446 -36.92 -31.00 -28.80
N GLY A 447 -36.19 -31.07 -29.90
CA GLY A 447 -34.78 -31.40 -29.88
C GLY A 447 -33.91 -30.41 -29.13
N ALA A 448 -34.09 -29.13 -29.40
CA ALA A 448 -33.27 -28.12 -28.71
C ALA A 448 -33.57 -27.98 -27.23
N ASN A 449 -34.83 -28.19 -26.84
CA ASN A 449 -35.18 -28.24 -25.40
C ASN A 449 -34.60 -29.45 -24.67
N LEU A 450 -34.62 -30.60 -25.33
CA LEU A 450 -34.00 -31.80 -24.79
C LEU A 450 -32.47 -31.68 -24.69
N THR A 451 -31.86 -30.96 -25.63
CA THR A 451 -30.42 -30.73 -25.60
C THR A 451 -30.04 -29.85 -24.43
N PHE A 452 -30.72 -28.72 -24.29
CA PHE A 452 -30.22 -27.69 -23.38
C PHE A 452 -30.84 -27.66 -22.00
N PHE A 453 -32.14 -27.98 -21.89
CA PHE A 453 -32.74 -27.89 -20.56
C PHE A 453 -31.99 -28.74 -19.52
N PRO A 454 -31.64 -29.99 -19.85
CA PRO A 454 -30.88 -30.83 -18.90
C PRO A 454 -29.50 -30.30 -18.50
N GLN A 455 -28.99 -29.31 -19.24
CA GLN A 455 -27.70 -28.70 -18.91
C GLN A 455 -27.76 -27.81 -17.66
N HIS A 456 -28.95 -27.30 -17.34
CA HIS A 456 -29.19 -26.63 -16.07
C HIS A 456 -28.91 -27.57 -14.91
N PHE A 457 -29.39 -28.82 -15.01
CA PHE A 457 -29.18 -29.84 -13.97
C PHE A 457 -27.69 -30.18 -13.83
N LEU A 458 -27.00 -30.34 -14.97
CA LEU A 458 -25.57 -30.64 -14.98
C LEU A 458 -24.80 -29.53 -14.27
N GLY A 459 -25.14 -28.28 -14.58
CA GLY A 459 -24.51 -27.13 -13.91
C GLY A 459 -24.77 -27.01 -12.43
N ARG A 460 -26.02 -27.29 -12.02
CA ARG A 460 -26.39 -27.30 -10.60
C ARG A 460 -25.63 -28.38 -9.84
N GLN A 461 -25.35 -29.49 -10.52
CA GLN A 461 -24.56 -30.58 -9.96
C GLN A 461 -23.05 -30.33 -10.03
N GLY A 462 -22.66 -29.21 -10.65
CA GLY A 462 -21.27 -28.75 -10.65
C GLY A 462 -20.40 -29.21 -11.83
N MET A 463 -21.01 -29.57 -12.95
CA MET A 463 -20.25 -29.97 -14.16
C MET A 463 -19.60 -28.78 -14.83
N PRO A 464 -18.26 -28.76 -14.92
CA PRO A 464 -17.56 -27.62 -15.52
C PRO A 464 -17.64 -27.57 -17.05
N ARG A 465 -17.49 -26.36 -17.59
CA ARG A 465 -17.35 -26.13 -19.03
C ARG A 465 -16.01 -26.62 -19.54
N ARG A 466 -15.97 -26.96 -20.83
CA ARG A 466 -14.73 -27.22 -21.54
C ARG A 466 -14.02 -28.55 -21.14
N TYR A 467 -14.82 -29.53 -20.74
CA TYR A 467 -14.34 -30.86 -20.32
C TYR A 467 -14.62 -31.93 -21.37
N ILE A 468 -13.57 -32.65 -21.79
CA ILE A 468 -13.71 -33.81 -22.69
C ILE A 468 -14.43 -34.98 -21.97
N ASP A 469 -14.32 -35.03 -20.66
CA ASP A 469 -14.79 -36.20 -19.90
C ASP A 469 -15.25 -35.74 -18.53
N TYR A 470 -16.09 -36.53 -17.88
CA TYR A 470 -16.78 -36.10 -16.68
C TYR A 470 -17.05 -37.28 -15.75
N PRO A 471 -17.09 -37.02 -14.43
CA PRO A 471 -17.45 -38.01 -13.42
C PRO A 471 -18.74 -38.75 -13.78
N GLU A 472 -18.74 -40.04 -13.47
CA GLU A 472 -19.81 -40.94 -13.87
C GLU A 472 -21.23 -40.46 -13.48
N ALA A 473 -21.35 -39.79 -12.34
CA ALA A 473 -22.62 -39.30 -11.85
C ALA A 473 -23.34 -38.31 -12.78
N PHE A 474 -22.61 -37.70 -13.72
CA PHE A 474 -23.22 -36.75 -14.68
C PHE A 474 -23.76 -37.44 -15.92
N ALA A 475 -23.72 -38.79 -15.96
CA ALA A 475 -24.06 -39.54 -17.16
C ALA A 475 -25.49 -39.37 -17.69
N THR A 476 -26.48 -39.40 -16.80
CA THR A 476 -27.88 -39.42 -17.21
C THR A 476 -28.26 -38.20 -18.07
N TRP A 477 -27.99 -37.01 -17.55
CA TRP A 477 -28.43 -35.79 -18.23
C TRP A 477 -27.55 -35.43 -19.43
N ASN A 478 -26.29 -35.86 -19.40
CA ASN A 478 -25.45 -35.82 -20.58
C ASN A 478 -25.99 -36.70 -21.69
N PHE A 479 -26.50 -37.87 -21.33
CA PHE A 479 -27.04 -38.78 -22.32
C PHE A 479 -28.27 -38.18 -23.02
N VAL A 480 -29.19 -37.64 -22.23
CA VAL A 480 -30.39 -37.01 -22.72
C VAL A 480 -30.04 -35.80 -23.59
N SER A 481 -29.12 -34.95 -23.11
CA SER A 481 -28.68 -33.76 -23.86
C SER A 481 -28.14 -34.16 -25.25
N SER A 482 -27.36 -35.22 -25.31
CA SER A 482 -26.86 -35.73 -26.57
C SER A 482 -27.93 -36.25 -27.54
N LEU A 483 -28.92 -36.97 -27.00
CA LEU A 483 -30.04 -37.41 -27.85
C LEU A 483 -30.80 -36.21 -28.42
N GLY A 484 -30.99 -35.19 -27.59
CA GLY A 484 -31.59 -33.94 -28.02
C GLY A 484 -30.81 -33.31 -29.15
N ALA A 485 -29.48 -33.30 -29.03
CA ALA A 485 -28.61 -32.74 -30.08
C ALA A 485 -28.71 -33.54 -31.38
N PHE A 486 -28.89 -34.85 -31.28
CA PHE A 486 -29.01 -35.67 -32.50
C PHE A 486 -30.33 -35.42 -33.21
N LEU A 487 -31.42 -35.31 -32.46
CA LEU A 487 -32.73 -34.92 -32.99
C LEU A 487 -32.70 -33.52 -33.62
N SER A 488 -32.05 -32.55 -32.97
CA SER A 488 -31.90 -31.19 -33.52
C SER A 488 -31.15 -31.21 -34.83
N PHE A 489 -30.11 -32.04 -34.89
CA PHE A 489 -29.34 -32.18 -36.11
C PHE A 489 -30.18 -32.69 -37.25
N ALA A 490 -30.94 -33.77 -36.99
CA ALA A 490 -31.92 -34.30 -37.92
C ALA A 490 -32.88 -33.20 -38.44
N SER A 491 -33.37 -32.36 -37.53
CA SER A 491 -34.28 -31.27 -37.90
C SER A 491 -33.61 -30.23 -38.80
N PHE A 492 -32.32 -30.01 -38.58
CA PHE A 492 -31.56 -29.08 -39.39
C PHE A 492 -31.28 -29.64 -40.78
N LEU A 493 -30.94 -30.93 -40.87
CA LEU A 493 -30.82 -31.58 -42.19
C LEU A 493 -32.15 -31.56 -42.96
N PHE A 494 -33.27 -31.79 -42.24
CA PHE A 494 -34.60 -31.70 -42.83
C PHE A 494 -34.84 -30.29 -43.37
N PHE A 495 -34.51 -29.27 -42.56
CA PHE A 495 -34.56 -27.86 -42.98
C PHE A 495 -33.80 -27.59 -44.28
N LEU A 496 -32.57 -28.09 -44.34
CA LEU A 496 -31.78 -27.91 -45.55
C LEU A 496 -32.49 -28.56 -46.74
N GLY A 497 -33.14 -29.71 -46.51
CA GLY A 497 -33.99 -30.36 -47.52
C GLY A 497 -35.15 -29.46 -47.93
N VAL A 498 -35.82 -28.86 -46.94
CA VAL A 498 -36.94 -27.93 -47.19
C VAL A 498 -36.51 -26.72 -48.03
N ILE A 499 -35.33 -26.17 -47.74
CA ILE A 499 -34.78 -25.07 -48.51
C ILE A 499 -34.46 -25.50 -49.95
N PHE A 500 -33.81 -26.65 -50.09
CA PHE A 500 -33.48 -27.17 -51.40
C PHE A 500 -34.75 -27.41 -52.23
N TYR A 501 -35.73 -28.10 -51.64
CA TYR A 501 -37.03 -28.30 -52.28
C TYR A 501 -37.65 -26.95 -52.70
N THR A 502 -37.71 -26.02 -51.76
CA THR A 502 -38.35 -24.72 -51.98
C THR A 502 -37.72 -24.02 -53.17
N LEU A 503 -36.40 -23.97 -53.19
CA LEU A 503 -35.69 -23.18 -54.20
C LEU A 503 -35.70 -23.84 -55.59
N THR A 504 -35.84 -25.16 -55.62
CA THR A 504 -35.79 -25.87 -56.90
C THR A 504 -37.18 -26.09 -57.46
N ARG A 505 -38.16 -26.35 -56.59
CA ARG A 505 -39.51 -26.65 -57.04
C ARG A 505 -40.64 -26.19 -56.12
N GLY A 506 -40.38 -25.19 -55.27
CA GLY A 506 -41.43 -24.62 -54.42
C GLY A 506 -42.54 -23.98 -55.24
N ALA A 507 -43.75 -23.88 -54.69
CA ALA A 507 -44.86 -23.24 -55.38
C ALA A 507 -44.47 -21.82 -55.81
N ARG A 508 -44.75 -21.48 -57.06
CA ARG A 508 -44.46 -20.17 -57.60
C ARG A 508 -45.19 -19.10 -56.79
N VAL A 509 -44.48 -18.05 -56.39
CA VAL A 509 -45.08 -16.92 -55.68
C VAL A 509 -45.57 -15.92 -56.74
N THR A 510 -46.85 -15.54 -56.70
CA THR A 510 -47.38 -14.64 -57.73
C THR A 510 -47.76 -13.27 -57.19
N ALA A 511 -47.81 -13.15 -55.86
CA ALA A 511 -48.27 -11.93 -55.23
C ALA A 511 -47.13 -11.14 -54.59
N ASN A 512 -47.21 -9.81 -54.74
CA ASN A 512 -46.30 -8.89 -54.05
C ASN A 512 -46.29 -9.14 -52.55
N ASN A 513 -47.50 -9.30 -52.02
CA ASN A 513 -47.73 -9.60 -50.63
C ASN A 513 -48.53 -10.88 -50.52
N TYR A 514 -47.83 -11.98 -50.22
CA TYR A 514 -48.46 -13.30 -50.18
C TYR A 514 -48.91 -13.67 -48.77
N TRP A 515 -48.76 -12.74 -47.83
CA TRP A 515 -49.26 -12.97 -46.48
C TRP A 515 -50.64 -12.32 -46.32
N ASN A 516 -50.68 -11.11 -45.76
CA ASN A 516 -51.93 -10.37 -45.55
C ASN A 516 -51.58 -8.90 -45.40
N GLU A 517 -52.59 -8.03 -45.41
CA GLU A 517 -52.41 -6.56 -45.42
C GLU A 517 -51.64 -6.02 -44.21
N HIS A 518 -51.57 -6.81 -43.15
CA HIS A 518 -50.88 -6.40 -41.93
C HIS A 518 -49.37 -6.66 -42.00
N ALA A 519 -48.93 -7.23 -43.13
CA ALA A 519 -47.53 -7.12 -43.55
C ALA A 519 -47.49 -5.83 -44.37
N ASP A 520 -47.17 -4.73 -43.67
CA ASP A 520 -47.44 -3.39 -44.18
C ASP A 520 -46.20 -2.54 -44.44
N THR A 521 -45.06 -3.20 -44.66
CA THR A 521 -43.81 -2.51 -44.90
C THR A 521 -43.52 -2.59 -46.39
N LEU A 522 -42.57 -1.78 -46.85
CA LEU A 522 -42.38 -1.58 -48.30
C LEU A 522 -42.02 -2.80 -49.13
N GLU A 523 -41.41 -3.82 -48.54
CA GLU A 523 -41.00 -4.99 -49.33
C GLU A 523 -42.21 -5.72 -49.91
N TRP A 524 -43.33 -5.61 -49.19
CA TRP A 524 -44.56 -6.26 -49.59
C TRP A 524 -45.34 -5.49 -50.68
N THR A 525 -44.87 -4.26 -51.01
CA THR A 525 -45.39 -3.49 -52.15
C THR A 525 -44.58 -3.78 -53.42
N LEU A 526 -43.46 -4.49 -53.29
CA LEU A 526 -42.64 -4.83 -54.44
C LEU A 526 -42.98 -6.22 -54.94
N THR A 527 -42.46 -6.58 -56.11
CA THR A 527 -42.68 -7.92 -56.66
C THR A 527 -41.92 -8.97 -55.83
N SER A 528 -42.18 -10.25 -56.08
CA SER A 528 -41.44 -11.33 -55.43
C SER A 528 -40.79 -12.20 -56.49
N PRO A 529 -39.46 -12.10 -56.66
CA PRO A 529 -38.52 -11.20 -55.99
C PRO A 529 -38.61 -9.74 -56.45
N PRO A 530 -38.07 -8.79 -55.66
CA PRO A 530 -38.09 -7.38 -56.07
C PRO A 530 -37.25 -7.20 -57.33
N PRO A 531 -37.50 -6.13 -58.11
CA PRO A 531 -36.71 -5.95 -59.33
C PRO A 531 -35.27 -5.59 -58.96
N GLU A 532 -34.34 -5.76 -59.91
CA GLU A 532 -32.95 -5.35 -59.70
C GLU A 532 -32.87 -3.91 -59.17
N HIS A 533 -33.53 -2.98 -59.86
CA HIS A 533 -33.59 -1.58 -59.43
C HIS A 533 -34.90 -1.31 -58.69
N THR A 534 -34.78 -1.09 -57.38
CA THR A 534 -35.94 -0.92 -56.50
C THR A 534 -36.29 0.57 -56.28
N PHE A 535 -37.56 0.85 -56.02
CA PHE A 535 -38.06 2.21 -55.73
C PHE A 535 -37.65 3.24 -56.80
N LEU B 1 -14.27 -41.61 6.30
CA LEU B 1 -15.04 -40.34 6.11
C LEU B 1 -16.10 -40.55 5.04
N GLU B 2 -17.22 -39.86 5.20
CA GLU B 2 -18.31 -39.91 4.26
C GLU B 2 -18.03 -38.99 3.05
N ILE B 3 -18.25 -39.52 1.86
CA ILE B 3 -18.18 -38.72 0.65
C ILE B 3 -19.45 -37.87 0.52
N ILE B 4 -19.31 -36.56 0.69
CA ILE B 4 -20.46 -35.65 0.70
C ILE B 4 -20.49 -34.69 -0.49
N GLY B 5 -19.38 -33.98 -0.74
CA GLY B 5 -19.32 -33.01 -1.84
C GLY B 5 -19.01 -33.69 -3.17
N ARG B 6 -20.04 -34.18 -3.83
CA ARG B 6 -19.90 -34.87 -5.10
C ARG B 6 -21.21 -34.84 -5.90
N PRO B 7 -21.13 -34.93 -7.24
CA PRO B 7 -22.38 -35.09 -7.98
C PRO B 7 -22.96 -36.48 -7.71
N GLN B 8 -24.28 -36.58 -7.78
CA GLN B 8 -24.99 -37.84 -7.62
C GLN B 8 -25.75 -38.18 -8.91
N PRO B 9 -25.90 -39.48 -9.23
CA PRO B 9 -26.54 -39.92 -10.49
C PRO B 9 -27.93 -39.28 -10.70
N GLY B 10 -28.12 -38.68 -11.87
CA GLY B 10 -29.40 -38.05 -12.23
C GLY B 10 -29.76 -36.80 -11.46
N GLY B 11 -28.79 -36.26 -10.73
CA GLY B 11 -29.04 -35.08 -9.89
C GLY B 11 -29.54 -33.89 -10.67
N THR B 12 -30.43 -33.10 -10.07
CA THR B 12 -30.98 -31.89 -10.69
C THR B 12 -30.81 -30.69 -9.78
N GLY B 13 -30.35 -30.93 -8.55
CA GLY B 13 -30.15 -29.85 -7.59
C GLY B 13 -28.68 -29.58 -7.33
N PHE B 14 -28.41 -28.69 -6.37
CA PHE B 14 -27.06 -28.43 -5.93
C PHE B 14 -26.43 -29.63 -5.25
N GLN B 15 -25.11 -29.63 -5.16
CA GLN B 15 -24.43 -30.57 -4.30
C GLN B 15 -24.79 -30.23 -2.84
N PRO B 16 -24.71 -31.21 -1.92
CA PRO B 16 -24.98 -30.90 -0.50
C PRO B 16 -24.15 -29.71 0.02
N SER B 17 -24.75 -28.91 0.89
CA SER B 17 -24.05 -27.82 1.53
C SER B 17 -23.24 -28.36 2.70
N ALA B 18 -22.04 -27.84 2.88
CA ALA B 18 -21.23 -28.15 4.05
C ALA B 18 -20.63 -26.89 4.63
N SER B 19 -21.18 -25.74 4.25
CA SER B 19 -20.75 -24.46 4.78
C SER B 19 -21.93 -23.50 4.88
N PRO B 20 -21.83 -22.46 5.74
CA PRO B 20 -22.92 -21.47 5.83
C PRO B 20 -23.10 -20.68 4.54
N VAL B 21 -22.01 -20.42 3.83
CA VAL B 21 -22.03 -19.74 2.53
C VAL B 21 -22.79 -20.57 1.48
N ALA B 22 -22.55 -21.88 1.47
CA ALA B 22 -23.25 -22.76 0.52
C ALA B 22 -24.74 -22.76 0.83
N THR B 23 -25.06 -22.84 2.12
CA THR B 23 -26.44 -22.77 2.57
C THR B 23 -27.14 -21.49 2.08
N GLN B 24 -26.45 -20.36 2.16
CA GLN B 24 -26.97 -19.07 1.68
C GLN B 24 -27.25 -19.08 0.18
N ILE B 25 -26.30 -19.61 -0.60
CA ILE B 25 -26.45 -19.79 -2.04
C ILE B 25 -27.68 -20.64 -2.37
N HIS B 26 -27.87 -21.74 -1.64
CA HIS B 26 -29.01 -22.63 -1.87
C HIS B 26 -30.37 -21.95 -1.65
N TRP B 27 -30.44 -21.11 -0.61
CA TRP B 27 -31.63 -20.33 -0.26
C TRP B 27 -31.90 -19.23 -1.27
N LEU B 28 -30.88 -18.45 -1.58
CA LEU B 28 -30.99 -17.38 -2.54
C LEU B 28 -31.40 -17.90 -3.92
N ASP B 29 -30.67 -18.90 -4.42
CA ASP B 29 -31.03 -19.56 -5.68
C ASP B 29 -32.46 -20.12 -5.65
N GLY B 30 -32.84 -20.77 -4.54
CA GLY B 30 -34.20 -21.32 -4.39
C GLY B 30 -35.28 -20.24 -4.44
N PHE B 31 -34.98 -19.10 -3.83
CA PHE B 31 -35.87 -17.95 -3.80
C PHE B 31 -36.01 -17.35 -5.21
N ILE B 32 -34.88 -17.12 -5.89
CA ILE B 32 -34.89 -16.60 -7.25
C ILE B 32 -35.57 -17.60 -8.19
N LEU B 33 -35.34 -18.88 -7.98
CA LEU B 33 -35.93 -19.89 -8.84
C LEU B 33 -37.47 -19.88 -8.81
N VAL B 34 -38.04 -19.75 -7.62
CA VAL B 34 -39.51 -19.62 -7.49
C VAL B 34 -40.01 -18.45 -8.33
N ILE B 35 -39.35 -17.30 -8.19
CA ILE B 35 -39.70 -16.09 -8.92
C ILE B 35 -39.61 -16.28 -10.44
N ILE B 36 -38.46 -16.72 -10.94
CA ILE B 36 -38.27 -16.84 -12.39
C ILE B 36 -39.14 -17.95 -12.98
N ALA B 37 -39.45 -18.96 -12.19
CA ALA B 37 -40.40 -19.98 -12.63
C ALA B 37 -41.81 -19.37 -12.70
N ALA B 38 -42.15 -18.50 -11.77
CA ALA B 38 -43.48 -17.86 -11.80
C ALA B 38 -43.57 -16.94 -13.01
N ILE B 39 -42.52 -16.18 -13.28
CA ILE B 39 -42.47 -15.30 -14.45
C ILE B 39 -42.62 -16.08 -15.76
N THR B 40 -41.89 -17.20 -15.86
CA THR B 40 -41.85 -18.00 -17.08
C THR B 40 -43.20 -18.67 -17.35
N ILE B 41 -43.78 -19.25 -16.30
CA ILE B 41 -45.11 -19.86 -16.35
C ILE B 41 -46.17 -18.81 -16.74
N PHE B 42 -46.08 -17.63 -16.10
CA PHE B 42 -46.95 -16.51 -16.40
C PHE B 42 -46.89 -16.17 -17.89
N VAL B 43 -45.68 -15.91 -18.38
CA VAL B 43 -45.46 -15.54 -19.77
C VAL B 43 -45.96 -16.65 -20.71
N THR B 44 -45.63 -17.90 -20.38
CA THR B 44 -46.04 -19.04 -21.19
C THR B 44 -47.57 -19.18 -21.24
N LEU B 45 -48.22 -19.08 -20.09
CA LEU B 45 -49.67 -19.17 -20.02
C LEU B 45 -50.36 -18.02 -20.77
N LEU B 46 -49.82 -16.81 -20.67
CA LEU B 46 -50.36 -15.70 -21.47
C LEU B 46 -50.31 -15.98 -22.98
N ILE B 47 -49.19 -16.53 -23.45
CA ILE B 47 -49.03 -16.82 -24.87
C ILE B 47 -50.03 -17.89 -25.31
N LEU B 48 -50.13 -18.96 -24.54
CA LEU B 48 -50.99 -20.07 -24.91
C LEU B 48 -52.46 -19.66 -24.87
N TYR B 49 -52.82 -18.86 -23.87
CA TYR B 49 -54.18 -18.31 -23.78
C TYR B 49 -54.47 -17.39 -24.96
N ALA B 50 -53.57 -16.44 -25.24
CA ALA B 50 -53.78 -15.52 -26.35
C ALA B 50 -53.96 -16.26 -27.68
N VAL B 51 -53.17 -17.31 -27.90
CA VAL B 51 -53.27 -18.11 -29.12
C VAL B 51 -54.62 -18.85 -29.16
N TRP B 52 -55.09 -19.32 -28.01
CA TRP B 52 -56.37 -20.02 -27.96
C TRP B 52 -57.54 -19.04 -28.13
N ARG B 53 -57.55 -18.00 -27.31
CA ARG B 53 -58.62 -17.04 -27.30
C ARG B 53 -58.73 -16.27 -28.62
N PHE B 54 -57.59 -15.94 -29.22
CA PHE B 54 -57.57 -15.03 -30.35
C PHE B 54 -57.15 -15.68 -31.67
N HIS B 55 -57.15 -17.01 -31.71
CA HIS B 55 -56.96 -17.73 -32.96
C HIS B 55 -57.93 -17.17 -34.02
N GLU B 56 -57.49 -17.11 -35.27
CA GLU B 56 -58.29 -16.54 -36.35
C GLU B 56 -59.67 -17.17 -36.57
N LYS B 57 -59.85 -18.44 -36.18
CA LYS B 57 -61.15 -19.09 -36.25
C LYS B 57 -62.13 -18.60 -35.18
N ARG B 58 -61.60 -18.15 -34.05
CA ARG B 58 -62.39 -17.70 -32.89
C ARG B 58 -62.57 -16.17 -32.83
N ASN B 59 -61.54 -15.42 -33.24
CA ASN B 59 -61.63 -13.97 -33.31
C ASN B 59 -61.35 -13.54 -34.73
N LYS B 60 -62.42 -13.31 -35.48
CA LYS B 60 -62.30 -13.10 -36.92
C LYS B 60 -61.91 -11.69 -37.30
N VAL B 61 -62.24 -10.71 -36.46
CA VAL B 61 -61.83 -9.34 -36.74
C VAL B 61 -60.87 -8.87 -35.67
N PRO B 62 -59.64 -8.54 -36.07
CA PRO B 62 -58.63 -8.10 -35.10
C PRO B 62 -58.86 -6.69 -34.57
N ALA B 63 -58.57 -6.49 -33.29
CA ALA B 63 -58.49 -5.18 -32.66
C ALA B 63 -57.32 -4.38 -33.26
N ARG B 64 -57.19 -3.12 -32.86
CA ARG B 64 -56.20 -2.22 -33.48
C ARG B 64 -55.49 -1.38 -32.45
N PHE B 65 -55.75 -1.63 -31.17
CA PHE B 65 -55.06 -0.90 -30.10
C PHE B 65 -53.56 -1.16 -30.09
N THR B 66 -52.82 -0.12 -29.71
CA THR B 66 -51.36 -0.16 -29.59
C THR B 66 -50.90 0.47 -28.25
N HIS B 67 -51.85 0.76 -27.36
CA HIS B 67 -51.56 1.34 -26.04
C HIS B 67 -52.53 0.80 -24.99
N ASN B 68 -52.09 0.86 -23.73
CA ASN B 68 -52.90 0.56 -22.53
C ASN B 68 -52.15 1.07 -21.32
N SER B 69 -52.13 2.39 -21.16
CA SER B 69 -51.31 3.06 -20.11
C SER B 69 -51.20 2.39 -18.73
N PRO B 70 -52.34 2.10 -18.06
CA PRO B 70 -52.26 1.39 -16.78
C PRO B 70 -51.41 0.11 -16.85
N LEU B 71 -51.64 -0.69 -17.88
CA LEU B 71 -50.93 -1.94 -18.08
C LEU B 71 -49.43 -1.72 -18.33
N GLU B 72 -49.11 -0.68 -19.10
CA GLU B 72 -47.72 -0.33 -19.39
C GLU B 72 -46.98 0.16 -18.13
N ILE B 73 -47.72 0.79 -17.22
CA ILE B 73 -47.14 1.28 -15.96
C ILE B 73 -46.84 0.07 -15.07
N ALA B 74 -47.84 -0.79 -14.93
CA ALA B 74 -47.73 -1.99 -14.13
C ALA B 74 -46.59 -2.90 -14.61
N TRP B 75 -46.51 -3.11 -15.93
CA TRP B 75 -45.50 -4.03 -16.46
C TRP B 75 -44.08 -3.45 -16.53
N THR B 76 -43.93 -2.20 -16.11
CA THR B 76 -42.60 -1.60 -15.95
C THR B 76 -42.20 -1.59 -14.47
N ILE B 77 -43.15 -1.23 -13.62
CA ILE B 77 -42.88 -1.06 -12.18
C ILE B 77 -42.74 -2.42 -11.49
N VAL B 78 -43.57 -3.38 -11.86
CA VAL B 78 -43.53 -4.69 -11.23
C VAL B 78 -42.18 -5.43 -11.41
N PRO B 79 -41.67 -5.53 -12.66
CA PRO B 79 -40.28 -5.96 -12.82
C PRO B 79 -39.25 -5.22 -11.96
N ILE B 80 -39.34 -3.89 -11.88
CA ILE B 80 -38.40 -3.09 -11.05
C ILE B 80 -38.49 -3.53 -9.58
N VAL B 81 -39.71 -3.76 -9.10
CA VAL B 81 -39.92 -4.18 -7.71
C VAL B 81 -39.33 -5.56 -7.46
N ILE B 82 -39.64 -6.50 -8.35
CA ILE B 82 -39.10 -7.86 -8.28
C ILE B 82 -37.56 -7.87 -8.19
N LEU B 83 -36.91 -7.07 -9.02
CA LEU B 83 -35.46 -6.97 -9.07
C LEU B 83 -34.87 -6.32 -7.80
N VAL B 84 -35.47 -5.20 -7.38
CA VAL B 84 -35.07 -4.57 -6.10
C VAL B 84 -35.15 -5.59 -4.96
N ALA B 85 -36.21 -6.39 -4.94
CA ALA B 85 -36.39 -7.43 -3.92
C ALA B 85 -35.30 -8.52 -3.95
N ILE B 86 -34.97 -9.00 -5.15
CA ILE B 86 -33.87 -9.94 -5.33
C ILE B 86 -32.56 -9.29 -4.86
N GLY B 87 -32.26 -8.09 -5.35
CA GLY B 87 -31.08 -7.35 -4.93
C GLY B 87 -30.92 -7.22 -3.42
N ALA B 88 -32.03 -6.98 -2.73
CA ALA B 88 -32.05 -6.78 -1.28
C ALA B 88 -31.66 -8.03 -0.48
N PHE B 89 -32.08 -9.20 -0.95
CA PHE B 89 -31.67 -10.46 -0.33
C PHE B 89 -30.28 -10.90 -0.83
N SER B 90 -29.93 -10.45 -2.04
CA SER B 90 -28.74 -10.96 -2.73
C SER B 90 -27.44 -10.28 -2.33
N LEU B 91 -27.45 -8.97 -2.17
CA LEU B 91 -26.26 -8.22 -1.79
C LEU B 91 -25.67 -8.58 -0.40
N PRO B 92 -26.53 -8.81 0.62
CA PRO B 92 -25.99 -9.27 1.90
C PRO B 92 -25.26 -10.61 1.78
N VAL B 93 -25.85 -11.54 1.03
CA VAL B 93 -25.22 -12.83 0.76
C VAL B 93 -23.88 -12.62 0.08
N LEU B 94 -23.82 -11.68 -0.85
CA LEU B 94 -22.57 -11.35 -1.54
C LEU B 94 -21.53 -10.79 -0.58
N PHE B 95 -21.97 -9.87 0.30
CA PHE B 95 -21.06 -9.24 1.26
C PHE B 95 -20.46 -10.28 2.22
N ASN B 96 -21.28 -11.24 2.66
CA ASN B 96 -20.81 -12.34 3.48
C ASN B 96 -19.77 -13.25 2.80
N GLN B 97 -19.96 -13.50 1.50
CA GLN B 97 -19.04 -14.34 0.72
C GLN B 97 -17.68 -13.71 0.58
N GLN B 98 -17.67 -12.40 0.34
CA GLN B 98 -16.49 -11.73 -0.17
C GLN B 98 -15.70 -10.98 0.91
N GLU B 99 -16.28 -10.78 2.07
CA GLU B 99 -15.55 -10.21 3.20
C GLU B 99 -14.83 -11.32 3.95
N ILE B 100 -13.52 -11.32 3.82
CA ILE B 100 -12.66 -12.38 4.33
C ILE B 100 -12.46 -12.23 5.85
N PRO B 101 -12.95 -13.20 6.63
CA PRO B 101 -12.81 -13.11 8.08
C PRO B 101 -11.41 -13.50 8.55
N GLU B 102 -11.18 -13.46 9.86
CA GLU B 102 -9.89 -13.86 10.42
C GLU B 102 -9.74 -15.38 10.31
N ALA B 103 -8.58 -15.81 9.84
CA ALA B 103 -8.32 -17.21 9.57
C ALA B 103 -7.96 -17.99 10.85
N ASP B 104 -8.57 -19.16 11.01
CA ASP B 104 -8.05 -20.18 11.89
C ASP B 104 -6.97 -20.99 11.17
N VAL B 105 -7.23 -21.32 9.91
CA VAL B 105 -6.31 -22.10 9.09
C VAL B 105 -6.08 -21.35 7.79
N THR B 106 -4.82 -21.28 7.37
CA THR B 106 -4.44 -20.59 6.14
C THR B 106 -3.78 -21.58 5.20
N VAL B 107 -4.35 -21.72 4.00
CA VAL B 107 -3.74 -22.54 2.94
C VAL B 107 -3.47 -21.65 1.74
N LYS B 108 -2.29 -21.77 1.17
CA LYS B 108 -1.97 -21.14 -0.10
C LYS B 108 -2.02 -22.20 -1.20
N VAL B 109 -2.88 -22.01 -2.20
CA VAL B 109 -3.03 -22.97 -3.30
C VAL B 109 -2.50 -22.37 -4.62
N THR B 110 -1.71 -23.15 -5.34
CA THR B 110 -1.19 -22.72 -6.62
C THR B 110 -1.65 -23.71 -7.71
N GLY B 111 -2.24 -23.17 -8.77
CA GLY B 111 -2.61 -23.99 -9.91
C GLY B 111 -1.46 -24.10 -10.89
N TYR B 112 -1.18 -25.33 -11.33
CA TYR B 112 -0.21 -25.60 -12.37
C TYR B 112 -0.86 -26.43 -13.45
N GLN B 113 -0.26 -26.44 -14.61
CA GLN B 113 -0.61 -27.40 -15.64
C GLN B 113 0.09 -28.74 -15.33
N TRP B 114 -0.60 -29.81 -14.90
CA TRP B 114 -2.02 -29.85 -14.53
C TRP B 114 -2.16 -30.58 -13.19
N TYR B 115 -2.08 -29.78 -12.11
CA TYR B 115 -2.15 -30.27 -10.75
C TYR B 115 -2.24 -29.06 -9.83
N TRP B 116 -2.54 -29.29 -8.57
CA TRP B 116 -2.56 -28.21 -7.59
C TRP B 116 -1.42 -28.36 -6.57
N GLY B 117 -0.84 -27.24 -6.15
CA GLY B 117 0.16 -27.25 -5.08
C GLY B 117 -0.45 -26.58 -3.87
N TYR B 118 -0.27 -27.18 -2.69
CA TYR B 118 -0.79 -26.61 -1.45
C TYR B 118 0.36 -26.31 -0.50
N GLU B 119 0.26 -25.19 0.19
CA GLU B 119 1.22 -24.83 1.21
C GLU B 119 0.44 -24.34 2.43
N TYR B 120 0.83 -24.83 3.60
CA TYR B 120 0.24 -24.37 4.86
C TYR B 120 1.30 -23.50 5.53
N PRO B 121 1.24 -22.16 5.36
CA PRO B 121 2.32 -21.30 5.85
C PRO B 121 2.58 -21.39 7.36
N ASP B 122 1.54 -21.52 8.17
CA ASP B 122 1.67 -21.65 9.63
C ASP B 122 2.32 -22.98 10.05
N GLU B 123 2.27 -23.97 9.17
CA GLU B 123 2.68 -25.32 9.52
C GLU B 123 3.93 -25.77 8.79
N GLU B 124 4.39 -24.92 7.86
CA GLU B 124 5.51 -25.28 7.00
C GLU B 124 5.30 -26.63 6.30
N ILE B 125 4.08 -26.87 5.85
CA ILE B 125 3.75 -28.04 5.02
C ILE B 125 3.47 -27.61 3.58
N SER B 126 4.05 -28.32 2.62
CA SER B 126 3.67 -28.17 1.23
C SER B 126 3.68 -29.52 0.55
N PHE B 127 2.88 -29.63 -0.50
CA PHE B 127 2.71 -30.86 -1.26
C PHE B 127 1.91 -30.55 -2.53
N GLU B 128 1.95 -31.48 -3.46
CA GLU B 128 1.22 -31.39 -4.72
C GLU B 128 0.11 -32.44 -4.79
N SER B 129 -0.98 -32.11 -5.48
CA SER B 129 -2.13 -33.00 -5.62
C SER B 129 -2.45 -33.24 -7.07
N TYR B 130 -2.37 -34.51 -7.44
CA TYR B 130 -2.61 -34.98 -8.79
C TYR B 130 -3.85 -35.85 -8.81
N MET B 131 -4.57 -35.84 -9.93
CA MET B 131 -5.69 -36.76 -10.12
C MET B 131 -5.16 -38.19 -10.02
N ILE B 132 -5.89 -39.02 -9.29
CA ILE B 132 -5.63 -40.45 -9.34
C ILE B 132 -5.98 -40.92 -10.75
N GLY B 133 -4.98 -41.44 -11.46
CA GLY B 133 -5.13 -41.79 -12.87
C GLY B 133 -4.40 -40.85 -13.83
N SER B 134 -3.85 -39.74 -13.32
CA SER B 134 -3.00 -38.84 -14.12
C SER B 134 -1.64 -39.51 -14.40
N PRO B 135 -0.87 -38.98 -15.38
CA PRO B 135 0.50 -39.52 -15.57
C PRO B 135 1.34 -39.56 -14.29
N ALA B 136 1.16 -38.60 -13.37
CA ALA B 136 1.90 -38.61 -12.10
C ALA B 136 1.71 -39.88 -11.28
N THR B 137 0.49 -40.45 -11.30
CA THR B 137 0.22 -41.68 -10.57
C THR B 137 0.39 -42.92 -11.46
N GLY B 138 0.93 -42.72 -12.66
CA GLY B 138 1.16 -43.84 -13.56
C GLY B 138 0.10 -44.07 -14.61
N GLY B 139 -0.91 -43.21 -14.66
CA GLY B 139 -2.03 -43.43 -15.58
C GLY B 139 -1.95 -42.54 -16.81
N ASP B 140 -3.02 -42.50 -17.59
CA ASP B 140 -3.08 -41.55 -18.69
C ASP B 140 -4.47 -40.98 -18.80
N ASN B 141 -5.01 -40.58 -17.64
CA ASN B 141 -6.28 -39.85 -17.52
C ASN B 141 -7.53 -40.66 -17.90
N ARG B 142 -7.45 -41.98 -17.76
CA ARG B 142 -8.60 -42.86 -18.04
C ARG B 142 -8.70 -43.96 -17.00
N MET B 143 -9.89 -44.55 -16.88
CA MET B 143 -10.09 -45.68 -15.98
C MET B 143 -9.31 -46.89 -16.47
N SER B 144 -8.79 -47.65 -15.51
CA SER B 144 -8.15 -48.94 -15.77
C SER B 144 -8.19 -49.74 -14.47
N PRO B 145 -7.92 -51.06 -14.55
CA PRO B 145 -7.76 -51.84 -13.31
C PRO B 145 -6.79 -51.22 -12.32
N GLU B 146 -5.62 -50.79 -12.81
CA GLU B 146 -4.66 -50.09 -11.97
C GLU B 146 -5.21 -48.83 -11.29
N VAL B 147 -5.91 -47.98 -12.05
CA VAL B 147 -6.53 -46.78 -11.49
C VAL B 147 -7.59 -47.12 -10.43
N GLU B 148 -8.41 -48.14 -10.69
CA GLU B 148 -9.43 -48.55 -9.71
C GLU B 148 -8.76 -48.99 -8.42
N GLN B 149 -7.70 -49.79 -8.53
CA GLN B 149 -6.93 -50.22 -7.37
C GLN B 149 -6.40 -49.04 -6.57
N GLN B 150 -5.82 -48.06 -7.26
CA GLN B 150 -5.32 -46.86 -6.59
C GLN B 150 -6.44 -46.07 -5.91
N LEU B 151 -7.60 -46.04 -6.55
CA LEU B 151 -8.76 -45.35 -5.95
C LEU B 151 -9.15 -46.09 -4.66
N ILE B 152 -9.25 -47.42 -4.74
CA ILE B 152 -9.56 -48.26 -3.58
C ILE B 152 -8.55 -48.00 -2.45
N GLU B 153 -7.27 -48.08 -2.78
CA GLU B 153 -6.17 -47.91 -1.79
C GLU B 153 -6.23 -46.57 -1.08
N ALA B 154 -6.68 -45.53 -1.79
CA ALA B 154 -6.72 -44.17 -1.24
C ALA B 154 -8.00 -43.91 -0.46
N GLY B 155 -8.87 -44.91 -0.36
CA GLY B 155 -10.11 -44.77 0.42
C GLY B 155 -11.31 -44.35 -0.40
N TYR B 156 -11.23 -44.55 -1.72
CA TYR B 156 -12.33 -44.20 -2.63
C TYR B 156 -12.83 -45.42 -3.37
N SER B 157 -13.61 -45.20 -4.42
CA SER B 157 -14.11 -46.28 -5.24
C SER B 157 -14.02 -45.83 -6.68
N ARG B 158 -14.35 -46.74 -7.58
CA ARG B 158 -14.39 -46.48 -9.00
C ARG B 158 -15.19 -45.19 -9.33
N ASP B 159 -16.22 -44.94 -8.52
CA ASP B 159 -17.18 -43.86 -8.76
C ASP B 159 -16.60 -42.46 -8.60
N GLU B 160 -15.47 -42.37 -7.89
CA GLU B 160 -14.81 -41.12 -7.61
C GLU B 160 -13.75 -40.79 -8.65
N PHE B 161 -13.57 -41.65 -9.67
CA PHE B 161 -12.64 -41.32 -10.75
C PHE B 161 -12.98 -39.95 -11.37
N LEU B 162 -11.91 -39.16 -11.59
CA LEU B 162 -11.94 -37.78 -12.11
C LEU B 162 -12.08 -36.73 -11.03
N LEU B 163 -12.46 -37.16 -9.84
CA LEU B 163 -12.62 -36.28 -8.69
C LEU B 163 -11.51 -36.45 -7.65
N ALA B 164 -11.15 -37.71 -7.39
CA ALA B 164 -10.20 -38.03 -6.33
C ALA B 164 -8.77 -37.74 -6.75
N THR B 165 -8.01 -37.15 -5.83
CA THR B 165 -6.58 -36.86 -6.01
C THR B 165 -5.74 -37.76 -5.07
N ASP B 166 -4.45 -37.90 -5.36
CA ASP B 166 -3.57 -38.76 -4.55
C ASP B 166 -3.41 -38.21 -3.13
N THR B 167 -3.34 -36.90 -2.99
CA THR B 167 -3.24 -36.23 -1.69
C THR B 167 -4.38 -35.23 -1.56
N ALA B 168 -4.81 -34.95 -0.33
CA ALA B 168 -5.94 -34.08 -0.11
C ALA B 168 -5.55 -32.89 0.73
N MET B 169 -6.25 -31.78 0.53
CA MET B 169 -6.17 -30.65 1.42
C MET B 169 -6.96 -31.00 2.67
N VAL B 170 -6.28 -31.14 3.80
CA VAL B 170 -6.95 -31.55 5.04
C VAL B 170 -7.16 -30.34 5.94
N VAL B 171 -8.37 -30.19 6.48
CA VAL B 171 -8.71 -29.07 7.35
C VAL B 171 -9.62 -29.54 8.51
N PRO B 172 -9.60 -28.80 9.64
CA PRO B 172 -10.48 -29.15 10.76
C PRO B 172 -11.90 -28.60 10.60
N VAL B 173 -12.88 -29.39 11.03
CA VAL B 173 -14.28 -28.99 11.05
C VAL B 173 -14.54 -27.75 11.94
N ASN B 174 -15.53 -26.95 11.54
CA ASN B 174 -16.00 -25.79 12.30
C ASN B 174 -14.93 -24.75 12.57
N LYS B 175 -13.94 -24.68 11.70
CA LYS B 175 -12.91 -23.64 11.77
C LYS B 175 -12.92 -22.82 10.49
N THR B 176 -12.56 -21.56 10.61
CA THR B 176 -12.48 -20.65 9.48
C THR B 176 -11.20 -20.91 8.68
N VAL B 177 -11.39 -21.36 7.44
CA VAL B 177 -10.28 -21.59 6.53
C VAL B 177 -10.21 -20.48 5.50
N VAL B 178 -9.04 -19.86 5.38
CA VAL B 178 -8.81 -18.88 4.35
C VAL B 178 -7.83 -19.50 3.36
N VAL B 179 -8.23 -19.52 2.09
CA VAL B 179 -7.41 -20.05 1.02
C VAL B 179 -6.93 -18.89 0.14
N GLN B 180 -5.63 -18.80 -0.05
CA GLN B 180 -5.06 -17.84 -0.98
C GLN B 180 -4.75 -18.56 -2.27
N VAL B 181 -5.25 -18.03 -3.38
CA VAL B 181 -5.23 -18.75 -4.66
C VAL B 181 -4.43 -17.99 -5.71
N THR B 182 -3.45 -18.64 -6.31
CA THR B 182 -2.75 -18.06 -7.45
C THR B 182 -2.47 -19.10 -8.51
N GLY B 183 -2.07 -18.65 -9.70
CA GLY B 183 -1.70 -19.55 -10.79
C GLY B 183 -0.21 -19.43 -11.07
N ALA B 184 0.41 -20.53 -11.49
CA ALA B 184 1.84 -20.57 -11.74
C ALA B 184 2.19 -20.36 -13.20
N ASP B 185 1.25 -20.67 -14.09
CA ASP B 185 1.60 -20.69 -15.52
C ASP B 185 0.47 -20.08 -16.36
N VAL B 186 -0.73 -20.66 -16.31
CA VAL B 186 -1.90 -20.08 -16.95
C VAL B 186 -2.94 -19.90 -15.87
N ILE B 187 -4.09 -19.34 -16.23
CA ILE B 187 -5.21 -19.26 -15.31
C ILE B 187 -5.88 -20.62 -15.10
N HIS B 188 -6.04 -20.99 -13.83
CA HIS B 188 -6.83 -22.16 -13.42
C HIS B 188 -7.93 -21.61 -12.55
N SER B 189 -8.80 -22.47 -12.03
CA SER B 189 -9.76 -21.98 -11.05
C SER B 189 -10.07 -23.03 -10.01
N TRP B 190 -9.96 -22.63 -8.73
CA TRP B 190 -10.08 -23.55 -7.61
C TRP B 190 -11.49 -23.40 -7.03
N THR B 191 -12.16 -24.53 -6.82
CA THR B 191 -13.53 -24.48 -6.39
C THR B 191 -13.90 -25.71 -5.61
N VAL B 192 -14.83 -25.54 -4.68
CA VAL B 192 -15.49 -26.70 -4.05
C VAL B 192 -16.97 -26.40 -3.91
N PRO B 193 -17.82 -27.00 -4.77
CA PRO B 193 -19.27 -26.73 -4.74
C PRO B 193 -19.93 -26.86 -3.38
N ALA B 194 -19.50 -27.82 -2.57
CA ALA B 194 -20.10 -28.03 -1.26
C ALA B 194 -19.83 -26.86 -0.31
N PHE B 195 -18.75 -26.12 -0.56
CA PHE B 195 -18.41 -24.97 0.29
C PHE B 195 -18.95 -23.68 -0.32
N GLY B 196 -19.36 -23.70 -1.59
CA GLY B 196 -19.89 -22.51 -2.24
C GLY B 196 -18.78 -21.52 -2.53
N VAL B 197 -17.62 -22.05 -2.91
CA VAL B 197 -16.46 -21.22 -3.19
C VAL B 197 -15.89 -21.53 -4.56
N LYS B 198 -15.38 -20.48 -5.20
CA LYS B 198 -14.72 -20.56 -6.49
C LYS B 198 -13.91 -19.29 -6.66
N GLN B 199 -12.66 -19.45 -7.06
CA GLN B 199 -11.80 -18.31 -7.24
C GLN B 199 -10.78 -18.62 -8.29
N ASP B 200 -10.69 -17.74 -9.31
CA ASP B 200 -9.70 -17.95 -10.35
C ASP B 200 -8.30 -17.87 -9.77
N ALA B 201 -7.41 -18.68 -10.36
CA ALA B 201 -6.02 -18.78 -9.96
C ALA B 201 -5.18 -18.09 -11.02
N VAL B 202 -5.01 -16.79 -10.88
CA VAL B 202 -4.39 -15.97 -11.94
C VAL B 202 -2.89 -15.77 -11.68
N PRO B 203 -2.04 -16.10 -12.66
CA PRO B 203 -0.60 -15.78 -12.53
C PRO B 203 -0.37 -14.32 -12.19
N GLY B 204 0.43 -14.07 -11.15
CA GLY B 204 0.81 -12.71 -10.74
C GLY B 204 -0.13 -12.09 -9.72
N ARG B 205 -1.23 -12.78 -9.42
CA ARG B 205 -2.22 -12.28 -8.49
C ARG B 205 -2.50 -13.29 -7.38
N LEU B 206 -2.64 -12.79 -6.17
CA LEU B 206 -3.04 -13.61 -5.03
C LEU B 206 -4.43 -13.19 -4.56
N ALA B 207 -5.41 -14.08 -4.73
CA ALA B 207 -6.78 -13.80 -4.37
C ALA B 207 -7.18 -14.68 -3.19
N GLN B 208 -8.20 -14.27 -2.45
CA GLN B 208 -8.58 -15.02 -1.28
C GLN B 208 -10.03 -15.42 -1.31
N LEU B 209 -10.33 -16.55 -0.66
CA LEU B 209 -11.69 -17.00 -0.41
C LEU B 209 -11.70 -17.54 1.00
N TRP B 210 -12.89 -17.74 1.56
CA TRP B 210 -13.00 -18.39 2.86
C TRP B 210 -14.13 -19.39 2.86
N PHE B 211 -14.04 -20.35 3.76
CA PHE B 211 -15.14 -21.23 4.09
C PHE B 211 -14.97 -21.74 5.52
N ARG B 212 -16.09 -22.13 6.13
CA ARG B 212 -16.06 -22.84 7.39
C ARG B 212 -16.92 -24.07 7.19
N ALA B 213 -16.31 -25.24 7.24
CA ALA B 213 -17.05 -26.49 7.02
C ALA B 213 -17.79 -26.89 8.29
N GLU B 214 -19.04 -27.32 8.14
CA GLU B 214 -19.94 -27.58 9.26
C GLU B 214 -20.14 -29.07 9.49
N ARG B 215 -19.48 -29.89 8.69
CA ARG B 215 -19.45 -31.32 8.94
C ARG B 215 -18.20 -31.93 8.35
N GLU B 216 -17.83 -33.08 8.90
CA GLU B 216 -16.69 -33.84 8.44
C GLU B 216 -17.09 -34.61 7.19
N GLY B 217 -16.09 -34.90 6.36
CA GLY B 217 -16.27 -35.76 5.21
C GLY B 217 -15.35 -35.35 4.08
N ILE B 218 -15.66 -35.86 2.90
CA ILE B 218 -14.86 -35.65 1.71
C ILE B 218 -15.66 -34.78 0.72
N PHE B 219 -14.99 -33.79 0.13
CA PHE B 219 -15.62 -32.81 -0.75
C PHE B 219 -14.73 -32.58 -1.96
N PHE B 220 -15.31 -32.63 -3.14
CA PHE B 220 -14.57 -32.57 -4.39
C PHE B 220 -14.86 -31.31 -5.19
N GLY B 221 -13.84 -30.75 -5.82
CA GLY B 221 -14.03 -29.78 -6.90
C GLY B 221 -13.21 -30.15 -8.13
N GLN B 222 -13.42 -29.41 -9.24
CA GLN B 222 -12.68 -29.62 -10.48
C GLN B 222 -12.22 -28.27 -11.07
N CYS B 223 -11.04 -28.24 -11.70
CA CYS B 223 -10.48 -27.01 -12.23
C CYS B 223 -11.52 -26.32 -13.13
N SER B 224 -11.76 -25.04 -12.86
CA SER B 224 -12.83 -24.32 -13.52
C SER B 224 -12.40 -23.14 -14.38
N GLU B 225 -11.18 -23.17 -14.89
CA GLU B 225 -10.85 -22.27 -16.00
C GLU B 225 -10.02 -23.05 -16.98
N LEU B 226 -10.48 -23.08 -18.23
CA LEU B 226 -9.79 -23.85 -19.24
C LEU B 226 -8.33 -23.45 -19.29
N CYS B 227 -7.46 -24.45 -19.16
CA CYS B 227 -6.03 -24.26 -18.92
C CYS B 227 -5.19 -25.18 -19.78
N GLY B 228 -5.76 -25.77 -20.83
CA GLY B 228 -4.99 -26.61 -21.72
C GLY B 228 -5.45 -28.05 -21.71
N ILE B 229 -4.55 -28.94 -22.12
CA ILE B 229 -4.91 -30.31 -22.51
C ILE B 229 -5.55 -31.14 -21.39
N SER B 230 -5.13 -30.93 -20.14
CA SER B 230 -5.63 -31.74 -19.02
C SER B 230 -6.43 -30.95 -18.01
N HIS B 231 -7.12 -29.92 -18.51
CA HIS B 231 -8.10 -29.10 -17.77
C HIS B 231 -9.14 -30.00 -17.06
N ALA B 232 -9.57 -31.05 -17.76
CA ALA B 232 -10.58 -32.00 -17.25
C ALA B 232 -10.02 -32.97 -16.19
N TYR B 233 -8.71 -32.88 -15.96
CA TYR B 233 -7.96 -33.87 -15.19
C TYR B 233 -7.07 -33.32 -14.08
N MET B 234 -7.50 -32.26 -13.40
CA MET B 234 -6.77 -31.73 -12.23
C MET B 234 -7.72 -31.26 -11.12
N PRO B 235 -8.40 -32.23 -10.46
CA PRO B 235 -9.40 -31.90 -9.48
C PRO B 235 -8.84 -31.61 -8.09
N ILE B 236 -9.77 -31.36 -7.17
CA ILE B 236 -9.53 -30.85 -5.84
C ILE B 236 -10.24 -31.80 -4.87
N THR B 237 -9.50 -32.33 -3.91
CA THR B 237 -10.07 -33.08 -2.82
C THR B 237 -9.80 -32.35 -1.49
N VAL B 238 -10.86 -32.06 -0.76
CA VAL B 238 -10.78 -31.52 0.59
C VAL B 238 -11.33 -32.54 1.57
N LYS B 239 -10.54 -32.84 2.60
CA LYS B 239 -11.02 -33.69 3.69
C LYS B 239 -11.25 -32.80 4.90
N VAL B 240 -12.47 -32.79 5.41
CA VAL B 240 -12.76 -32.07 6.65
C VAL B 240 -12.81 -33.09 7.80
N VAL B 241 -12.04 -32.86 8.85
CA VAL B 241 -11.85 -33.84 9.92
C VAL B 241 -11.95 -33.18 11.30
N SER B 242 -11.93 -34.01 12.36
CA SER B 242 -11.94 -33.47 13.71
C SER B 242 -10.68 -32.62 13.92
N GLU B 243 -10.72 -31.71 14.88
CA GLU B 243 -9.53 -30.97 15.30
C GLU B 243 -8.34 -31.89 15.65
N GLU B 244 -8.63 -33.03 16.26
CA GLU B 244 -7.59 -33.98 16.68
C GLU B 244 -6.99 -34.73 15.50
N ALA B 245 -7.85 -35.22 14.59
CA ALA B 245 -7.39 -35.85 13.36
C ALA B 245 -6.60 -34.86 12.49
N TYR B 246 -6.99 -33.58 12.52
CA TYR B 246 -6.25 -32.57 11.79
C TYR B 246 -4.84 -32.43 12.36
N ALA B 247 -4.74 -32.27 13.68
CA ALA B 247 -3.43 -32.22 14.35
C ALA B 247 -2.59 -33.47 14.04
N ALA B 248 -3.22 -34.65 14.07
CA ALA B 248 -2.51 -35.90 13.76
C ALA B 248 -1.90 -35.87 12.36
N TRP B 249 -2.68 -35.37 11.40
CA TRP B 249 -2.24 -35.24 10.02
C TRP B 249 -1.07 -34.26 9.96
N LEU B 250 -1.18 -33.14 10.68
CA LEU B 250 -0.06 -32.20 10.77
C LEU B 250 1.22 -32.85 11.31
N GLU B 251 1.08 -33.60 12.41
CA GLU B 251 2.26 -34.22 13.02
C GLU B 251 2.90 -35.23 12.08
N GLN B 252 2.08 -35.99 11.35
CA GLN B 252 2.60 -36.90 10.32
C GLN B 252 3.53 -36.21 9.32
N HIS B 253 3.29 -34.92 9.09
CA HIS B 253 4.10 -34.15 8.15
C HIS B 253 5.32 -33.49 8.80
N HIS B 254 5.38 -33.45 10.13
CA HIS B 254 6.47 -32.77 10.83
C HIS B 254 7.79 -33.54 10.71
N HIS B 255 8.82 -32.88 10.20
CA HIS B 255 10.17 -33.47 10.09
C HIS B 255 11.00 -33.14 11.32
N HIS B 256 11.42 -34.17 12.05
CA HIS B 256 12.19 -33.98 13.29
C HIS B 256 13.69 -33.99 13.03
N TRP C 4 -2.25 -4.05 15.97
CA TRP C 4 -1.55 -3.02 16.79
C TRP C 4 -1.24 -1.76 15.98
N PHE C 5 -0.68 -1.96 14.79
CA PHE C 5 -0.25 -0.87 13.90
C PHE C 5 -1.39 -0.20 13.12
N MET C 6 -2.48 -0.94 12.90
CA MET C 6 -3.68 -0.42 12.23
C MET C 6 -4.45 0.56 13.09
N SER C 7 -4.40 0.33 14.42
CA SER C 7 -5.26 1.03 15.37
C SER C 7 -5.11 2.54 15.36
N THR C 8 -6.25 3.23 15.35
CA THR C 8 -6.29 4.69 15.39
C THR C 8 -6.64 5.16 16.81
N ASN C 9 -6.63 4.22 17.75
CA ASN C 9 -6.92 4.50 19.14
C ASN C 9 -5.69 5.06 19.88
N HIS C 10 -5.89 6.20 20.54
CA HIS C 10 -4.83 6.92 21.26
C HIS C 10 -3.99 6.09 22.23
N LYS C 11 -4.62 5.13 22.90
CA LYS C 11 -3.90 4.21 23.79
C LYS C 11 -2.96 3.29 23.02
N ASP C 12 -3.41 2.81 21.86
CA ASP C 12 -2.60 1.94 21.03
C ASP C 12 -1.44 2.70 20.39
N ILE C 13 -1.75 3.90 19.87
CA ILE C 13 -0.74 4.80 19.31
C ILE C 13 0.31 5.17 20.36
N GLY C 14 -0.15 5.62 21.53
CA GLY C 14 0.70 5.91 22.67
C GLY C 14 1.73 4.82 22.96
N VAL C 15 1.25 3.58 23.05
CA VAL C 15 2.11 2.42 23.31
C VAL C 15 3.10 2.14 22.17
N LEU C 16 2.67 2.40 20.93
CA LEU C 16 3.55 2.23 19.77
C LEU C 16 4.71 3.23 19.83
N TYR C 17 4.40 4.50 20.05
CA TYR C 17 5.42 5.53 20.27
C TYR C 17 6.41 5.14 21.38
N LEU C 18 5.90 4.66 22.52
CA LEU C 18 6.74 4.28 23.66
C LEU C 18 7.74 3.18 23.34
N PHE C 19 7.26 2.08 22.77
CA PHE C 19 8.11 0.96 22.36
C PHE C 19 9.12 1.31 21.28
N THR C 20 8.70 2.14 20.32
CA THR C 20 9.57 2.56 19.21
C THR C 20 10.63 3.52 19.73
N GLY C 21 10.18 4.58 20.43
CA GLY C 21 11.04 5.45 21.22
C GLY C 21 12.12 4.69 21.96
N GLY C 22 11.72 3.65 22.69
CA GLY C 22 12.65 2.81 23.45
C GLY C 22 13.64 2.03 22.60
N LEU C 23 13.22 1.57 21.43
CA LEU C 23 14.08 0.82 20.53
C LEU C 23 15.13 1.73 19.86
N VAL C 24 14.69 2.87 19.33
CA VAL C 24 15.58 3.88 18.78
C VAL C 24 16.58 4.34 19.85
N GLY C 25 16.06 4.61 21.05
CA GLY C 25 16.88 4.93 22.23
C GLY C 25 17.99 3.93 22.47
N LEU C 26 17.66 2.65 22.39
CA LEU C 26 18.67 1.59 22.54
C LEU C 26 19.76 1.67 21.45
N ILE C 27 19.36 2.00 20.23
CA ILE C 27 20.31 2.11 19.13
C ILE C 27 21.21 3.34 19.34
N SER C 28 20.60 4.49 19.58
CA SER C 28 21.36 5.70 19.88
C SER C 28 22.30 5.53 21.10
N VAL C 29 21.83 4.82 22.13
CA VAL C 29 22.66 4.56 23.33
C VAL C 29 23.81 3.59 23.04
N ALA C 30 23.56 2.62 22.16
CA ALA C 30 24.63 1.74 21.66
C ALA C 30 25.74 2.56 20.95
N PHE C 31 25.35 3.55 20.15
CA PHE C 31 26.33 4.51 19.57
C PHE C 31 27.24 5.12 20.64
N THR C 32 26.63 5.58 21.74
CA THR C 32 27.38 6.26 22.80
C THR C 32 28.37 5.33 23.49
N VAL C 33 28.04 4.04 23.55
CA VAL C 33 28.97 3.05 24.12
C VAL C 33 30.19 2.98 23.24
N TYR C 34 29.97 2.93 21.93
CA TYR C 34 31.06 2.90 20.98
C TYR C 34 31.88 4.20 21.04
N MET C 35 31.19 5.34 21.06
CA MET C 35 31.81 6.66 21.27
C MET C 35 32.70 6.68 22.51
N ARG C 36 32.18 6.15 23.62
CA ARG C 36 32.93 6.14 24.87
C ARG C 36 34.04 5.10 24.94
N MET C 37 33.94 4.04 24.13
CA MET C 37 35.05 3.12 23.97
C MET C 37 36.26 3.86 23.36
N GLU C 38 36.02 4.60 22.27
CA GLU C 38 37.06 5.40 21.62
C GLU C 38 37.57 6.55 22.50
N LEU C 39 36.70 7.16 23.30
CA LEU C 39 37.14 8.29 24.15
C LEU C 39 37.77 7.86 25.46
N MET C 40 37.68 6.56 25.76
CA MET C 40 38.23 6.04 27.00
C MET C 40 39.74 6.28 27.13
N ALA C 41 40.43 6.30 25.99
CA ALA C 41 41.88 6.53 26.02
C ALA C 41 42.33 7.38 24.83
N PRO C 42 43.33 8.25 25.04
CA PRO C 42 43.84 9.07 23.94
C PRO C 42 44.53 8.18 22.91
N GLY C 43 44.65 8.66 21.67
CA GLY C 43 45.07 7.83 20.56
C GLY C 43 43.84 7.12 20.09
N VAL C 44 43.71 6.91 18.78
CA VAL C 44 42.56 6.23 18.19
C VAL C 44 42.86 4.73 18.07
N GLN C 45 41.97 3.90 18.63
CA GLN C 45 42.16 2.44 18.66
C GLN C 45 41.06 1.65 17.97
N PHE C 46 39.88 2.25 17.82
CA PHE C 46 38.72 1.54 17.27
C PHE C 46 38.34 2.04 15.88
N MET C 47 38.25 3.35 15.71
CA MET C 47 37.74 3.91 14.47
C MET C 47 38.84 4.06 13.40
N CYS C 48 39.38 2.90 13.01
CA CYS C 48 40.49 2.79 12.07
C CYS C 48 39.99 2.78 10.63
N ALA C 49 40.71 3.49 9.76
CA ALA C 49 40.49 3.44 8.32
C ALA C 49 40.69 2.01 7.75
N GLU C 50 41.56 1.24 8.39
CA GLU C 50 41.82 -0.13 7.98
C GLU C 50 40.54 -0.99 7.97
N HIS C 51 39.58 -0.65 8.84
CA HIS C 51 38.28 -1.35 8.90
C HIS C 51 37.38 -1.06 7.71
N LEU C 52 37.74 -0.07 6.89
CA LEU C 52 37.01 0.24 5.66
C LEU C 52 37.36 -0.71 4.50
N GLU C 53 38.50 -1.39 4.62
CA GLU C 53 38.94 -2.40 3.65
C GLU C 53 38.03 -3.63 3.69
N SER C 54 37.55 -3.97 4.90
CA SER C 54 36.60 -5.06 5.09
C SER C 54 35.20 -4.67 4.62
N GLY C 55 34.28 -5.64 4.67
CA GLY C 55 32.87 -5.37 4.37
C GLY C 55 32.18 -4.67 5.54
N LEU C 56 30.90 -4.34 5.35
CA LEU C 56 30.10 -3.70 6.39
C LEU C 56 29.94 -4.59 7.62
N VAL C 57 29.40 -5.79 7.42
CA VAL C 57 29.21 -6.75 8.51
C VAL C 57 30.54 -7.28 9.05
N LYS C 58 31.52 -7.46 8.17
CA LYS C 58 32.86 -7.94 8.54
C LYS C 58 33.62 -6.92 9.40
N GLY C 59 33.79 -5.70 8.88
CA GLY C 59 34.53 -4.63 9.56
C GLY C 59 33.92 -4.21 10.89
N PHE C 60 32.58 -4.19 10.95
CA PHE C 60 31.81 -3.90 12.16
C PHE C 60 32.41 -4.51 13.43
N PHE C 61 32.64 -5.82 13.39
CA PHE C 61 33.11 -6.55 14.58
C PHE C 61 34.61 -6.35 14.85
N GLN C 62 35.36 -6.08 13.78
CA GLN C 62 36.78 -5.74 13.92
C GLN C 62 36.93 -4.38 14.59
N SER C 63 36.01 -3.46 14.26
CA SER C 63 36.00 -2.12 14.82
C SER C 63 35.57 -2.07 16.29
N LEU C 64 35.04 -3.18 16.80
CA LEU C 64 34.66 -3.28 18.21
C LEU C 64 35.80 -3.77 19.09
N TRP C 65 36.90 -4.11 18.44
CA TRP C 65 38.10 -4.58 19.12
C TRP C 65 39.23 -3.56 18.94
N PRO C 66 40.02 -3.31 20.00
CA PRO C 66 41.06 -2.28 19.89
C PRO C 66 42.29 -2.70 19.08
N SER C 67 42.85 -1.74 18.34
CA SER C 67 44.11 -1.92 17.65
C SER C 67 45.17 -1.05 18.30
N ALA C 68 46.43 -1.38 18.07
CA ALA C 68 47.53 -0.52 18.46
C ALA C 68 47.51 0.71 17.57
N VAL C 69 47.91 1.86 18.13
CA VAL C 69 47.98 3.12 17.36
C VAL C 69 48.71 2.91 16.02
N GLU C 70 49.85 2.22 16.07
CA GLU C 70 50.66 1.95 14.85
C GLU C 70 49.89 1.18 13.78
N ASN C 71 48.84 0.47 14.18
CA ASN C 71 48.04 -0.30 13.23
C ASN C 71 46.68 0.32 12.91
N CYS C 72 46.46 1.53 13.42
CA CYS C 72 45.15 2.17 13.31
C CYS C 72 45.26 3.59 12.72
N THR C 73 44.85 3.73 11.46
CA THR C 73 44.81 5.04 10.82
C THR C 73 43.51 5.75 11.20
N PRO C 74 43.63 6.88 11.93
CA PRO C 74 42.43 7.53 12.47
C PRO C 74 41.43 7.88 11.39
N ASN C 75 40.17 7.55 11.63
CA ASN C 75 39.09 7.91 10.71
C ASN C 75 38.08 8.86 11.36
N GLY C 76 38.36 10.15 11.26
CA GLY C 76 37.53 11.19 11.85
C GLY C 76 36.10 11.22 11.34
N HIS C 77 35.90 10.77 10.10
CA HIS C 77 34.57 10.78 9.52
C HIS C 77 33.61 9.85 10.24
N LEU C 78 34.11 8.67 10.63
CA LEU C 78 33.28 7.72 11.37
C LEU C 78 32.82 8.32 12.70
N TRP C 79 33.74 8.98 13.39
CA TRP C 79 33.41 9.66 14.64
C TRP C 79 32.28 10.67 14.43
N ASN C 80 32.44 11.54 13.43
CA ASN C 80 31.48 12.60 13.15
C ASN C 80 30.12 12.03 12.76
N VAL C 81 30.14 10.88 12.10
CA VAL C 81 28.92 10.20 11.70
C VAL C 81 28.18 9.60 12.91
N MET C 82 28.90 8.87 13.77
CA MET C 82 28.32 8.34 15.03
C MET C 82 27.69 9.43 15.91
N ILE C 83 28.45 10.50 16.11
CA ILE C 83 28.05 11.66 16.90
C ILE C 83 26.79 12.31 16.36
N THR C 84 26.76 12.48 15.05
CA THR C 84 25.65 13.09 14.34
C THR C 84 24.42 12.18 14.45
N GLY C 85 24.64 10.89 14.25
CA GLY C 85 23.55 9.92 14.36
C GLY C 85 22.97 9.86 15.76
N HIS C 86 23.84 9.83 16.76
CA HIS C 86 23.42 9.88 18.17
C HIS C 86 22.51 11.09 18.48
N GLY C 87 22.98 12.28 18.15
CA GLY C 87 22.23 13.51 18.37
C GLY C 87 20.90 13.57 17.61
N ILE C 88 20.93 13.27 16.30
CA ILE C 88 19.70 13.29 15.49
C ILE C 88 18.63 12.30 16.00
N LEU C 89 19.03 11.06 16.29
CA LEU C 89 18.13 10.07 16.88
C LEU C 89 17.49 10.54 18.20
N MET C 90 18.32 10.99 19.13
CA MET C 90 17.83 11.48 20.42
C MET C 90 16.84 12.63 20.27
N MET C 91 17.26 13.67 19.56
CA MET C 91 16.54 14.94 19.49
C MET C 91 15.25 14.91 18.64
N PHE C 92 15.16 13.94 17.74
CA PHE C 92 14.02 13.83 16.83
C PHE C 92 13.24 12.51 16.94
N PHE C 93 13.93 11.44 17.32
CA PHE C 93 13.35 10.11 17.19
C PHE C 93 13.35 9.29 18.48
N VAL C 94 13.69 9.91 19.62
CA VAL C 94 13.63 9.21 20.91
C VAL C 94 12.74 9.90 21.96
N VAL C 95 13.20 11.00 22.53
CA VAL C 95 12.60 11.53 23.75
C VAL C 95 11.24 12.20 23.56
N ILE C 96 11.13 13.02 22.50
CA ILE C 96 9.86 13.67 22.18
C ILE C 96 8.78 12.67 21.72
N PRO C 97 9.12 11.73 20.81
CA PRO C 97 8.17 10.63 20.53
C PRO C 97 7.77 9.82 21.77
N ALA C 98 8.67 9.63 22.72
CA ALA C 98 8.36 8.90 23.95
C ALA C 98 7.46 9.70 24.88
N LEU C 99 7.84 10.94 25.18
CA LEU C 99 7.09 11.76 26.12
C LEU C 99 5.77 12.30 25.54
N PHE C 100 5.86 12.89 24.36
CA PHE C 100 4.73 13.55 23.71
C PHE C 100 3.86 12.54 22.96
N GLY C 101 4.45 11.83 22.01
CA GLY C 101 3.73 10.79 21.27
C GLY C 101 3.28 9.63 22.13
N GLY C 102 4.12 9.25 23.09
CA GLY C 102 3.88 8.08 23.96
C GLY C 102 2.91 8.39 25.08
N PHE C 103 3.40 9.06 26.13
CA PHE C 103 2.59 9.38 27.30
C PHE C 103 1.54 10.44 27.04
N GLY C 104 1.84 11.38 26.14
CA GLY C 104 0.89 12.43 25.79
C GLY C 104 -0.33 11.87 25.09
N ASN C 105 -0.13 10.94 24.14
CA ASN C 105 -1.26 10.33 23.45
C ASN C 105 -2.04 9.38 24.33
N TYR C 106 -1.33 8.57 25.11
CA TYR C 106 -1.99 7.63 26.01
C TYR C 106 -2.78 8.33 27.10
N PHE C 107 -2.15 9.30 27.78
CA PHE C 107 -2.70 9.81 29.03
C PHE C 107 -3.44 11.13 29.02
N MET C 108 -3.06 12.03 28.11
CA MET C 108 -3.73 13.34 28.04
C MET C 108 -5.25 13.23 27.83
N PRO C 109 -5.72 12.37 26.87
CA PRO C 109 -7.16 12.15 26.72
C PRO C 109 -7.82 11.60 27.99
N LEU C 110 -7.20 10.60 28.61
CA LEU C 110 -7.68 10.08 29.90
C LEU C 110 -7.78 11.18 30.95
N HIS C 111 -6.73 12.00 31.08
CA HIS C 111 -6.70 13.11 32.05
C HIS C 111 -7.83 14.13 31.91
N ILE C 112 -8.25 14.37 30.68
CA ILE C 112 -9.32 15.35 30.42
C ILE C 112 -10.69 14.68 30.27
N GLY C 113 -10.73 13.36 30.43
CA GLY C 113 -11.95 12.57 30.29
C GLY C 113 -12.53 12.61 28.90
N ALA C 114 -11.66 12.57 27.89
CA ALA C 114 -12.07 12.52 26.49
C ALA C 114 -12.18 11.07 26.05
N PRO C 115 -13.34 10.71 25.45
CA PRO C 115 -13.57 9.33 24.98
C PRO C 115 -12.58 8.96 23.88
N ALA C 116 -12.28 9.94 23.02
CA ALA C 116 -11.35 9.75 21.91
C ALA C 116 -10.65 11.08 21.57
N MET C 117 -9.72 11.03 20.63
CA MET C 117 -9.03 12.23 20.17
C MET C 117 -9.72 12.82 18.92
N ALA C 118 -9.53 14.11 18.71
CA ALA C 118 -10.16 14.85 17.60
C ALA C 118 -9.92 14.22 16.21
N PHE C 119 -8.69 13.82 15.93
CA PHE C 119 -8.35 13.28 14.61
C PHE C 119 -7.60 11.94 14.69
N PRO C 120 -8.32 10.85 15.04
CA PRO C 120 -7.69 9.53 15.22
C PRO C 120 -6.89 9.01 14.01
N ARG C 121 -7.36 9.31 12.79
CA ARG C 121 -6.65 8.98 11.56
C ARG C 121 -5.33 9.74 11.43
N MET C 122 -5.39 11.05 11.69
CA MET C 122 -4.24 11.94 11.70
C MET C 122 -3.20 11.44 12.71
N ASN C 123 -3.66 11.07 13.89
CA ASN C 123 -2.83 10.51 14.94
C ASN C 123 -2.11 9.22 14.52
N ASN C 124 -2.80 8.37 13.77
CA ASN C 124 -2.20 7.14 13.23
C ASN C 124 -1.09 7.47 12.21
N LEU C 125 -1.39 8.43 11.34
CA LEU C 125 -0.46 8.89 10.31
C LEU C 125 0.83 9.43 10.93
N SER C 126 0.67 10.35 11.89
CA SER C 126 1.80 10.90 12.65
C SER C 126 2.78 9.79 13.05
N TYR C 127 2.26 8.66 13.54
CA TYR C 127 3.13 7.57 13.93
C TYR C 127 3.97 7.01 12.77
N TRP C 128 3.33 6.79 11.62
CA TRP C 128 4.04 6.23 10.47
C TRP C 128 5.05 7.21 9.88
N LEU C 129 4.71 8.48 9.88
CA LEU C 129 5.64 9.54 9.52
C LEU C 129 6.90 9.49 10.40
N TYR C 130 6.69 9.35 11.71
CA TYR C 130 7.77 9.15 12.67
C TYR C 130 8.65 7.94 12.32
N VAL C 131 8.01 6.83 11.97
CA VAL C 131 8.72 5.60 11.58
C VAL C 131 9.48 5.77 10.26
N ALA C 132 8.86 6.49 9.31
CA ALA C 132 9.49 6.79 8.03
C ALA C 132 10.72 7.66 8.26
N GLY C 133 10.52 8.75 9.01
CA GLY C 133 11.59 9.60 9.53
C GLY C 133 12.75 8.81 10.09
N THR C 134 12.48 7.94 11.07
CA THR C 134 13.53 7.12 11.70
C THR C 134 14.28 6.26 10.69
N SER C 135 13.53 5.68 9.74
CA SER C 135 14.10 4.82 8.69
C SER C 135 15.06 5.60 7.78
N LEU C 136 14.66 6.79 7.35
CA LEU C 136 15.53 7.65 6.55
C LEU C 136 16.81 8.03 7.30
N ALA C 137 16.67 8.38 8.58
CA ALA C 137 17.81 8.74 9.45
C ALA C 137 18.81 7.61 9.54
N VAL C 138 18.32 6.39 9.77
CA VAL C 138 19.16 5.21 9.84
C VAL C 138 19.75 4.86 8.47
N ALA C 139 18.99 5.12 7.40
CA ALA C 139 19.46 4.88 6.03
C ALA C 139 20.66 5.77 5.69
N SER C 140 20.59 7.03 6.14
CA SER C 140 21.65 8.01 5.87
C SER C 140 23.01 7.51 6.36
N LEU C 141 23.00 6.72 7.43
CA LEU C 141 24.22 6.14 7.99
C LEU C 141 24.92 5.17 7.03
N PHE C 142 24.14 4.64 6.08
CA PHE C 142 24.63 3.67 5.11
C PHE C 142 24.60 4.22 3.69
N ALA C 143 24.12 5.46 3.52
CA ALA C 143 24.13 6.13 2.23
C ALA C 143 25.49 6.78 1.94
N PRO C 144 25.87 6.92 0.66
CA PRO C 144 27.10 7.63 0.27
C PRO C 144 27.14 9.05 0.84
N GLY C 145 28.22 9.38 1.55
CA GLY C 145 28.30 10.64 2.28
C GLY C 145 29.63 11.36 2.15
N GLY C 146 30.00 12.05 3.23
CA GLY C 146 31.20 12.88 3.24
C GLY C 146 32.49 12.11 3.07
N ASN C 147 33.47 12.77 2.44
CA ASN C 147 34.84 12.26 2.32
C ASN C 147 34.94 10.93 1.57
N GLY C 148 33.99 10.70 0.65
CA GLY C 148 33.89 9.45 -0.09
C GLY C 148 33.61 8.23 0.77
N GLN C 149 33.00 8.44 1.93
CA GLN C 149 32.62 7.35 2.81
C GLN C 149 31.09 7.31 2.90
N LEU C 150 30.57 6.45 3.76
CA LEU C 150 29.14 6.46 4.06
C LEU C 150 28.81 7.32 5.30
N GLY C 151 27.66 7.97 5.29
CA GLY C 151 27.18 8.73 6.44
C GLY C 151 27.47 10.22 6.40
N SER C 152 26.66 11.00 7.13
CA SER C 152 26.87 12.44 7.29
C SER C 152 27.58 12.78 8.60
N GLY C 153 28.76 13.36 8.48
CA GLY C 153 29.52 13.74 9.67
C GLY C 153 29.43 15.23 9.88
N ILE C 154 28.23 15.72 10.20
CA ILE C 154 27.96 17.16 10.11
C ILE C 154 27.35 17.80 11.37
N GLY C 155 27.23 17.01 12.43
CA GLY C 155 26.64 17.50 13.68
C GLY C 155 25.12 17.64 13.58
N TRP C 156 24.41 17.39 14.69
CA TRP C 156 22.95 17.26 14.64
C TRP C 156 22.19 18.52 14.17
N VAL C 157 22.87 19.66 14.16
CA VAL C 157 22.23 20.91 13.75
C VAL C 157 22.58 21.34 12.31
N LEU C 158 23.40 20.55 11.63
CA LEU C 158 23.65 20.67 10.18
C LEU C 158 24.12 22.04 9.67
N TYR C 159 25.06 22.67 10.39
CA TYR C 159 25.57 23.99 9.98
C TYR C 159 26.11 23.96 8.55
N PRO C 160 25.69 24.94 7.72
CA PRO C 160 26.36 25.15 6.44
C PRO C 160 27.57 26.08 6.66
N PRO C 161 28.48 26.20 5.67
CA PRO C 161 28.61 25.43 4.41
C PRO C 161 29.06 23.98 4.56
N LEU C 162 29.45 23.55 5.76
CA LEU C 162 29.82 22.14 5.94
C LEU C 162 28.72 21.18 5.45
N SER C 163 27.49 21.40 5.89
CA SER C 163 26.39 20.48 5.58
C SER C 163 25.98 20.54 4.09
N THR C 164 26.12 21.72 3.49
CA THR C 164 25.77 21.92 2.09
C THR C 164 26.86 21.45 1.11
N SER C 165 28.09 21.28 1.61
CA SER C 165 29.17 20.82 0.75
C SER C 165 29.49 19.33 0.95
N GLU C 166 28.97 18.75 2.02
CA GLU C 166 29.20 17.32 2.33
C GLU C 166 28.85 16.49 1.08
N SER C 167 29.81 15.67 0.62
CA SER C 167 29.58 14.91 -0.60
C SER C 167 28.56 13.78 -0.39
N GLY C 168 28.07 13.20 -1.49
CA GLY C 168 27.05 12.13 -1.44
C GLY C 168 25.65 12.67 -1.21
N TYR C 169 24.70 11.76 -0.91
CA TYR C 169 23.32 12.16 -0.65
C TYR C 169 22.84 11.76 0.75
N SER C 170 23.73 11.16 1.53
CA SER C 170 23.47 10.83 2.94
C SER C 170 22.81 12.00 3.68
N THR C 171 23.33 13.20 3.45
CA THR C 171 22.83 14.42 4.08
C THR C 171 21.41 14.79 3.64
N ASP C 172 21.10 14.51 2.38
CA ASP C 172 19.76 14.78 1.83
C ASP C 172 18.73 13.88 2.49
N LEU C 173 19.12 12.63 2.76
CA LEU C 173 18.30 11.65 3.47
C LEU C 173 18.06 12.07 4.92
N ALA C 174 19.10 12.63 5.54
CA ALA C 174 19.03 13.15 6.90
C ALA C 174 18.05 14.31 7.00
N ILE C 175 18.08 15.20 6.00
CA ILE C 175 17.16 16.34 5.92
C ILE C 175 15.71 15.91 5.73
N PHE C 176 15.50 14.89 4.90
CA PHE C 176 14.16 14.36 4.65
C PHE C 176 13.64 13.71 5.92
N ALA C 177 14.47 12.89 6.57
CA ALA C 177 14.18 12.32 7.90
C ALA C 177 13.63 13.35 8.89
N VAL C 178 14.32 14.48 9.00
CA VAL C 178 13.92 15.57 9.90
C VAL C 178 12.61 16.23 9.46
N HIS C 179 12.42 16.36 8.14
CA HIS C 179 11.13 16.78 7.58
C HIS C 179 9.97 15.89 8.02
N LEU C 180 10.17 14.58 7.98
CA LEU C 180 9.13 13.62 8.34
C LEU C 180 8.85 13.66 9.85
N SER C 181 9.93 13.70 10.64
CA SER C 181 9.83 13.93 12.08
C SER C 181 9.00 15.19 12.36
N GLY C 182 9.33 16.28 11.67
CA GLY C 182 8.60 17.53 11.79
C GLY C 182 7.13 17.39 11.47
N ALA C 183 6.81 16.61 10.41
CA ALA C 183 5.44 16.39 9.98
C ALA C 183 4.67 15.65 11.08
N SER C 184 5.24 14.53 11.52
CA SER C 184 4.73 13.74 12.64
C SER C 184 4.36 14.62 13.84
N SER C 185 5.32 15.44 14.29
CA SER C 185 5.15 16.31 15.44
C SER C 185 4.05 17.35 15.26
N ILE C 186 4.01 17.95 14.07
CA ILE C 186 3.02 18.98 13.75
C ILE C 186 1.59 18.42 13.76
N LEU C 187 1.40 17.28 13.09
CA LEU C 187 0.10 16.59 13.10
C LEU C 187 -0.31 16.20 14.51
N GLY C 188 0.63 15.58 15.25
CA GLY C 188 0.44 15.27 16.66
C GLY C 188 0.01 16.47 17.48
N ALA C 189 0.67 17.61 17.26
CA ALA C 189 0.33 18.86 17.96
C ALA C 189 -1.05 19.39 17.58
N ILE C 190 -1.42 19.26 16.29
CA ILE C 190 -2.74 19.70 15.83
C ILE C 190 -3.79 18.95 16.63
N ASN C 191 -3.60 17.63 16.71
CA ASN C 191 -4.47 16.70 17.40
C ASN C 191 -4.62 16.97 18.90
N MET C 192 -3.50 17.21 19.60
CA MET C 192 -3.53 17.49 21.05
C MET C 192 -4.30 18.77 21.36
N ILE C 193 -4.07 19.81 20.55
CA ILE C 193 -4.65 21.14 20.79
C ILE C 193 -6.16 21.15 20.58
N THR C 194 -6.61 20.41 19.57
CA THR C 194 -8.03 20.30 19.25
C THR C 194 -8.74 19.40 20.26
N THR C 195 -8.15 18.24 20.57
CA THR C 195 -8.67 17.32 21.59
C THR C 195 -8.80 17.97 22.97
N PHE C 196 -7.81 18.81 23.32
CA PHE C 196 -7.76 19.49 24.60
C PHE C 196 -8.81 20.61 24.71
N LEU C 197 -8.98 21.38 23.63
CA LEU C 197 -9.86 22.56 23.67
C LEU C 197 -11.34 22.20 23.46
N ASN C 198 -11.60 21.03 22.89
CA ASN C 198 -12.95 20.69 22.40
C ASN C 198 -13.58 19.44 23.00
N MET C 199 -12.76 18.48 23.41
CA MET C 199 -13.26 17.16 23.80
C MET C 199 -13.13 16.84 25.29
N ARG C 200 -12.92 17.86 26.11
CA ARG C 200 -12.90 17.72 27.57
C ARG C 200 -14.27 17.27 28.08
N ALA C 201 -14.28 16.29 28.97
CA ALA C 201 -15.51 15.79 29.60
C ALA C 201 -16.34 16.94 30.20
N PRO C 202 -17.68 16.82 30.16
CA PRO C 202 -18.55 17.83 30.78
C PRO C 202 -18.17 18.08 32.23
N GLY C 203 -17.99 19.33 32.61
CA GLY C 203 -17.56 19.68 33.97
C GLY C 203 -16.06 19.89 34.15
N MET C 204 -15.25 19.17 33.36
CA MET C 204 -13.79 19.32 33.37
C MET C 204 -13.40 20.75 32.97
N THR C 205 -13.31 21.63 33.96
CA THR C 205 -13.06 23.05 33.71
C THR C 205 -11.58 23.30 33.44
N MET C 206 -11.25 24.54 33.06
CA MET C 206 -9.88 24.94 32.73
C MET C 206 -8.92 24.74 33.92
N HIS C 207 -9.38 25.13 35.12
CA HIS C 207 -8.57 24.98 36.34
C HIS C 207 -8.76 23.63 37.06
N LYS C 208 -9.28 22.63 36.33
CA LYS C 208 -9.44 21.27 36.87
C LYS C 208 -8.59 20.25 36.09
N VAL C 209 -8.11 20.68 34.92
CA VAL C 209 -7.24 19.86 34.07
C VAL C 209 -5.93 19.54 34.81
N PRO C 210 -5.56 18.25 34.87
CA PRO C 210 -4.28 17.85 35.48
C PRO C 210 -3.07 18.50 34.79
N LEU C 211 -1.96 18.60 35.51
CA LEU C 211 -0.78 19.33 35.04
C LEU C 211 -0.10 18.66 33.85
N PHE C 212 -0.09 17.33 33.81
CA PHE C 212 0.45 16.63 32.65
C PHE C 212 -0.25 17.05 31.35
N ALA C 213 -1.59 17.08 31.37
CA ALA C 213 -2.38 17.48 30.21
C ALA C 213 -2.10 18.93 29.80
N TRP C 214 -1.92 19.80 30.79
CA TRP C 214 -1.44 21.16 30.53
C TRP C 214 -0.04 21.17 29.88
N SER C 215 0.85 20.34 30.41
CA SER C 215 2.24 20.27 29.90
C SER C 215 2.25 19.86 28.43
N ILE C 216 1.43 18.86 28.09
CA ILE C 216 1.25 18.40 26.71
C ILE C 216 0.65 19.50 25.84
N PHE C 217 -0.27 20.28 26.42
CA PHE C 217 -0.97 21.35 25.71
C PHE C 217 -0.03 22.49 25.34
N VAL C 218 0.75 22.97 26.31
CA VAL C 218 1.76 24.01 26.05
C VAL C 218 2.79 23.52 25.02
N THR C 219 3.33 22.32 25.24
CA THR C 219 4.28 21.68 24.31
C THR C 219 3.79 21.73 22.86
N ALA C 220 2.50 21.46 22.65
CA ALA C 220 1.92 21.39 21.30
C ALA C 220 1.91 22.75 20.58
N TRP C 221 1.68 23.83 21.33
CA TRP C 221 1.78 25.18 20.79
C TRP C 221 3.22 25.55 20.40
N LEU C 222 4.19 25.13 21.21
CA LEU C 222 5.60 25.35 20.92
C LEU C 222 5.97 24.66 19.60
N ILE C 223 5.54 23.41 19.46
CA ILE C 223 5.74 22.61 18.25
C ILE C 223 5.23 23.31 16.98
N LEU C 224 4.05 23.93 17.07
CA LEU C 224 3.41 24.55 15.92
C LEU C 224 4.18 25.77 15.42
N LEU C 225 4.74 26.57 16.33
CA LEU C 225 5.56 27.69 15.91
C LEU C 225 7.00 27.31 15.53
N ALA C 226 7.58 26.34 16.24
CA ALA C 226 9.00 26.01 16.06
C ALA C 226 9.29 25.14 14.83
N LEU C 227 8.53 24.06 14.67
CA LEU C 227 8.79 23.07 13.61
C LEU C 227 8.64 23.53 12.14
N PRO C 228 7.69 24.45 11.85
CA PRO C 228 7.66 25.09 10.53
C PRO C 228 8.93 25.91 10.21
N VAL C 229 9.47 26.60 11.22
CA VAL C 229 10.69 27.36 11.03
C VAL C 229 11.85 26.42 10.67
N LEU C 230 11.94 25.29 11.38
CA LEU C 230 12.96 24.30 11.08
C LEU C 230 12.79 23.77 9.66
N ALA C 231 11.53 23.51 9.27
CA ALA C 231 11.20 23.07 7.93
C ALA C 231 11.75 24.07 6.91
N GLY C 232 11.57 25.35 7.19
CA GLY C 232 12.16 26.41 6.39
C GLY C 232 13.66 26.25 6.25
N ALA C 233 14.36 26.26 7.39
CA ALA C 233 15.84 26.19 7.44
C ALA C 233 16.41 25.03 6.64
N ILE C 234 15.86 23.83 6.83
CA ILE C 234 16.44 22.65 6.21
C ILE C 234 16.12 22.53 4.72
N THR C 235 15.03 23.16 4.29
CA THR C 235 14.68 23.19 2.87
C THR C 235 15.68 24.10 2.15
N MET C 236 16.02 25.22 2.81
CA MET C 236 17.08 26.12 2.34
C MET C 236 18.44 25.42 2.18
N LEU C 237 18.76 24.50 3.08
CA LEU C 237 19.93 23.63 2.94
C LEU C 237 19.80 22.73 1.72
N LEU C 238 18.61 22.16 1.53
CA LEU C 238 18.36 21.20 0.47
C LEU C 238 18.44 21.84 -0.92
N THR C 239 18.00 23.09 -1.00
CA THR C 239 18.06 23.85 -2.25
C THR C 239 19.49 24.35 -2.54
N ASP C 240 20.23 24.70 -1.49
CA ASP C 240 21.66 25.06 -1.63
C ASP C 240 22.49 23.86 -2.10
N ARG C 241 22.05 22.65 -1.72
CA ARG C 241 22.74 21.43 -2.15
C ARG C 241 22.39 21.05 -3.59
N ASN C 242 21.10 21.13 -3.93
CA ASN C 242 20.56 20.43 -5.09
C ASN C 242 19.97 21.32 -6.19
N PHE C 243 19.48 22.49 -5.82
CA PHE C 243 18.74 23.33 -6.76
C PHE C 243 19.38 24.70 -6.93
N GLY C 244 20.70 24.74 -6.75
CA GLY C 244 21.52 25.92 -7.01
C GLY C 244 21.11 27.24 -6.39
N THR C 245 20.48 27.20 -5.22
CA THR C 245 20.28 28.43 -4.43
C THR C 245 21.58 28.72 -3.67
N THR C 246 21.73 29.96 -3.19
CA THR C 246 22.93 30.33 -2.43
C THR C 246 22.61 31.08 -1.14
N PHE C 247 21.57 30.65 -0.43
CA PHE C 247 21.14 31.29 0.83
C PHE C 247 22.28 31.42 1.86
N PHE C 248 23.15 30.43 1.90
CA PHE C 248 24.18 30.33 2.93
C PHE C 248 25.61 30.30 2.36
N GLN C 249 25.73 30.56 1.06
CA GLN C 249 27.02 30.59 0.36
C GLN C 249 27.45 32.03 0.07
N PRO C 250 28.60 32.46 0.63
CA PRO C 250 29.08 33.83 0.49
C PRO C 250 29.33 34.25 -0.97
N SER C 251 29.77 33.32 -1.81
CA SER C 251 30.06 33.59 -3.22
C SER C 251 28.80 33.91 -4.02
N GLY C 252 27.63 33.64 -3.42
CA GLY C 252 26.37 33.92 -4.06
C GLY C 252 25.62 35.04 -3.36
N GLY C 253 26.29 35.71 -2.43
CA GLY C 253 25.65 36.77 -1.64
C GLY C 253 25.06 36.31 -0.32
N GLY C 254 25.17 35.02 -0.02
CA GLY C 254 24.59 34.43 1.20
C GLY C 254 25.41 34.56 2.46
N ASP C 255 24.80 34.19 3.59
CA ASP C 255 25.44 34.27 4.92
C ASP C 255 25.15 33.00 5.74
N PRO C 256 26.20 32.21 6.03
CA PRO C 256 26.05 30.97 6.82
C PRO C 256 25.44 31.22 8.20
N VAL C 257 25.67 32.41 8.76
CA VAL C 257 25.12 32.80 10.06
C VAL C 257 23.60 33.00 10.02
N LEU C 258 23.04 33.27 8.84
CA LEU C 258 21.58 33.33 8.67
C LEU C 258 20.94 31.98 9.02
N TYR C 259 21.53 30.89 8.56
CA TYR C 259 21.01 29.57 8.90
C TYR C 259 20.94 29.36 10.40
N GLN C 260 21.97 29.81 11.12
CA GLN C 260 22.05 29.61 12.57
C GLN C 260 20.89 30.28 13.31
N HIS C 261 20.55 31.49 12.89
CA HIS C 261 19.41 32.21 13.47
C HIS C 261 18.10 31.43 13.32
N ILE C 262 17.84 30.91 12.12
CA ILE C 262 16.61 30.19 11.78
C ILE C 262 16.59 28.83 12.46
N LEU C 263 17.69 28.10 12.34
CA LEU C 263 17.89 26.84 13.08
C LEU C 263 17.65 26.99 14.59
N TRP C 264 18.32 27.94 15.24
CA TRP C 264 18.23 28.06 16.70
C TRP C 264 16.90 28.64 17.18
N PHE C 265 16.21 29.33 16.28
CA PHE C 265 14.84 29.75 16.53
C PHE C 265 13.95 28.52 16.76
N PHE C 266 14.22 27.44 16.02
CA PHE C 266 13.62 26.15 16.33
C PHE C 266 14.35 25.47 17.50
N GLY C 267 15.66 25.69 17.54
CA GLY C 267 16.55 24.87 18.35
C GLY C 267 16.40 25.07 19.84
N HIS C 268 16.20 26.30 20.28
CA HIS C 268 15.90 26.45 21.68
C HIS C 268 14.53 25.84 22.11
N PRO C 269 13.41 26.30 21.49
CA PRO C 269 12.09 25.70 21.75
C PRO C 269 12.09 24.19 21.75
N GLU C 270 12.85 23.57 20.84
CA GLU C 270 13.00 22.12 20.84
C GLU C 270 13.28 21.52 22.24
N VAL C 271 14.09 22.20 23.04
CA VAL C 271 14.49 21.62 24.33
C VAL C 271 13.41 21.80 25.41
N TYR C 272 12.62 22.86 25.29
CA TYR C 272 11.46 23.05 26.16
C TYR C 272 10.32 22.13 25.72
N ILE C 273 10.28 21.77 24.44
CA ILE C 273 9.38 20.75 23.93
C ILE C 273 9.71 19.38 24.54
N ILE C 274 11.01 19.07 24.62
CA ILE C 274 11.47 17.87 25.33
C ILE C 274 11.09 17.87 26.81
N VAL C 275 11.36 18.97 27.51
CA VAL C 275 11.31 18.91 28.98
C VAL C 275 9.93 19.14 29.62
N LEU C 276 9.07 19.94 28.99
CA LEU C 276 7.74 20.26 29.56
C LEU C 276 6.89 19.04 29.91
N PRO C 277 6.73 18.07 28.97
CA PRO C 277 5.98 16.87 29.37
C PRO C 277 6.61 16.11 30.53
N ALA C 278 7.93 16.20 30.68
CA ALA C 278 8.60 15.59 31.83
C ALA C 278 8.24 16.34 33.12
N PHE C 279 8.10 17.67 33.02
CA PHE C 279 7.63 18.47 34.15
C PHE C 279 6.26 17.97 34.62
N GLY C 280 5.35 17.74 33.66
CA GLY C 280 4.01 17.18 33.95
C GLY C 280 4.00 15.86 34.68
N ILE C 281 4.85 14.93 34.24
CA ILE C 281 4.94 13.62 34.89
C ILE C 281 5.44 13.72 36.32
N VAL C 282 6.43 14.59 36.51
CA VAL C 282 7.02 14.83 37.82
C VAL C 282 5.97 15.35 38.80
N SER C 283 5.18 16.33 38.37
CA SER C 283 4.06 16.84 39.16
C SER C 283 3.09 15.72 39.62
N HIS C 284 2.66 14.87 38.69
CA HIS C 284 1.79 13.73 39.02
C HIS C 284 2.43 12.71 39.96
N VAL C 285 3.69 12.36 39.71
CA VAL C 285 4.39 11.38 40.50
C VAL C 285 4.60 11.87 41.93
N ILE C 286 5.05 13.12 42.09
CA ILE C 286 5.40 13.64 43.39
C ILE C 286 4.12 13.84 44.24
N ALA C 287 3.07 14.35 43.62
CA ALA C 287 1.77 14.50 44.27
C ALA C 287 1.34 13.16 44.86
N THR C 288 1.43 12.12 44.05
CA THR C 288 1.01 10.78 44.42
C THR C 288 1.81 10.18 45.58
N PHE C 289 3.14 10.25 45.49
CA PHE C 289 3.99 9.56 46.46
C PHE C 289 4.36 10.40 47.68
N ALA C 290 4.07 11.69 47.63
CA ALA C 290 4.08 12.55 48.82
C ALA C 290 2.68 12.53 49.49
N LYS C 291 1.73 11.85 48.85
CA LYS C 291 0.33 11.76 49.31
C LYS C 291 -0.21 13.15 49.65
N LYS C 292 0.03 14.09 48.74
CA LYS C 292 -0.34 15.48 48.95
C LYS C 292 -0.63 16.15 47.59
N PRO C 293 -1.62 17.05 47.53
CA PRO C 293 -1.88 17.72 46.25
C PRO C 293 -0.74 18.65 45.87
N ILE C 294 -0.51 18.79 44.57
CA ILE C 294 0.56 19.64 44.05
C ILE C 294 0.46 21.06 44.63
N PHE C 295 1.58 21.54 45.16
CA PHE C 295 1.66 22.89 45.70
C PHE C 295 1.56 23.90 44.55
N GLY C 296 0.68 24.89 44.71
CA GLY C 296 0.55 26.00 43.77
C GLY C 296 0.23 25.60 42.34
N TYR C 297 -0.85 24.85 42.16
CA TYR C 297 -1.32 24.39 40.85
C TYR C 297 -1.33 25.45 39.76
N LEU C 298 -1.77 26.67 40.10
CA LEU C 298 -1.89 27.76 39.13
C LEU C 298 -0.55 28.37 38.68
N PRO C 299 0.31 28.79 39.64
CA PRO C 299 1.69 29.15 39.25
C PRO C 299 2.36 28.06 38.40
N MET C 300 2.20 26.79 38.78
CA MET C 300 2.71 25.68 37.99
C MET C 300 2.27 25.77 36.52
N VAL C 301 0.99 26.04 36.30
CA VAL C 301 0.45 26.19 34.94
C VAL C 301 1.10 27.40 34.26
N TYR C 302 1.13 28.52 34.98
CA TYR C 302 1.65 29.78 34.44
C TYR C 302 3.17 29.75 34.19
N ALA C 303 3.91 29.03 35.02
CA ALA C 303 5.35 28.84 34.81
C ALA C 303 5.64 28.10 33.51
N MET C 304 4.87 27.05 33.23
CA MET C 304 5.04 26.33 31.97
C MET C 304 4.70 27.20 30.76
N VAL C 305 3.75 28.11 30.94
CA VAL C 305 3.39 29.05 29.88
C VAL C 305 4.53 30.05 29.67
N ALA C 306 5.06 30.57 30.78
CA ALA C 306 6.15 31.54 30.74
C ALA C 306 7.43 30.92 30.18
N ILE C 307 7.76 29.71 30.63
CA ILE C 307 8.89 28.95 30.09
C ILE C 307 8.75 28.82 28.57
N GLY C 308 7.56 28.39 28.15
CA GLY C 308 7.25 28.20 26.73
C GLY C 308 7.39 29.47 25.90
N VAL C 309 6.91 30.59 26.43
CA VAL C 309 6.96 31.87 25.73
C VAL C 309 8.39 32.41 25.65
N LEU C 310 9.05 32.46 26.80
CA LEU C 310 10.44 32.93 26.88
C LEU C 310 11.40 32.07 26.05
N GLY C 311 11.06 30.80 25.86
CA GLY C 311 11.86 29.88 25.07
C GLY C 311 11.98 30.25 23.59
N PHE C 312 11.19 31.24 23.17
CA PHE C 312 11.21 31.72 21.78
C PHE C 312 12.00 32.99 21.55
N VAL C 313 12.49 33.62 22.62
CA VAL C 313 13.22 34.88 22.50
C VAL C 313 14.68 34.82 23.02
N VAL C 314 15.26 33.63 23.05
CA VAL C 314 16.58 33.45 23.67
C VAL C 314 17.60 32.70 22.79
N TRP C 315 17.22 32.45 21.54
CA TRP C 315 17.94 31.51 20.67
C TRP C 315 19.43 31.81 20.47
N ALA C 316 19.77 33.09 20.39
CA ALA C 316 21.14 33.50 20.04
C ALA C 316 22.18 33.22 21.14
N HIS C 317 21.75 32.67 22.28
CA HIS C 317 22.71 32.20 23.27
C HIS C 317 23.48 30.95 22.75
N HIS C 318 23.01 30.42 21.64
CA HIS C 318 23.72 29.41 20.89
C HIS C 318 24.69 30.03 19.89
N MET C 319 24.76 31.37 19.85
CA MET C 319 25.51 32.07 18.81
C MET C 319 26.45 33.15 19.35
N TYR C 320 26.80 33.07 20.64
CA TYR C 320 27.64 34.09 21.24
C TYR C 320 29.00 34.27 20.53
N THR C 321 29.56 33.20 19.96
CA THR C 321 30.87 33.28 19.28
C THR C 321 30.75 33.34 17.76
N ALA C 322 29.52 33.44 17.27
CA ALA C 322 29.30 33.43 15.84
C ALA C 322 29.33 34.84 15.22
N GLY C 323 29.69 35.84 16.00
CA GLY C 323 29.78 37.21 15.46
C GLY C 323 28.51 38.01 15.66
N LEU C 324 27.95 37.91 16.87
CA LEU C 324 26.84 38.76 17.28
C LEU C 324 27.44 40.05 17.79
N SER C 325 26.68 41.14 17.67
CA SER C 325 27.10 42.41 18.26
C SER C 325 27.06 42.33 19.78
N LEU C 326 27.79 43.24 20.42
CA LEU C 326 27.76 43.38 21.86
C LEU C 326 26.33 43.65 22.39
N THR C 327 25.53 44.38 21.62
CA THR C 327 24.14 44.65 21.96
C THR C 327 23.33 43.36 21.98
N GLN C 328 23.35 42.64 20.86
CA GLN C 328 22.66 41.37 20.72
C GLN C 328 23.04 40.38 21.82
N GLN C 329 24.34 40.23 22.07
CA GLN C 329 24.85 39.33 23.11
C GLN C 329 24.30 39.70 24.47
N SER C 330 24.27 41.01 24.74
CA SER C 330 23.75 41.54 26.01
C SER C 330 22.27 41.25 26.20
N TYR C 331 21.45 41.51 25.18
CA TYR C 331 20.02 41.22 25.28
C TYR C 331 19.78 39.73 25.54
N PHE C 332 20.36 38.87 24.71
CA PHE C 332 20.08 37.44 24.78
C PHE C 332 20.55 36.79 26.07
N MET C 333 21.65 37.31 26.61
CA MET C 333 22.11 36.90 27.92
C MET C 333 21.06 37.20 29.01
N MET C 334 20.55 38.43 29.00
CA MET C 334 19.60 38.86 30.04
C MET C 334 18.25 38.18 29.91
N ALA C 335 17.73 38.09 28.68
CA ALA C 335 16.50 37.35 28.40
C ALA C 335 16.62 35.87 28.79
N THR C 336 17.79 35.29 28.55
CA THR C 336 18.05 33.88 28.89
C THR C 336 18.00 33.66 30.41
N MET C 337 18.64 34.56 31.15
CA MET C 337 18.62 34.55 32.63
C MET C 337 17.20 34.50 33.23
N VAL C 338 16.28 35.26 32.64
CA VAL C 338 14.88 35.36 33.10
C VAL C 338 14.21 33.99 33.26
N ILE C 339 14.63 33.01 32.46
CA ILE C 339 14.03 31.66 32.45
C ILE C 339 14.24 30.88 33.75
N ALA C 340 15.32 31.18 34.46
CA ALA C 340 15.57 30.57 35.77
C ALA C 340 14.42 30.82 36.77
N VAL C 341 13.70 31.93 36.60
CA VAL C 341 12.66 32.36 37.55
C VAL C 341 11.43 31.42 37.52
N PRO C 342 10.74 31.31 36.36
CA PRO C 342 9.61 30.38 36.33
C PRO C 342 10.03 28.94 36.62
N THR C 343 11.23 28.56 36.18
CA THR C 343 11.74 27.21 36.44
C THR C 343 11.96 26.96 37.93
N GLY C 344 12.58 27.93 38.61
CA GLY C 344 12.74 27.89 40.05
C GLY C 344 11.42 27.75 40.82
N ILE C 345 10.40 28.48 40.38
CA ILE C 345 9.05 28.35 40.96
C ILE C 345 8.58 26.89 40.93
N LYS C 346 8.73 26.22 39.79
CA LYS C 346 8.37 24.79 39.69
C LYS C 346 9.22 23.90 40.60
N ILE C 347 10.53 24.11 40.61
CA ILE C 347 11.42 23.28 41.45
C ILE C 347 11.03 23.42 42.93
N PHE C 348 10.83 24.66 43.37
CA PHE C 348 10.46 24.96 44.76
C PHE C 348 9.06 24.43 45.10
N SER C 349 8.13 24.54 44.16
CA SER C 349 6.78 23.99 44.32
C SER C 349 6.77 22.47 44.45
N TRP C 350 7.69 21.78 43.77
CA TRP C 350 7.79 20.33 43.91
C TRP C 350 8.34 19.95 45.27
N ILE C 351 9.27 20.75 45.79
CA ILE C 351 9.82 20.52 47.13
C ILE C 351 8.75 20.78 48.19
N ALA C 352 8.02 21.88 48.02
CA ALA C 352 6.91 22.27 48.90
C ALA C 352 5.73 21.27 48.87
N THR C 353 5.53 20.62 47.73
CA THR C 353 4.56 19.52 47.63
C THR C 353 4.96 18.37 48.55
N MET C 354 6.25 18.05 48.57
CA MET C 354 6.79 17.01 49.42
C MET C 354 6.73 17.35 50.91
N TRP C 355 6.88 18.65 51.20
CA TRP C 355 6.95 19.14 52.58
C TRP C 355 5.63 18.91 53.31
N GLY C 356 5.71 18.27 54.48
CA GLY C 356 4.52 17.94 55.27
C GLY C 356 3.75 16.74 54.75
N GLY C 357 4.34 16.00 53.82
CA GLY C 357 3.69 14.84 53.22
C GLY C 357 3.94 13.54 53.96
N SER C 358 3.52 12.45 53.35
CA SER C 358 3.76 11.13 53.88
C SER C 358 4.45 10.34 52.78
N ILE C 359 5.77 10.55 52.68
CA ILE C 359 6.58 10.16 51.52
C ILE C 359 6.87 8.68 51.45
N GLU C 360 6.46 8.09 50.35
CA GLU C 360 6.69 6.69 50.04
C GLU C 360 7.74 6.63 48.93
N LEU C 361 8.82 5.90 49.17
CA LEU C 361 9.96 5.89 48.23
C LEU C 361 9.94 4.71 47.25
N LYS C 362 8.83 4.61 46.52
CA LYS C 362 8.74 3.62 45.45
C LYS C 362 9.58 4.09 44.26
N THR C 363 9.87 3.16 43.35
CA THR C 363 10.65 3.44 42.15
C THR C 363 10.28 4.77 41.45
N PRO C 364 8.97 5.01 41.16
CA PRO C 364 8.68 6.26 40.41
C PRO C 364 9.09 7.53 41.17
N MET C 365 8.98 7.50 42.50
CA MET C 365 9.34 8.63 43.34
C MET C 365 10.85 8.84 43.33
N LEU C 366 11.62 7.76 43.36
CA LEU C 366 13.08 7.85 43.24
C LEU C 366 13.48 8.60 41.95
N TRP C 367 12.89 8.21 40.82
CA TRP C 367 13.14 8.90 39.55
C TRP C 367 12.83 10.40 39.62
N ALA C 368 11.68 10.74 40.19
CA ALA C 368 11.25 12.13 40.27
C ALA C 368 12.16 12.97 41.18
N LEU C 369 12.65 12.36 42.25
CA LEU C 369 13.55 13.04 43.17
C LEU C 369 14.93 13.21 42.55
N GLY C 370 15.36 12.19 41.80
CA GLY C 370 16.57 12.25 41.00
C GLY C 370 16.46 13.39 40.02
N PHE C 371 15.29 13.50 39.39
CA PHE C 371 15.01 14.59 38.47
C PHE C 371 15.26 15.97 39.09
N LEU C 372 14.71 16.20 40.28
CA LEU C 372 14.79 17.52 40.90
C LEU C 372 16.24 17.94 41.10
N PHE C 373 17.02 17.01 41.65
CA PHE C 373 18.42 17.24 41.93
C PHE C 373 19.22 17.42 40.63
N LEU C 374 19.08 16.45 39.71
CA LEU C 374 19.91 16.41 38.50
C LEU C 374 19.56 17.47 37.47
N PHE C 375 18.26 17.73 37.30
CA PHE C 375 17.81 18.83 36.45
C PHE C 375 18.27 20.20 36.99
N THR C 376 18.37 20.33 38.31
CA THR C 376 18.91 21.55 38.91
C THR C 376 20.39 21.74 38.58
N VAL C 377 21.18 20.66 38.69
CA VAL C 377 22.60 20.71 38.31
C VAL C 377 22.73 21.13 36.84
N GLY C 378 21.99 20.47 35.96
CA GLY C 378 21.93 20.86 34.56
C GLY C 378 21.51 22.30 34.34
N GLY C 379 20.45 22.71 35.04
CA GLY C 379 19.89 24.03 34.85
C GLY C 379 20.82 25.15 35.24
N VAL C 380 21.52 24.98 36.36
CA VAL C 380 22.44 26.01 36.82
C VAL C 380 23.69 26.14 35.92
N THR C 381 24.11 25.05 35.28
CA THR C 381 25.21 25.17 34.30
C THR C 381 24.71 25.85 33.02
N GLY C 382 23.41 25.72 32.75
CA GLY C 382 22.75 26.48 31.69
C GLY C 382 22.88 27.98 31.94
N ILE C 383 22.69 28.38 33.19
CA ILE C 383 22.81 29.79 33.58
C ILE C 383 24.26 30.27 33.47
N VAL C 384 25.23 29.42 33.84
CA VAL C 384 26.64 29.74 33.57
C VAL C 384 26.87 30.06 32.09
N LEU C 385 26.38 29.18 31.20
CA LEU C 385 26.54 29.34 29.75
C LEU C 385 25.82 30.56 29.18
N SER C 386 24.73 31.00 29.83
CA SER C 386 24.00 32.21 29.40
C SER C 386 24.85 33.47 29.47
N GLN C 387 25.83 33.46 30.37
CA GLN C 387 26.77 34.56 30.52
C GLN C 387 27.78 34.51 29.38
N ALA C 388 27.56 35.36 28.37
CA ALA C 388 28.38 35.38 27.17
C ALA C 388 29.90 35.43 27.43
N SER C 389 30.30 36.16 28.46
CA SER C 389 31.72 36.33 28.80
C SER C 389 32.40 35.02 29.26
N VAL C 390 31.62 34.16 29.92
CA VAL C 390 32.09 32.84 30.33
C VAL C 390 31.90 31.80 29.21
N ASP C 391 30.81 31.92 28.47
CA ASP C 391 30.58 31.09 27.29
C ASP C 391 31.70 31.24 26.25
N ARG C 392 32.36 32.41 26.23
CA ARG C 392 33.51 32.61 25.32
C ARG C 392 34.47 31.44 25.49
N TYR C 393 34.72 31.05 26.73
CA TYR C 393 35.55 29.89 27.07
C TYR C 393 34.86 28.52 26.87
N TYR C 394 33.61 28.39 27.32
CA TYR C 394 32.94 27.09 27.36
C TYR C 394 32.34 26.63 26.04
N HIS C 395 32.00 27.59 25.16
CA HIS C 395 31.32 27.25 23.92
C HIS C 395 32.09 26.24 23.09
N ASP C 396 31.36 25.25 22.54
CA ASP C 396 31.96 24.15 21.78
C ASP C 396 33.01 23.37 22.59
N THR C 397 32.82 23.30 23.91
CA THR C 397 33.63 22.41 24.77
C THR C 397 32.70 21.43 25.46
N TYR C 398 33.29 20.47 26.18
CA TYR C 398 32.54 19.46 26.91
C TYR C 398 31.76 19.97 28.12
N TYR C 399 31.99 21.22 28.52
CA TYR C 399 31.15 21.82 29.55
C TYR C 399 29.72 21.94 29.06
N VAL C 400 29.56 22.32 27.79
CA VAL C 400 28.25 22.41 27.17
C VAL C 400 27.60 21.01 27.13
N VAL C 401 28.41 20.01 26.78
CA VAL C 401 27.99 18.62 26.73
C VAL C 401 27.54 18.13 28.12
N ALA C 402 28.26 18.56 29.17
CA ALA C 402 27.88 18.18 30.51
C ALA C 402 26.54 18.83 30.88
N HIS C 403 26.38 20.12 30.56
CA HIS C 403 25.12 20.82 30.76
C HIS C 403 23.93 20.07 30.17
N PHE C 404 23.99 19.79 28.87
CA PHE C 404 22.81 19.31 28.20
C PHE C 404 22.49 17.86 28.48
N HIS C 405 23.51 17.06 28.80
CA HIS C 405 23.23 15.71 29.26
C HIS C 405 22.62 15.65 30.66
N TYR C 406 22.96 16.62 31.52
CA TYR C 406 22.27 16.70 32.82
C TYR C 406 20.77 17.00 32.71
N VAL C 407 20.41 18.01 31.91
CA VAL C 407 18.99 18.34 31.74
C VAL C 407 18.22 17.30 30.90
N MET C 408 18.90 16.63 29.97
CA MET C 408 18.26 15.64 29.09
C MET C 408 18.38 14.18 29.54
N SER C 409 19.60 13.69 29.70
CA SER C 409 19.84 12.30 30.04
C SER C 409 19.69 12.03 31.54
N LEU C 410 19.78 13.08 32.35
CA LEU C 410 19.61 12.95 33.80
C LEU C 410 18.42 13.80 34.28
N GLY C 411 17.67 14.34 33.33
CA GLY C 411 16.50 15.15 33.64
C GLY C 411 15.29 14.56 32.93
N ALA C 412 15.11 14.95 31.66
CA ALA C 412 13.96 14.52 30.86
C ALA C 412 13.83 12.99 30.78
N VAL C 413 14.96 12.29 30.69
CA VAL C 413 14.99 10.83 30.66
C VAL C 413 14.59 10.22 32.02
N PHE C 414 14.93 10.89 33.12
CA PHE C 414 14.46 10.48 34.45
C PHE C 414 12.94 10.67 34.54
N GLY C 415 12.43 11.61 33.76
CA GLY C 415 10.99 11.80 33.59
C GLY C 415 10.33 10.65 32.83
N ILE C 416 10.97 10.19 31.76
CA ILE C 416 10.49 9.01 31.02
C ILE C 416 10.41 7.79 31.94
N PHE C 417 11.50 7.49 32.66
CA PHE C 417 11.51 6.34 33.58
C PHE C 417 10.49 6.45 34.71
N ALA C 418 10.32 7.66 35.26
CA ALA C 418 9.30 7.92 36.27
C ALA C 418 7.95 7.52 35.69
N GLY C 419 7.66 8.03 34.49
CA GLY C 419 6.44 7.71 33.74
C GLY C 419 6.24 6.23 33.54
N ILE C 420 7.27 5.54 33.03
CA ILE C 420 7.20 4.10 32.75
C ILE C 420 6.87 3.28 34.01
N TYR C 421 7.51 3.61 35.12
CA TYR C 421 7.29 2.86 36.35
C TYR C 421 5.94 3.22 36.99
N PHE C 422 5.55 4.48 36.85
CA PHE C 422 4.29 5.00 37.36
C PHE C 422 3.08 4.38 36.67
N TRP C 423 3.23 4.13 35.37
CA TRP C 423 2.11 3.82 34.50
C TRP C 423 2.11 2.45 33.83
N ILE C 424 3.16 1.65 34.03
CA ILE C 424 3.23 0.33 33.39
C ILE C 424 2.18 -0.68 33.89
N GLY C 425 1.74 -0.54 35.13
CA GLY C 425 0.65 -1.37 35.65
C GLY C 425 -0.63 -1.02 34.93
N LYS C 426 -0.88 0.29 34.82
CA LYS C 426 -2.06 0.83 34.18
C LYS C 426 -2.16 0.46 32.68
N MET C 427 -1.03 0.55 31.98
CA MET C 427 -1.02 0.32 30.53
C MET C 427 -1.08 -1.15 30.19
N SER C 428 -0.45 -1.99 31.02
CA SER C 428 -0.27 -3.39 30.69
C SER C 428 -1.10 -4.38 31.51
N GLY C 429 -1.62 -3.94 32.66
CA GLY C 429 -2.29 -4.84 33.59
C GLY C 429 -1.32 -5.71 34.38
N ARG C 430 -0.02 -5.49 34.15
CA ARG C 430 1.02 -6.18 34.92
C ARG C 430 1.94 -5.17 35.62
N GLN C 431 2.58 -5.61 36.70
CA GLN C 431 3.32 -4.70 37.57
C GLN C 431 4.79 -5.09 37.65
N TYR C 432 5.68 -4.09 37.65
CA TYR C 432 7.12 -4.31 37.74
C TYR C 432 7.52 -4.80 39.15
N PRO C 433 8.53 -5.69 39.23
CA PRO C 433 9.11 -6.08 40.53
C PRO C 433 9.88 -4.93 41.18
N GLU C 434 9.49 -4.57 42.40
CA GLU C 434 9.95 -3.36 43.07
C GLU C 434 11.47 -3.29 43.31
N TRP C 435 12.09 -4.41 43.70
CA TRP C 435 13.53 -4.46 43.96
C TRP C 435 14.35 -4.10 42.71
N ALA C 436 13.81 -4.48 41.54
CA ALA C 436 14.49 -4.28 40.26
C ALA C 436 14.38 -2.84 39.77
N GLY C 437 13.24 -2.21 40.03
CA GLY C 437 13.05 -0.78 39.75
C GLY C 437 14.01 0.07 40.56
N LYS C 438 14.26 -0.33 41.80
CA LYS C 438 15.18 0.37 42.68
C LYS C 438 16.64 0.19 42.25
N LEU C 439 17.02 -1.05 41.94
CA LEU C 439 18.37 -1.34 41.45
C LEU C 439 18.65 -0.60 40.15
N HIS C 440 17.71 -0.65 39.21
CA HIS C 440 17.82 0.11 37.95
C HIS C 440 18.09 1.59 38.26
N PHE C 441 17.28 2.18 39.13
CA PHE C 441 17.47 3.57 39.54
C PHE C 441 18.88 3.86 40.05
N TRP C 442 19.37 3.06 40.99
CA TRP C 442 20.66 3.33 41.59
C TRP C 442 21.83 3.13 40.62
N MET C 443 21.72 2.11 39.76
CA MET C 443 22.74 1.86 38.74
C MET C 443 22.79 3.05 37.76
N MET C 444 21.62 3.49 37.31
CA MET C 444 21.51 4.64 36.43
C MET C 444 22.03 5.91 37.11
N PHE C 445 21.57 6.17 38.34
CA PHE C 445 21.97 7.37 39.07
C PHE C 445 23.49 7.49 39.23
N VAL C 446 24.13 6.38 39.57
CA VAL C 446 25.57 6.36 39.78
C VAL C 446 26.29 6.43 38.43
N GLY C 447 25.87 5.56 37.50
CA GLY C 447 26.46 5.51 36.17
C GLY C 447 26.39 6.81 35.40
N ALA C 448 25.22 7.44 35.42
CA ALA C 448 25.00 8.67 34.66
C ALA C 448 25.78 9.86 35.26
N ASN C 449 25.86 9.93 36.59
CA ASN C 449 26.67 10.95 37.21
C ASN C 449 28.17 10.77 36.93
N LEU C 450 28.63 9.52 36.95
CA LEU C 450 30.03 9.23 36.60
C LEU C 450 30.33 9.52 35.13
N THR C 451 29.34 9.36 34.26
CA THR C 451 29.54 9.67 32.85
C THR C 451 29.73 11.18 32.67
N PHE C 452 28.78 11.97 33.18
CA PHE C 452 28.67 13.37 32.76
C PHE C 452 29.25 14.44 33.69
N PHE C 453 29.38 14.14 34.98
CA PHE C 453 29.99 15.13 35.84
C PHE C 453 31.45 15.45 35.50
N PRO C 454 32.29 14.41 35.23
CA PRO C 454 33.68 14.74 34.87
C PRO C 454 33.83 15.50 33.56
N GLN C 455 32.78 15.54 32.74
CA GLN C 455 32.83 16.31 31.49
C GLN C 455 32.88 17.83 31.73
N HIS C 456 32.43 18.26 32.92
CA HIS C 456 32.61 19.63 33.37
C HIS C 456 34.09 19.95 33.46
N PHE C 457 34.87 19.02 34.03
CA PHE C 457 36.31 19.16 34.20
C PHE C 457 37.01 19.27 32.85
N LEU C 458 36.64 18.36 31.94
CA LEU C 458 37.15 18.33 30.58
C LEU C 458 36.89 19.65 29.83
N GLY C 459 35.66 20.16 29.95
CA GLY C 459 35.30 21.48 29.42
C GLY C 459 36.11 22.63 30.02
N ARG C 460 36.27 22.64 31.34
CA ARG C 460 37.10 23.67 32.00
C ARG C 460 38.56 23.60 31.57
N GLN C 461 39.03 22.39 31.25
CA GLN C 461 40.39 22.19 30.73
C GLN C 461 40.52 22.45 29.23
N GLY C 462 39.40 22.71 28.58
CA GLY C 462 39.39 23.16 27.20
C GLY C 462 39.20 22.11 26.13
N MET C 463 38.64 20.94 26.51
CA MET C 463 38.36 19.88 25.54
C MET C 463 37.21 20.22 24.59
N PRO C 464 37.49 20.28 23.28
CA PRO C 464 36.42 20.64 22.35
C PRO C 464 35.41 19.52 22.07
N ARG C 465 34.21 19.91 21.63
CA ARG C 465 33.21 18.97 21.18
C ARG C 465 33.60 18.42 19.82
N ARG C 466 33.10 17.22 19.54
CA ARG C 466 33.12 16.61 18.20
C ARG C 466 34.51 16.11 17.78
N TYR C 467 35.29 15.71 18.77
CA TYR C 467 36.66 15.22 18.59
C TYR C 467 36.79 13.70 18.79
N ILE C 468 37.32 13.03 17.77
CA ILE C 468 37.67 11.61 17.82
C ILE C 468 38.83 11.33 18.77
N ASP C 469 39.73 12.31 18.92
CA ASP C 469 40.92 12.09 19.73
C ASP C 469 41.26 13.39 20.43
N TYR C 470 42.12 13.30 21.43
CA TYR C 470 42.38 14.39 22.32
C TYR C 470 43.78 14.32 22.94
N PRO C 471 44.38 15.48 23.24
CA PRO C 471 45.66 15.57 23.95
C PRO C 471 45.68 14.67 25.20
N GLU C 472 46.86 14.13 25.50
CA GLU C 472 47.03 13.13 26.56
C GLU C 472 46.55 13.60 27.94
N ALA C 473 46.65 14.90 28.21
CA ALA C 473 46.22 15.47 29.52
C ALA C 473 44.73 15.27 29.86
N PHE C 474 43.89 15.03 28.84
CA PHE C 474 42.44 14.82 29.05
C PHE C 474 42.09 13.36 29.40
N ALA C 475 43.11 12.50 29.50
CA ALA C 475 42.92 11.06 29.66
C ALA C 475 42.11 10.67 30.90
N THR C 476 42.47 11.21 32.07
CA THR C 476 41.88 10.78 33.35
C THR C 476 40.35 10.86 33.36
N TRP C 477 39.81 12.04 33.08
CA TRP C 477 38.37 12.20 33.17
C TRP C 477 37.62 11.60 32.00
N ASN C 478 38.28 11.43 30.86
CA ASN C 478 37.66 10.69 29.76
C ASN C 478 37.49 9.21 30.12
N PHE C 479 38.46 8.68 30.87
CA PHE C 479 38.44 7.28 31.31
C PHE C 479 37.29 7.04 32.30
N VAL C 480 37.22 7.89 33.32
CA VAL C 480 36.12 7.88 34.28
C VAL C 480 34.76 8.04 33.60
N SER C 481 34.65 9.01 32.70
CA SER C 481 33.41 9.23 31.97
C SER C 481 32.99 7.97 31.19
N SER C 482 33.97 7.30 30.57
CA SER C 482 33.69 6.10 29.78
C SER C 482 33.21 4.92 30.63
N LEU C 483 33.83 4.75 31.81
CA LEU C 483 33.41 3.71 32.75
C LEU C 483 31.96 3.95 33.19
N GLY C 484 31.65 5.21 33.52
CA GLY C 484 30.29 5.63 33.82
C GLY C 484 29.31 5.23 32.73
N ALA C 485 29.66 5.51 31.48
CA ALA C 485 28.78 5.19 30.35
C ALA C 485 28.56 3.68 30.22
N PHE C 486 29.58 2.91 30.55
CA PHE C 486 29.50 1.45 30.48
C PHE C 486 28.56 0.92 31.56
N LEU C 487 28.66 1.46 32.77
CA LEU C 487 27.74 1.13 33.86
C LEU C 487 26.29 1.51 33.50
N SER C 488 26.11 2.72 32.93
CA SER C 488 24.80 3.20 32.51
C SER C 488 24.18 2.30 31.44
N PHE C 489 25.01 1.81 30.54
CA PHE C 489 24.53 0.88 29.51
C PHE C 489 24.06 -0.43 30.14
N ALA C 490 24.85 -0.97 31.07
CA ALA C 490 24.48 -2.15 31.85
C ALA C 490 23.14 -1.96 32.55
N SER C 491 22.92 -0.76 33.09
CA SER C 491 21.68 -0.42 33.76
C SER C 491 20.48 -0.38 32.81
N PHE C 492 20.72 0.01 31.56
CA PHE C 492 19.65 0.12 30.56
C PHE C 492 19.28 -1.24 29.97
N LEU C 493 20.26 -2.13 29.86
CA LEU C 493 20.00 -3.49 29.43
C LEU C 493 19.21 -4.21 30.53
N PHE C 494 19.61 -3.95 31.77
CA PHE C 494 18.91 -4.48 32.95
C PHE C 494 17.46 -3.99 32.99
N PHE C 495 17.25 -2.72 32.65
CA PHE C 495 15.93 -2.13 32.53
C PHE C 495 15.10 -2.83 31.44
N LEU C 496 15.73 -3.19 30.32
CA LEU C 496 15.02 -3.89 29.25
C LEU C 496 14.61 -5.30 29.70
N GLY C 497 15.48 -5.94 30.48
CA GLY C 497 15.20 -7.22 31.13
C GLY C 497 14.04 -7.09 32.09
N VAL C 498 14.02 -6.00 32.85
CA VAL C 498 12.92 -5.68 33.77
C VAL C 498 11.60 -5.53 33.03
N ILE C 499 11.55 -4.67 32.02
CA ILE C 499 10.36 -4.47 31.19
C ILE C 499 9.87 -5.78 30.59
N PHE C 500 10.82 -6.59 30.13
CA PHE C 500 10.50 -7.88 29.52
C PHE C 500 9.83 -8.81 30.52
N TYR C 501 10.45 -8.98 31.68
CA TYR C 501 9.91 -9.82 32.76
C TYR C 501 8.54 -9.32 33.20
N THR C 502 8.38 -8.01 33.27
CA THR C 502 7.15 -7.39 33.73
C THR C 502 5.98 -7.71 32.81
N LEU C 503 6.17 -7.50 31.51
CA LEU C 503 5.10 -7.71 30.55
C LEU C 503 4.87 -9.21 30.26
N THR C 504 5.81 -10.03 30.71
CA THR C 504 5.77 -11.48 30.51
C THR C 504 5.20 -12.21 31.74
N ARG C 505 5.90 -12.11 32.87
CA ARG C 505 5.64 -12.92 34.06
C ARG C 505 5.48 -12.06 35.31
N GLY C 506 5.10 -10.80 35.13
CA GLY C 506 4.97 -9.85 36.23
C GLY C 506 3.60 -9.91 36.89
N ALA C 507 3.61 -9.92 38.21
CA ALA C 507 2.38 -9.96 39.02
C ALA C 507 1.25 -9.16 38.38
N ARG C 508 0.15 -9.84 38.10
CA ARG C 508 -1.00 -9.22 37.45
C ARG C 508 -1.61 -8.14 38.33
N VAL C 509 -2.09 -7.08 37.71
CA VAL C 509 -2.71 -5.97 38.43
C VAL C 509 -4.20 -6.26 38.57
N THR C 510 -4.71 -6.07 39.78
CA THR C 510 -6.12 -6.32 40.07
C THR C 510 -6.87 -5.02 40.25
N ALA C 511 -6.27 -4.09 40.99
CA ALA C 511 -6.88 -2.79 41.30
C ALA C 511 -6.87 -1.80 40.13
N ASN C 512 -7.85 -0.91 40.12
CA ASN C 512 -7.87 0.24 39.21
C ASN C 512 -6.75 1.22 39.56
N ASN C 513 -6.63 1.50 40.85
CA ASN C 513 -5.57 2.35 41.40
C ASN C 513 -4.70 1.52 42.33
N TYR C 514 -3.56 1.07 41.83
CA TYR C 514 -2.66 0.22 42.61
C TYR C 514 -1.62 1.03 43.42
N TRP C 515 -1.81 2.34 43.50
CA TRP C 515 -0.91 3.19 44.30
C TRP C 515 -1.59 3.62 45.61
N ASN C 516 -2.28 4.76 45.54
CA ASN C 516 -3.01 5.34 46.66
C ASN C 516 -3.95 6.44 46.17
N GLU C 517 -4.82 6.91 47.08
CA GLU C 517 -5.89 7.86 46.76
C GLU C 517 -5.43 9.23 46.28
N HIS C 518 -4.13 9.51 46.40
CA HIS C 518 -3.57 10.80 45.99
C HIS C 518 -3.14 10.82 44.53
N ALA C 519 -3.09 9.65 43.92
CA ALA C 519 -3.17 9.51 42.46
C ALA C 519 -4.64 9.70 42.09
N ASP C 520 -5.03 10.96 41.94
CA ASP C 520 -6.44 11.34 41.88
C ASP C 520 -6.88 11.90 40.51
N THR C 521 -6.34 11.31 39.45
CA THR C 521 -6.71 11.69 38.09
C THR C 521 -7.47 10.55 37.43
N LEU C 522 -8.22 10.87 36.38
CA LEU C 522 -9.22 9.97 35.80
C LEU C 522 -8.74 8.58 35.33
N GLU C 523 -7.46 8.44 34.99
CA GLU C 523 -6.97 7.14 34.53
C GLU C 523 -6.99 6.10 35.66
N TRP C 524 -6.96 6.58 36.90
CA TRP C 524 -6.94 5.71 38.09
C TRP C 524 -8.37 5.30 38.48
N THR C 525 -9.34 5.89 37.78
CA THR C 525 -10.76 5.52 37.81
C THR C 525 -11.04 4.27 36.95
N LEU C 526 -10.23 4.09 35.91
CA LEU C 526 -10.44 3.03 34.93
C LEU C 526 -9.72 1.75 35.32
N THR C 527 -9.97 0.68 34.59
CA THR C 527 -9.34 -0.62 34.79
C THR C 527 -7.88 -0.60 34.30
N SER C 528 -7.13 -1.65 34.62
CA SER C 528 -5.73 -1.80 34.21
C SER C 528 -5.54 -3.11 33.45
N PRO C 529 -5.49 -3.06 32.11
CA PRO C 529 -5.56 -1.89 31.22
C PRO C 529 -6.98 -1.31 31.11
N PRO C 530 -7.11 -0.03 30.73
CA PRO C 530 -8.43 0.57 30.48
C PRO C 530 -9.17 -0.11 29.33
N PRO C 531 -10.53 -0.06 29.33
CA PRO C 531 -11.32 -0.72 28.29
C PRO C 531 -11.04 -0.16 26.90
N GLU C 532 -11.15 -1.02 25.88
CA GLU C 532 -10.95 -0.63 24.49
C GLU C 532 -11.66 0.69 24.12
N HIS C 533 -12.96 0.77 24.41
CA HIS C 533 -13.76 1.96 24.12
C HIS C 533 -13.80 2.91 25.32
N LEU D 1 61.17 28.79 26.02
CA LEU D 1 59.80 29.25 26.40
C LEU D 1 59.05 28.17 27.15
N GLU D 2 58.38 28.58 28.22
CA GLU D 2 57.57 27.70 29.05
C GLU D 2 56.23 27.37 28.37
N ILE D 3 55.85 26.09 28.39
CA ILE D 3 54.53 25.68 27.90
C ILE D 3 53.48 25.96 28.99
N ILE D 4 52.62 26.94 28.73
CA ILE D 4 51.69 27.41 29.76
C ILE D 4 50.23 27.12 29.41
N GLY D 5 49.81 27.48 28.20
CA GLY D 5 48.42 27.32 27.80
C GLY D 5 48.18 25.94 27.23
N ARG D 6 48.01 24.98 28.13
CA ARG D 6 47.78 23.58 27.75
C ARG D 6 46.94 22.90 28.85
N PRO D 7 46.19 21.84 28.49
CA PRO D 7 45.55 21.09 29.56
C PRO D 7 46.60 20.33 30.39
N GLN D 8 46.29 20.07 31.67
CA GLN D 8 47.17 19.30 32.54
C GLN D 8 46.49 18.00 32.99
N PRO D 9 47.27 16.93 33.24
CA PRO D 9 46.69 15.62 33.65
C PRO D 9 45.76 15.74 34.85
N GLY D 10 44.55 15.20 34.72
CA GLY D 10 43.55 15.20 35.80
C GLY D 10 42.99 16.57 36.16
N GLY D 11 43.19 17.56 35.29
CA GLY D 11 42.77 18.92 35.60
C GLY D 11 41.27 19.06 35.78
N THR D 12 40.87 19.91 36.72
CA THR D 12 39.46 20.16 37.01
C THR D 12 39.12 21.63 36.78
N GLY D 13 40.15 22.48 36.73
CA GLY D 13 39.96 23.92 36.62
C GLY D 13 40.29 24.43 35.23
N PHE D 14 40.26 25.76 35.08
CA PHE D 14 40.63 26.39 33.82
C PHE D 14 42.11 26.21 33.53
N GLN D 15 42.49 26.35 32.27
CA GLN D 15 43.90 26.46 31.91
C GLN D 15 44.42 27.78 32.51
N PRO D 16 45.75 27.88 32.78
CA PRO D 16 46.27 29.12 33.39
C PRO D 16 45.86 30.37 32.60
N SER D 17 45.60 31.47 33.30
CA SER D 17 45.37 32.76 32.66
C SER D 17 46.71 33.37 32.20
N ALA D 18 46.70 34.01 31.04
CA ALA D 18 47.83 34.76 30.53
C ALA D 18 47.38 36.07 29.90
N SER D 19 46.12 36.44 30.16
CA SER D 19 45.58 37.73 29.73
C SER D 19 44.64 38.30 30.82
N PRO D 20 44.42 39.63 30.81
CA PRO D 20 43.46 40.20 31.77
C PRO D 20 42.02 39.69 31.56
N VAL D 21 41.60 39.55 30.31
CA VAL D 21 40.30 38.94 29.98
C VAL D 21 40.15 37.52 30.55
N ALA D 22 41.18 36.68 30.38
CA ALA D 22 41.16 35.33 30.94
C ALA D 22 41.00 35.38 32.44
N THR D 23 41.76 36.28 33.08
CA THR D 23 41.66 36.49 34.53
C THR D 23 40.23 36.87 34.96
N GLN D 24 39.58 37.75 34.19
CA GLN D 24 38.21 38.16 34.47
C GLN D 24 37.22 37.02 34.29
N ILE D 25 37.49 36.11 33.35
CA ILE D 25 36.64 34.93 33.15
C ILE D 25 36.77 34.00 34.34
N HIS D 26 37.99 33.74 34.77
CA HIS D 26 38.23 32.88 35.93
C HIS D 26 37.49 33.41 37.15
N TRP D 27 37.61 34.72 37.38
CA TRP D 27 36.99 35.34 38.53
C TRP D 27 35.46 35.24 38.46
N LEU D 28 34.88 35.68 37.34
CA LEU D 28 33.45 35.64 37.13
C LEU D 28 32.87 34.23 37.25
N ASP D 29 33.54 33.24 36.65
CA ASP D 29 33.14 31.85 36.76
C ASP D 29 33.18 31.36 38.21
N GLY D 30 34.23 31.75 38.94
CA GLY D 30 34.41 31.35 40.34
C GLY D 30 33.30 31.92 41.21
N PHE D 31 32.97 33.19 40.95
CA PHE D 31 31.90 33.90 41.62
C PHE D 31 30.56 33.20 41.33
N ILE D 32 30.26 32.98 40.06
CA ILE D 32 29.04 32.28 39.68
C ILE D 32 29.01 30.87 40.25
N LEU D 33 30.15 30.20 40.28
CA LEU D 33 30.24 28.82 40.78
C LEU D 33 29.90 28.68 42.25
N VAL D 34 30.36 29.63 43.07
CA VAL D 34 30.02 29.66 44.49
C VAL D 34 28.51 29.77 44.67
N ILE D 35 27.89 30.65 43.88
CA ILE D 35 26.45 30.90 43.91
C ILE D 35 25.63 29.66 43.53
N ILE D 36 25.95 29.05 42.38
CA ILE D 36 25.21 27.89 41.90
C ILE D 36 25.45 26.62 42.71
N ALA D 37 26.65 26.48 43.29
CA ALA D 37 26.90 25.39 44.23
C ALA D 37 26.07 25.60 45.51
N ALA D 38 25.98 26.83 45.98
CA ALA D 38 25.16 27.14 47.17
C ALA D 38 23.71 26.77 46.89
N ILE D 39 23.17 27.24 45.77
CA ILE D 39 21.82 26.91 45.28
C ILE D 39 21.60 25.41 45.16
N THR D 40 22.57 24.71 44.56
CA THR D 40 22.48 23.26 44.36
C THR D 40 22.53 22.49 45.68
N ILE D 41 23.39 22.90 46.60
CA ILE D 41 23.47 22.27 47.92
C ILE D 41 22.17 22.51 48.69
N PHE D 42 21.70 23.76 48.70
CA PHE D 42 20.43 24.16 49.32
C PHE D 42 19.27 23.27 48.85
N VAL D 43 19.07 23.19 47.54
CA VAL D 43 18.02 22.36 46.95
C VAL D 43 18.18 20.89 47.33
N THR D 44 19.42 20.41 47.29
CA THR D 44 19.73 19.02 47.60
C THR D 44 19.44 18.67 49.06
N LEU D 45 19.77 19.59 49.97
CA LEU D 45 19.59 19.34 51.39
C LEU D 45 18.12 19.45 51.77
N LEU D 46 17.39 20.35 51.11
CA LEU D 46 15.94 20.43 51.26
C LEU D 46 15.26 19.12 50.86
N ILE D 47 15.68 18.53 49.74
CA ILE D 47 15.11 17.26 49.31
C ILE D 47 15.44 16.13 50.28
N LEU D 48 16.69 16.04 50.71
CA LEU D 48 17.10 14.98 51.63
C LEU D 48 16.43 15.12 52.99
N TYR D 49 16.31 16.35 53.48
CA TYR D 49 15.62 16.60 54.74
C TYR D 49 14.15 16.20 54.66
N ALA D 50 13.43 16.74 53.67
CA ALA D 50 12.01 16.40 53.44
C ALA D 50 11.78 14.89 53.35
N VAL D 51 12.63 14.19 52.61
CA VAL D 51 12.55 12.73 52.54
C VAL D 51 12.71 12.09 53.92
N TRP D 52 13.68 12.58 54.69
CA TRP D 52 13.94 12.06 56.03
C TRP D 52 12.82 12.42 57.02
N ARG D 53 12.45 13.70 57.06
CA ARG D 53 11.50 14.25 58.01
C ARG D 53 10.05 13.82 57.73
N PHE D 54 9.74 13.55 56.46
CA PHE D 54 8.37 13.25 56.07
C PHE D 54 8.20 11.89 55.39
N HIS D 55 9.16 11.00 55.61
CA HIS D 55 9.00 9.61 55.19
C HIS D 55 7.74 9.04 55.85
N GLU D 56 7.02 8.17 55.12
CA GLU D 56 5.74 7.64 55.58
C GLU D 56 5.81 7.01 56.98
N LYS D 57 6.85 6.21 57.24
CA LYS D 57 7.10 5.62 58.55
C LYS D 57 7.20 6.63 59.70
N ARG D 58 7.80 7.79 59.44
CA ARG D 58 7.93 8.83 60.46
C ARG D 58 6.73 9.77 60.48
N ASN D 59 6.17 10.02 59.30
CA ASN D 59 5.02 10.91 59.16
C ASN D 59 3.90 10.18 58.42
N LYS D 60 2.95 9.64 59.19
CA LYS D 60 1.90 8.79 58.62
C LYS D 60 0.71 9.58 58.05
N VAL D 61 0.60 10.86 58.43
CA VAL D 61 -0.52 11.70 58.00
C VAL D 61 -0.05 12.97 57.28
N PRO D 62 -0.27 13.04 55.96
CA PRO D 62 0.14 14.20 55.15
C PRO D 62 -0.71 15.45 55.38
N ALA D 63 -0.10 16.62 55.22
CA ALA D 63 -0.80 17.90 55.28
C ALA D 63 -1.58 18.15 53.97
N ARG D 64 -2.24 19.30 53.88
CA ARG D 64 -3.08 19.59 52.71
C ARG D 64 -2.91 21.00 52.14
N PHE D 65 -1.99 21.76 52.71
CA PHE D 65 -1.70 23.11 52.19
C PHE D 65 -1.23 23.08 50.73
N THR D 66 -1.53 24.14 49.99
CA THR D 66 -1.07 24.32 48.61
C THR D 66 -0.61 25.74 48.34
N HIS D 67 -0.60 26.57 49.39
CA HIS D 67 -0.13 27.96 49.30
C HIS D 67 0.71 28.32 50.52
N ASN D 68 1.42 29.44 50.39
CA ASN D 68 2.21 30.04 51.47
C ASN D 68 2.80 31.33 50.90
N SER D 69 2.03 32.41 50.98
CA SER D 69 2.39 33.71 50.38
C SER D 69 3.80 34.21 50.69
N PRO D 70 4.15 34.39 51.99
CA PRO D 70 5.52 34.83 52.31
C PRO D 70 6.60 34.05 51.55
N LEU D 71 6.46 32.73 51.50
CA LEU D 71 7.43 31.84 50.85
C LEU D 71 7.42 31.96 49.31
N GLU D 72 6.22 31.97 48.73
CA GLU D 72 6.04 32.14 47.29
C GLU D 72 6.53 33.50 46.79
N ILE D 73 6.44 34.52 47.64
CA ILE D 73 6.96 35.85 47.33
C ILE D 73 8.49 35.80 47.34
N ALA D 74 9.06 35.25 48.42
CA ALA D 74 10.50 35.17 48.61
C ALA D 74 11.23 34.33 47.57
N TRP D 75 10.66 33.18 47.20
CA TRP D 75 11.31 32.30 46.25
C TRP D 75 11.14 32.74 44.78
N THR D 76 10.53 33.90 44.59
CA THR D 76 10.46 34.55 43.28
C THR D 76 11.46 35.71 43.24
N ILE D 77 11.46 36.49 44.32
CA ILE D 77 12.31 37.67 44.44
C ILE D 77 13.79 37.32 44.66
N VAL D 78 14.06 36.32 45.51
CA VAL D 78 15.44 35.90 45.77
C VAL D 78 16.18 35.45 44.48
N PRO D 79 15.60 34.52 43.69
CA PRO D 79 16.16 34.23 42.37
C PRO D 79 16.40 35.49 41.53
N ILE D 80 15.38 36.33 41.41
CA ILE D 80 15.50 37.58 40.64
C ILE D 80 16.69 38.42 41.10
N VAL D 81 16.88 38.53 42.42
CA VAL D 81 17.97 39.34 42.98
C VAL D 81 19.34 38.73 42.68
N ILE D 82 19.45 37.41 42.85
CA ILE D 82 20.70 36.68 42.56
C ILE D 82 21.13 36.90 41.11
N LEU D 83 20.16 36.78 40.20
CA LEU D 83 20.40 36.95 38.76
C LEU D 83 20.82 38.37 38.41
N VAL D 84 20.21 39.36 39.08
CA VAL D 84 20.56 40.76 38.85
C VAL D 84 22.00 41.02 39.31
N ALA D 85 22.36 40.49 40.48
CA ALA D 85 23.72 40.58 40.98
C ALA D 85 24.73 39.99 39.99
N ILE D 86 24.51 38.74 39.58
CA ILE D 86 25.35 38.09 38.57
C ILE D 86 25.47 38.97 37.32
N GLY D 87 24.33 39.40 36.79
CA GLY D 87 24.28 40.30 35.64
C GLY D 87 25.08 41.59 35.81
N ALA D 88 25.11 42.10 37.04
CA ALA D 88 25.83 43.34 37.37
C ALA D 88 27.36 43.20 37.31
N PHE D 89 27.86 41.99 37.59
CA PHE D 89 29.29 41.71 37.50
C PHE D 89 29.69 41.19 36.12
N SER D 90 28.70 40.61 35.43
CA SER D 90 28.93 39.88 34.20
C SER D 90 28.95 40.76 32.95
N LEU D 91 28.07 41.77 32.90
CA LEU D 91 28.00 42.68 31.76
C LEU D 91 29.25 43.54 31.56
N PRO D 92 29.85 44.08 32.64
CA PRO D 92 31.11 44.82 32.44
C PRO D 92 32.19 43.94 31.81
N VAL D 93 32.31 42.69 32.29
CA VAL D 93 33.26 41.72 31.72
C VAL D 93 32.99 41.47 30.24
N LEU D 94 31.71 41.38 29.87
CA LEU D 94 31.33 41.21 28.47
C LEU D 94 31.75 42.40 27.60
N PHE D 95 31.52 43.60 28.13
CA PHE D 95 31.89 44.82 27.41
C PHE D 95 33.39 44.91 27.22
N ASN D 96 34.15 44.63 28.28
CA ASN D 96 35.60 44.59 28.18
C ASN D 96 36.11 43.61 27.10
N GLN D 97 35.47 42.44 27.02
CA GLN D 97 35.83 41.41 26.04
C GLN D 97 35.62 41.82 24.60
N GLN D 98 34.44 42.41 24.34
CA GLN D 98 33.95 42.62 22.98
C GLN D 98 34.27 43.99 22.37
N GLU D 99 34.73 44.92 23.19
CA GLU D 99 35.16 46.23 22.70
C GLU D 99 36.63 46.14 22.34
N ILE D 100 36.91 46.27 21.04
CA ILE D 100 38.26 46.09 20.55
C ILE D 100 39.07 47.38 20.74
N PRO D 101 40.18 47.30 21.49
CA PRO D 101 41.04 48.46 21.69
C PRO D 101 41.94 48.67 20.47
N GLU D 102 42.76 49.71 20.50
CA GLU D 102 43.68 49.98 19.40
C GLU D 102 44.74 48.89 19.35
N ALA D 103 44.94 48.33 18.16
CA ALA D 103 45.93 47.28 17.98
C ALA D 103 47.37 47.82 18.07
N ASP D 104 48.20 47.16 18.88
CA ASP D 104 49.64 47.29 18.74
C ASP D 104 50.12 46.36 17.63
N VAL D 105 49.56 45.16 17.59
CA VAL D 105 49.88 44.13 16.60
C VAL D 105 48.58 43.61 15.98
N THR D 106 48.58 43.46 14.67
CA THR D 106 47.41 43.01 13.94
C THR D 106 47.73 41.72 13.18
N VAL D 107 46.89 40.71 13.36
CA VAL D 107 47.03 39.43 12.67
C VAL D 107 45.70 39.02 12.05
N LYS D 108 45.74 38.66 10.78
CA LYS D 108 44.56 38.17 10.10
C LYS D 108 44.70 36.66 9.98
N VAL D 109 43.70 35.97 10.52
CA VAL D 109 43.68 34.50 10.63
C VAL D 109 42.59 33.89 9.75
N THR D 110 42.98 32.95 8.90
CA THR D 110 42.03 32.26 8.03
C THR D 110 41.97 30.76 8.34
N GLY D 111 40.75 30.26 8.58
CA GLY D 111 40.51 28.82 8.74
C GLY D 111 40.30 28.09 7.43
N TYR D 112 41.06 27.01 7.23
CA TYR D 112 40.90 26.14 6.07
C TYR D 112 40.73 24.70 6.56
N GLN D 113 40.13 23.88 5.71
CA GLN D 113 40.15 22.44 5.92
C GLN D 113 41.51 21.89 5.43
N TRP D 114 42.43 21.49 6.31
CA TRP D 114 42.36 21.58 7.77
C TRP D 114 43.68 22.12 8.33
N TYR D 115 43.75 23.45 8.44
CA TYR D 115 44.94 24.17 8.88
C TYR D 115 44.58 25.65 8.98
N TRP D 116 45.46 26.45 9.58
CA TRP D 116 45.23 27.88 9.73
C TRP D 116 46.27 28.65 8.92
N GLY D 117 45.83 29.72 8.28
CA GLY D 117 46.74 30.65 7.61
C GLY D 117 46.79 31.92 8.44
N TYR D 118 47.99 32.46 8.61
CA TYR D 118 48.22 33.68 9.39
C TYR D 118 48.80 34.75 8.47
N GLU D 119 48.32 35.96 8.61
CA GLU D 119 48.86 37.10 7.88
C GLU D 119 49.07 38.25 8.83
N TYR D 120 50.26 38.86 8.80
CA TYR D 120 50.48 40.09 9.55
C TYR D 120 50.49 41.26 8.53
N PRO D 121 49.37 42.00 8.43
CA PRO D 121 49.23 43.04 7.39
C PRO D 121 50.31 44.13 7.44
N ASP D 122 50.69 44.58 8.64
CA ASP D 122 51.72 45.61 8.81
C ASP D 122 53.13 45.16 8.46
N GLU D 123 53.36 43.84 8.52
CA GLU D 123 54.70 43.29 8.39
C GLU D 123 54.90 42.58 7.08
N GLU D 124 53.84 42.40 6.31
CA GLU D 124 53.89 41.61 5.07
C GLU D 124 54.40 40.18 5.29
N ILE D 125 53.99 39.58 6.40
CA ILE D 125 54.30 38.18 6.69
C ILE D 125 53.04 37.33 6.54
N SER D 126 53.15 36.23 5.80
CA SER D 126 52.08 35.25 5.79
C SER D 126 52.64 33.84 5.75
N PHE D 127 51.98 32.95 6.48
CA PHE D 127 52.39 31.56 6.57
C PHE D 127 51.20 30.69 6.98
N GLU D 128 51.33 29.39 6.74
CA GLU D 128 50.31 28.42 7.08
C GLU D 128 50.79 27.60 8.26
N SER D 129 49.85 27.06 9.02
CA SER D 129 50.18 26.36 10.25
C SER D 129 49.39 25.05 10.32
N TYR D 130 50.13 23.95 10.23
CA TYR D 130 49.60 22.58 10.18
C TYR D 130 50.01 21.84 11.45
N MET D 131 49.13 20.97 11.93
CA MET D 131 49.45 20.12 13.07
C MET D 131 50.72 19.32 12.78
N ILE D 132 51.59 19.21 13.77
CA ILE D 132 52.71 18.27 13.67
C ILE D 132 52.10 16.88 13.76
N GLY D 133 52.16 16.15 12.65
CA GLY D 133 51.50 14.85 12.53
C GLY D 133 50.45 14.83 11.44
N SER D 134 50.11 16.00 10.89
CA SER D 134 49.14 16.09 9.79
C SER D 134 49.76 15.54 8.50
N PRO D 135 48.91 15.13 7.53
CA PRO D 135 49.41 14.71 6.22
C PRO D 135 50.44 15.66 5.61
N ALA D 136 50.18 16.97 5.70
CA ALA D 136 51.10 17.98 5.19
C ALA D 136 52.52 17.89 5.77
N THR D 137 52.63 17.46 7.03
CA THR D 137 53.94 17.28 7.67
C THR D 137 54.48 15.87 7.48
N GLY D 138 53.78 15.04 6.71
CA GLY D 138 54.21 13.67 6.44
C GLY D 138 53.44 12.58 7.20
N GLY D 139 52.60 12.98 8.14
CA GLY D 139 51.93 12.02 9.01
C GLY D 139 50.52 11.69 8.57
N ASP D 140 49.78 11.03 9.45
CA ASP D 140 48.36 10.79 9.22
C ASP D 140 47.53 10.88 10.51
N ASN D 141 47.83 11.93 11.28
CA ASN D 141 47.03 12.36 12.43
C ASN D 141 47.11 11.45 13.65
N ARG D 142 48.21 10.70 13.74
CA ARG D 142 48.51 9.86 14.91
C ARG D 142 49.97 9.98 15.35
N MET D 143 50.19 9.70 16.64
CA MET D 143 51.54 9.60 17.18
C MET D 143 52.30 8.47 16.48
N SER D 144 53.58 8.70 16.23
CA SER D 144 54.46 7.74 15.54
C SER D 144 55.89 8.11 15.87
N PRO D 145 56.87 7.23 15.58
CA PRO D 145 58.29 7.58 15.77
C PRO D 145 58.69 8.87 15.04
N GLU D 146 58.21 9.05 13.81
CA GLU D 146 58.55 10.21 13.01
C GLU D 146 57.93 11.49 13.60
N VAL D 147 56.65 11.39 13.99
CA VAL D 147 55.95 12.51 14.64
C VAL D 147 56.66 12.93 15.93
N GLU D 148 57.03 11.95 16.76
CA GLU D 148 57.73 12.26 18.01
C GLU D 148 59.06 13.00 17.79
N GLN D 149 59.82 12.59 16.78
CA GLN D 149 61.06 13.28 16.44
C GLN D 149 60.78 14.70 15.93
N GLN D 150 59.77 14.85 15.09
CA GLN D 150 59.34 16.19 14.64
C GLN D 150 59.00 17.11 15.81
N LEU D 151 58.27 16.57 16.78
CA LEU D 151 57.87 17.34 17.96
C LEU D 151 59.09 17.79 18.76
N ILE D 152 60.04 16.87 18.97
CA ILE D 152 61.26 17.15 19.73
C ILE D 152 62.11 18.19 19.00
N GLU D 153 62.24 18.03 17.68
CA GLU D 153 62.98 18.97 16.84
C GLU D 153 62.38 20.38 16.82
N ALA D 154 61.06 20.47 16.98
CA ALA D 154 60.36 21.75 16.98
C ALA D 154 60.34 22.43 18.35
N GLY D 155 60.95 21.79 19.35
CA GLY D 155 61.02 22.34 20.71
C GLY D 155 59.94 21.81 21.65
N TYR D 156 59.17 20.84 21.18
CA TYR D 156 58.11 20.27 22.01
C TYR D 156 58.50 18.90 22.53
N SER D 157 57.50 18.15 22.98
CA SER D 157 57.68 16.78 23.36
C SER D 157 56.43 15.99 22.99
N ARG D 158 56.42 14.72 23.39
CA ARG D 158 55.36 13.78 23.11
C ARG D 158 54.00 14.27 23.60
N ASP D 159 53.99 14.94 24.75
CA ASP D 159 52.79 15.43 25.39
C ASP D 159 52.08 16.58 24.68
N GLU D 160 52.74 17.20 23.71
CA GLU D 160 52.14 18.32 22.99
C GLU D 160 51.50 17.87 21.67
N PHE D 161 51.52 16.56 21.42
CA PHE D 161 50.85 16.02 20.23
C PHE D 161 49.36 16.38 20.21
N LEU D 162 48.89 16.81 19.04
CA LEU D 162 47.52 17.30 18.81
C LEU D 162 47.37 18.80 19.08
N LEU D 163 48.35 19.38 19.77
CA LEU D 163 48.39 20.82 20.08
C LEU D 163 49.43 21.59 19.26
N ALA D 164 50.62 21.01 19.14
CA ALA D 164 51.75 21.62 18.43
C ALA D 164 51.58 21.66 16.92
N THR D 165 51.91 22.81 16.34
CA THR D 165 51.87 22.99 14.89
C THR D 165 53.32 23.24 14.39
N ASP D 166 53.53 23.14 13.08
CA ASP D 166 54.87 23.31 12.48
C ASP D 166 55.33 24.77 12.54
N THR D 167 54.40 25.71 12.41
CA THR D 167 54.69 27.11 12.60
C THR D 167 53.76 27.70 13.68
N ALA D 168 54.24 28.70 14.39
CA ALA D 168 53.48 29.30 15.46
C ALA D 168 53.18 30.75 15.13
N MET D 169 52.14 31.29 15.75
CA MET D 169 51.82 32.69 15.66
C MET D 169 52.59 33.39 16.77
N VAL D 170 53.49 34.28 16.38
CA VAL D 170 54.43 34.89 17.33
C VAL D 170 53.99 36.32 17.57
N VAL D 171 53.93 36.69 18.85
CA VAL D 171 53.48 38.02 19.27
C VAL D 171 54.34 38.49 20.44
N PRO D 172 54.48 39.82 20.60
CA PRO D 172 55.19 40.35 21.76
C PRO D 172 54.34 40.38 23.02
N VAL D 173 54.98 40.05 24.14
CA VAL D 173 54.37 40.15 25.46
C VAL D 173 53.94 41.59 25.76
N ASN D 174 52.86 41.73 26.52
CA ASN D 174 52.38 43.03 26.99
C ASN D 174 51.94 44.02 25.91
N LYS D 175 51.58 43.51 24.75
CA LYS D 175 51.05 44.34 23.68
C LYS D 175 49.63 43.91 23.33
N THR D 176 48.82 44.86 22.91
CA THR D 176 47.46 44.57 22.47
C THR D 176 47.50 43.94 21.09
N VAL D 177 47.10 42.67 21.02
CA VAL D 177 46.99 41.98 19.76
C VAL D 177 45.53 41.96 19.31
N VAL D 178 45.28 42.39 18.09
CA VAL D 178 43.94 42.27 17.51
C VAL D 178 43.99 41.24 16.41
N VAL D 179 43.13 40.23 16.51
CA VAL D 179 43.07 39.18 15.54
C VAL D 179 41.79 39.30 14.71
N GLN D 180 41.95 39.31 13.40
CA GLN D 180 40.83 39.29 12.47
C GLN D 180 40.64 37.85 11.98
N VAL D 181 39.45 37.29 12.18
CA VAL D 181 39.20 35.87 11.93
C VAL D 181 38.16 35.63 10.82
N THR D 182 38.51 34.83 9.82
CA THR D 182 37.55 34.42 8.79
C THR D 182 37.77 32.97 8.40
N GLY D 183 36.78 32.37 7.73
CA GLY D 183 36.89 31.00 7.25
C GLY D 183 37.04 31.02 5.74
N ALA D 184 37.76 30.05 5.19
CA ALA D 184 37.99 30.02 3.74
C ALA D 184 37.00 29.12 2.99
N ASP D 185 36.40 28.17 3.69
CA ASP D 185 35.60 27.12 3.06
C ASP D 185 34.35 26.76 3.86
N VAL D 186 34.56 26.26 5.08
CA VAL D 186 33.50 26.00 6.04
C VAL D 186 33.79 26.86 7.27
N ILE D 187 32.91 26.79 8.26
CA ILE D 187 33.14 27.48 9.52
C ILE D 187 34.15 26.69 10.37
N HIS D 188 35.18 27.37 10.84
CA HIS D 188 36.10 26.84 11.82
C HIS D 188 35.97 27.75 13.04
N SER D 189 36.73 27.49 14.09
CA SER D 189 36.70 28.43 15.21
C SER D 189 38.06 28.57 15.85
N TRP D 190 38.51 29.81 15.99
CA TRP D 190 39.87 30.10 16.45
C TRP D 190 39.82 30.43 17.92
N THR D 191 40.65 29.77 18.71
CA THR D 191 40.58 29.97 20.15
C THR D 191 41.89 29.70 20.86
N VAL D 192 42.10 30.41 21.96
CA VAL D 192 43.21 30.12 22.87
C VAL D 192 42.65 30.24 24.28
N PRO D 193 42.37 29.11 24.94
CA PRO D 193 41.83 29.14 26.32
C PRO D 193 42.62 30.04 27.29
N ALA D 194 43.96 30.01 27.23
CA ALA D 194 44.80 30.84 28.11
C ALA D 194 44.61 32.34 27.95
N PHE D 195 44.14 32.76 26.78
CA PHE D 195 43.85 34.19 26.52
C PHE D 195 42.39 34.54 26.73
N GLY D 196 41.53 33.53 26.89
CA GLY D 196 40.08 33.74 27.06
C GLY D 196 39.40 34.26 25.81
N VAL D 197 39.89 33.81 24.66
CA VAL D 197 39.34 34.23 23.37
C VAL D 197 38.84 33.06 22.55
N LYS D 198 37.79 33.32 21.76
CA LYS D 198 37.19 32.35 20.83
C LYS D 198 36.31 33.11 19.85
N GLN D 199 36.47 32.82 18.57
CA GLN D 199 35.72 33.52 17.53
C GLN D 199 35.58 32.59 16.36
N ASP D 200 34.33 32.44 15.89
CA ASP D 200 34.08 31.62 14.71
C ASP D 200 34.72 32.22 13.47
N ALA D 201 35.22 31.35 12.60
CA ALA D 201 35.87 31.72 11.37
C ALA D 201 34.89 31.41 10.26
N VAL D 202 34.02 32.38 9.98
CA VAL D 202 32.88 32.20 9.10
C VAL D 202 33.23 32.67 7.69
N PRO D 203 33.06 31.80 6.67
CA PRO D 203 33.24 32.25 5.28
C PRO D 203 32.39 33.48 4.99
N GLY D 204 32.99 34.47 4.35
CA GLY D 204 32.29 35.69 3.97
C GLY D 204 32.24 36.76 5.03
N ARG D 205 32.70 36.46 6.25
CA ARG D 205 32.68 37.43 7.35
C ARG D 205 34.07 37.60 7.94
N LEU D 206 34.36 38.80 8.42
CA LEU D 206 35.61 39.05 9.13
C LEU D 206 35.28 39.53 10.55
N ALA D 207 35.64 38.72 11.55
CA ALA D 207 35.34 39.07 12.94
C ALA D 207 36.61 39.37 13.70
N GLN D 208 36.50 40.19 14.73
CA GLN D 208 37.67 40.59 15.49
C GLN D 208 37.64 40.09 16.91
N LEU D 209 38.82 39.91 17.51
CA LEU D 209 38.97 39.62 18.92
C LEU D 209 40.28 40.27 19.35
N TRP D 210 40.48 40.45 20.65
CA TRP D 210 41.74 40.97 21.12
C TRP D 210 42.19 40.21 22.35
N PHE D 211 43.50 40.24 22.55
CA PHE D 211 44.10 39.82 23.82
C PHE D 211 45.37 40.63 24.06
N ARG D 212 45.77 40.71 25.32
CA ARG D 212 47.11 41.19 25.67
C ARG D 212 47.73 40.12 26.54
N ALA D 213 48.76 39.46 26.02
CA ALA D 213 49.43 38.43 26.81
C ALA D 213 50.27 39.09 27.89
N GLU D 214 50.17 38.56 29.11
CA GLU D 214 50.78 39.13 30.29
C GLU D 214 52.05 38.38 30.67
N ARG D 215 52.36 37.32 29.94
CA ARG D 215 53.62 36.63 30.15
C ARG D 215 54.03 35.86 28.92
N GLU D 216 55.32 35.56 28.85
CA GLU D 216 55.91 34.85 27.74
C GLU D 216 55.65 33.37 27.89
N GLY D 217 55.50 32.69 26.76
CA GLY D 217 55.35 31.26 26.77
C GLY D 217 54.66 30.75 25.52
N ILE D 218 54.32 29.47 25.57
CA ILE D 218 53.61 28.79 24.51
C ILE D 218 52.17 28.53 24.99
N PHE D 219 51.20 28.82 24.13
CA PHE D 219 49.79 28.69 24.44
C PHE D 219 49.10 28.02 23.27
N PHE D 220 48.30 27.01 23.56
CA PHE D 220 47.67 26.20 22.51
C PHE D 220 46.15 26.37 22.49
N GLY D 221 45.57 26.25 21.31
CA GLY D 221 44.13 26.13 21.17
C GLY D 221 43.84 25.07 20.13
N GLN D 222 42.55 24.72 20.00
CA GLN D 222 42.12 23.71 19.03
C GLN D 222 40.86 24.19 18.30
N CYS D 223 40.74 23.82 17.02
CA CYS D 223 39.60 24.24 16.23
C CYS D 223 38.30 23.88 16.95
N SER D 224 37.41 24.84 17.02
CA SER D 224 36.23 24.73 17.90
C SER D 224 34.90 24.94 17.17
N GLU D 225 34.87 24.62 15.88
CA GLU D 225 33.61 24.39 15.21
C GLU D 225 33.80 23.25 14.23
N LEU D 226 32.94 22.24 14.34
CA LEU D 226 33.05 21.03 13.53
C LEU D 226 33.11 21.41 12.06
N CYS D 227 34.20 21.02 11.42
CA CYS D 227 34.55 21.48 10.08
C CYS D 227 34.88 20.32 9.15
N GLY D 228 34.49 19.11 9.54
CA GLY D 228 34.74 17.94 8.73
C GLY D 228 35.74 16.97 9.34
N ILE D 229 36.31 16.14 8.47
CA ILE D 229 37.10 14.96 8.87
C ILE D 229 38.30 15.21 9.80
N SER D 230 38.96 16.37 9.66
CA SER D 230 40.14 16.65 10.49
C SER D 230 39.99 17.82 11.46
N HIS D 231 38.74 18.04 11.89
CA HIS D 231 38.36 18.96 12.94
C HIS D 231 39.25 18.81 14.19
N ALA D 232 39.50 17.55 14.59
CA ALA D 232 40.31 17.25 15.77
C ALA D 232 41.80 17.50 15.55
N TYR D 233 42.18 17.87 14.33
CA TYR D 233 43.58 17.87 13.90
C TYR D 233 44.04 19.18 13.22
N MET D 234 43.55 20.33 13.70
CA MET D 234 44.02 21.61 13.17
C MET D 234 44.17 22.64 14.28
N PRO D 235 45.16 22.41 15.15
CA PRO D 235 45.30 23.23 16.34
C PRO D 235 45.98 24.58 16.08
N ILE D 236 46.16 25.33 17.16
CA ILE D 236 46.69 26.68 17.18
C ILE D 236 47.82 26.73 18.19
N THR D 237 48.98 27.26 17.76
CA THR D 237 50.08 27.57 18.67
C THR D 237 50.38 29.06 18.62
N VAL D 238 50.36 29.70 19.78
CA VAL D 238 50.76 31.10 19.91
C VAL D 238 51.99 31.15 20.81
N LYS D 239 53.05 31.78 20.30
CA LYS D 239 54.28 32.01 21.09
C LYS D 239 54.34 33.47 21.49
N VAL D 240 54.34 33.70 22.80
CA VAL D 240 54.47 35.04 23.33
C VAL D 240 55.92 35.24 23.76
N VAL D 241 56.56 36.25 23.16
CA VAL D 241 58.00 36.48 23.36
C VAL D 241 58.29 37.93 23.76
N SER D 242 59.55 38.24 24.04
CA SER D 242 59.95 39.61 24.37
C SER D 242 59.75 40.49 23.14
N GLU D 243 59.62 41.81 23.36
CA GLU D 243 59.60 42.77 22.26
C GLU D 243 60.77 42.55 21.30
N GLU D 244 61.95 42.28 21.86
CA GLU D 244 63.18 42.03 21.11
C GLU D 244 63.09 40.77 20.28
N ALA D 245 62.75 39.66 20.93
CA ALA D 245 62.58 38.38 20.24
C ALA D 245 61.53 38.48 19.13
N TYR D 246 60.47 39.24 19.37
CA TYR D 246 59.46 39.44 18.35
C TYR D 246 60.04 40.17 17.13
N ALA D 247 60.70 41.30 17.37
CA ALA D 247 61.36 42.05 16.29
C ALA D 247 62.35 41.15 15.53
N ALA D 248 63.12 40.36 16.27
CA ALA D 248 64.08 39.42 15.68
C ALA D 248 63.41 38.43 14.73
N TRP D 249 62.26 37.91 15.15
CA TRP D 249 61.46 37.00 14.33
C TRP D 249 60.93 37.74 13.10
N LEU D 250 60.47 38.97 13.28
CA LEU D 250 60.10 39.83 12.13
C LEU D 250 61.26 40.01 11.14
N GLU D 251 62.46 40.31 11.63
CA GLU D 251 63.62 40.55 10.75
C GLU D 251 64.02 39.27 10.02
N GLN D 252 63.91 38.12 10.68
CA GLN D 252 64.13 36.83 10.01
C GLN D 252 63.26 36.68 8.76
N HIS D 253 62.05 37.23 8.80
CA HIS D 253 61.16 37.14 7.63
C HIS D 253 61.40 38.21 6.57
N HIS D 254 62.07 39.31 6.95
CA HIS D 254 62.25 40.45 6.05
C HIS D 254 63.15 40.07 4.86
N HIS D 255 62.63 40.34 3.65
CA HIS D 255 63.31 40.04 2.39
C HIS D 255 64.01 41.27 1.84
N HIS D 256 65.31 41.17 1.58
CA HIS D 256 66.06 42.35 1.11
C HIS D 256 66.22 42.38 -0.42
O OH E . -23.01 -11.81 -22.63
C1 DMU F . -31.94 -14.10 -56.16
C2 DMU F . -32.63 -13.35 -57.30
C3 DMU F . -32.98 -14.33 -58.43
C4 DMU F . -33.88 -15.42 -57.85
O5 DMU F . -33.19 -16.08 -56.77
C6 DMU F . -32.85 -15.22 -55.68
O7 DMU F . -33.63 -13.64 -59.52
O16 DMU F . -32.23 -16.01 -54.66
C18 DMU F . -33.05 -16.04 -53.49
C19 DMU F . -32.56 -17.07 -52.47
C22 DMU F . -32.97 -16.66 -51.07
C25 DMU F . -32.91 -17.88 -50.15
C28 DMU F . -32.65 -17.50 -48.71
C31 DMU F . -32.66 -18.74 -47.79
C34 DMU F . -31.24 -19.15 -47.45
C37 DMU F . -31.19 -20.17 -46.32
C40 DMU F . -29.74 -20.40 -45.89
C43 DMU F . -29.39 -21.88 -45.83
O49 DMU F . -31.65 -13.20 -55.09
O55 DMU F . -31.84 -12.29 -57.83
C57 DMU F . -34.26 -16.49 -58.89
O61 DMU F . -35.07 -17.46 -58.24
C1 DMU G . -22.34 -46.97 -28.65
C2 DMU G . -22.16 -47.39 -27.19
C3 DMU G . -20.96 -46.69 -26.55
C4 DMU G . -21.07 -45.18 -26.77
O5 DMU G . -21.25 -44.86 -28.17
C6 DMU G . -22.43 -45.45 -28.76
O7 DMU G . -20.96 -46.97 -25.13
O16 DMU G . -22.47 -45.02 -30.13
C18 DMU G . -23.49 -44.06 -30.33
C19 DMU G . -23.14 -43.09 -31.46
C22 DMU G . -24.37 -42.27 -31.84
C25 DMU G . -24.19 -41.53 -33.16
C28 DMU G . -25.19 -40.39 -33.29
C31 DMU G . -25.01 -39.63 -34.60
C34 DMU G . -26.06 -38.52 -34.71
C37 DMU G . -26.68 -38.41 -36.11
C40 DMU G . -28.02 -37.69 -36.04
C43 DMU G . -28.86 -37.90 -37.30
O49 DMU G . -23.57 -47.53 -29.10
O55 DMU G . -21.98 -48.78 -27.11
C57 DMU G . -19.90 -44.39 -26.23
O61 DMU G . -20.35 -43.06 -26.08
C1 TRD H . -37.53 -34.17 -14.85
C2 TRD H . -37.63 -33.05 -15.88
C3 TRD H . -37.29 -33.55 -17.29
C4 TRD H . -36.68 -32.43 -18.13
C5 TRD H . -36.39 -32.87 -19.57
C6 TRD H . -35.98 -31.68 -20.43
C7 TRD H . -37.15 -31.07 -21.17
C1 TRD I . -10.22 -35.38 -36.08
C2 TRD I . -11.69 -35.69 -35.82
C3 TRD I . -12.60 -34.57 -36.31
C4 TRD I . -14.05 -35.06 -36.47
C5 TRD I . -14.94 -33.91 -36.96
C6 TRD I . -16.42 -34.23 -36.89
C7 TRD I . -17.23 -33.17 -37.62
C5 TRD J . -27.26 -45.63 -27.41
C6 TRD J . -27.06 -45.07 -28.81
C7 TRD J . -28.08 -43.98 -29.13
C8 TRD J . -27.96 -43.51 -30.58
C9 TRD J . -29.17 -42.71 -31.03
C10 TRD J . -29.02 -42.23 -32.48
C11 TRD J . -30.06 -41.16 -32.82
FE HEA K . -22.91 -24.31 -28.72
CHA HEA K . -20.34 -24.26 -26.40
CHB HEA K . -23.52 -27.62 -27.93
CHC HEA K . -25.36 -24.46 -31.11
CHD HEA K . -22.47 -20.99 -29.27
NA HEA K . -22.03 -25.73 -27.45
C1A HEA K . -21.10 -25.42 -26.47
C2A HEA K . -21.05 -26.56 -25.56
C3A HEA K . -21.93 -27.47 -25.99
C4A HEA K . -22.56 -26.97 -27.18
CMA HEA K . -22.19 -28.81 -25.32
OMA HEA K . -22.99 -29.60 -25.75
CAA HEA K . -20.14 -26.65 -24.33
CBA HEA K . -18.76 -27.15 -24.75
CGA HEA K . -17.83 -27.30 -23.56
O1A HEA K . -16.94 -28.21 -23.59
O2A HEA K . -17.96 -26.52 -22.59
NB HEA K . -24.18 -25.80 -29.38
C1B HEA K . -24.26 -27.09 -28.96
C2B HEA K . -25.26 -27.78 -29.75
C3B HEA K . -25.74 -26.89 -30.63
C4B HEA K . -25.08 -25.63 -30.42
CMB HEA K . -25.65 -29.26 -29.60
NC HEA K . -23.76 -22.95 -30.00
C1C HEA K . -24.84 -23.20 -30.82
C2C HEA K . -25.27 -21.92 -31.35
C3C HEA K . -24.46 -20.96 -30.85
C4C HEA K . -23.50 -21.60 -29.97
CMC HEA K . -26.45 -21.74 -32.31
CAC HEA K . -24.49 -19.43 -31.06
CBC HEA K . -25.21 -18.80 -32.00
ND HEA K . -21.62 -22.88 -27.96
C1D HEA K . -21.58 -21.58 -28.40
C2D HEA K . -20.46 -20.96 -27.73
C3D HEA K . -19.87 -21.86 -26.93
C4D HEA K . -20.60 -23.09 -27.06
CMD HEA K . -20.05 -19.47 -27.91
CAD HEA K . -18.65 -21.63 -26.02
CBD HEA K . -17.37 -22.19 -26.65
CGD HEA K . -16.28 -22.14 -25.60
O1D HEA K . -16.45 -22.72 -24.50
O2D HEA K . -15.24 -21.52 -25.87
C11 HEA K . -26.69 -27.11 -31.81
O11 HEA K . -26.48 -28.40 -32.41
C12 HEA K . -28.13 -26.94 -31.28
C13 HEA K . -29.12 -27.23 -32.41
C14 HEA K . -29.24 -26.05 -33.35
C15 HEA K . -29.46 -26.22 -34.65
C16 HEA K . -29.65 -25.05 -35.59
C17 HEA K . -28.51 -24.07 -35.67
C18 HEA K . -28.87 -23.00 -36.67
C19 HEA K . -27.96 -22.07 -37.00
C20 HEA K . -28.28 -20.97 -38.01
C21 HEA K . -27.57 -21.26 -39.33
C22 HEA K . -27.81 -20.09 -40.28
C23 HEA K . -28.81 -20.05 -41.20
C24 HEA K . -28.95 -18.86 -42.11
C25 HEA K . -29.80 -21.16 -41.38
C26 HEA K . -29.58 -27.60 -35.24
C27 HEA K . -26.61 -22.14 -36.37
FE HEA L . -25.94 -13.83 -21.18
CHA HEA L . -23.06 -15.39 -20.13
CHB HEA L . -26.30 -12.46 -18.00
CHC HEA L . -28.62 -12.01 -22.30
CHD HEA L . -25.28 -14.78 -24.42
NA HEA L . -24.86 -13.92 -19.34
C1A HEA L . -23.66 -14.57 -19.19
C2A HEA L . -23.17 -14.25 -17.87
C3A HEA L . -24.07 -13.43 -17.28
C4A HEA L . -25.16 -13.21 -18.21
CMA HEA L . -23.96 -12.85 -15.89
OMA HEA L . -24.71 -11.96 -15.54
CAA HEA L . -21.87 -14.74 -17.25
CBA HEA L . -22.13 -16.02 -16.46
CGA HEA L . -20.82 -16.72 -16.15
O1A HEA L . -20.65 -17.15 -14.98
O2A HEA L . -19.94 -16.84 -17.05
NB HEA L . -27.21 -12.43 -20.31
C1B HEA L . -27.25 -12.11 -18.96
C2B HEA L . -28.46 -11.33 -18.76
C3B HEA L . -29.10 -11.20 -19.95
C4B HEA L . -28.31 -11.88 -20.95
CMB HEA L . -28.95 -10.73 -17.44
NC HEA L . -26.81 -13.47 -23.04
C1C HEA L . -27.90 -12.68 -23.27
C2C HEA L . -28.16 -12.68 -24.71
C3C HEA L . -27.23 -13.46 -25.31
C4C HEA L . -26.36 -13.96 -24.24
CMC HEA L . -29.30 -11.91 -25.39
CAC HEA L . -27.04 -13.78 -26.79
CBC HEA L . -28.03 -13.73 -27.68
ND HEA L . -24.45 -14.90 -22.11
C1D HEA L . -24.35 -15.15 -23.45
C2D HEA L . -23.10 -15.87 -23.67
C3D HEA L . -22.51 -16.03 -22.49
C4D HEA L . -23.34 -15.43 -21.48
CMD HEA L . -22.59 -16.35 -25.04
CAD HEA L . -21.19 -16.77 -22.16
CBD HEA L . -19.90 -16.19 -22.74
CGD HEA L . -18.84 -17.23 -22.39
O1D HEA L . -18.38 -17.26 -21.22
O2D HEA L . -18.49 -18.01 -23.31
C11 HEA L . -30.29 -10.24 -20.25
O11 HEA L . -30.00 -9.49 -21.43
C12 HEA L . -31.58 -11.05 -20.46
C13 HEA L . -32.85 -10.27 -19.99
C14 HEA L . -34.09 -11.01 -20.43
C15 HEA L . -35.01 -11.49 -19.55
C16 HEA L . -36.22 -12.25 -20.06
C17 HEA L . -37.38 -11.33 -20.48
C18 HEA L . -37.86 -10.41 -19.36
C19 HEA L . -39.06 -10.50 -18.76
C20 HEA L . -39.39 -9.50 -17.66
C21 HEA L . -39.56 -10.14 -16.28
C22 HEA L . -38.26 -10.73 -15.80
C23 HEA L . -37.60 -10.33 -14.69
C24 HEA L . -38.10 -9.22 -13.81
C25 HEA L . -36.31 -11.03 -14.33
C26 HEA L . -34.84 -11.32 -18.07
C27 HEA L . -40.06 -11.55 -19.15
C1 TRD M . -19.69 -49.93 -29.04
C2 TRD M . -20.24 -50.87 -30.08
C3 TRD M . -21.52 -50.34 -30.74
C4 TRD M . -21.21 -49.68 -32.08
C5 TRD M . -22.11 -48.48 -32.35
C6 TRD M . -21.39 -47.48 -33.26
C7 TRD M . -22.20 -46.22 -33.51
C8 TRD M . -21.38 -45.23 -34.34
C9 TRD M . -22.26 -44.35 -35.23
C10 TRD M . -21.56 -43.04 -35.56
C11 TRD M . -22.32 -42.26 -36.64
C12 TRD M . -21.40 -41.32 -37.41
C13 TRD M . -22.07 -39.98 -37.63
C1 TRD N . -33.99 -30.79 -6.33
C2 TRD N . -34.42 -30.37 -7.73
C3 TRD N . -34.15 -28.89 -8.03
C4 TRD N . -34.88 -28.42 -9.30
C5 TRD N . -33.92 -27.85 -10.34
C6 TRD N . -34.58 -27.20 -11.57
C7 TRD N . -33.69 -26.09 -12.14
C8 TRD N . -34.06 -25.62 -13.54
C9 TRD N . -33.44 -24.25 -13.81
C10 TRD N . -33.96 -23.53 -15.06
C11 TRD N . -35.27 -22.77 -14.82
C12 TRD N . -35.58 -21.77 -15.93
C13 TRD N . -36.91 -21.08 -15.70
CU CU O . -22.58 -10.46 -20.75
MG MG P . -13.88 -18.48 -15.81
CA CA Q . -17.49 -40.16 -23.82
CL CL R . -27.08 -1.39 -53.11
C1 DMU S . 7.83 -30.63 -15.31
C2 DMU S . 6.37 -31.09 -15.27
C3 DMU S . 6.12 -32.18 -16.31
C4 DMU S . 7.13 -33.32 -16.10
O5 DMU S . 8.46 -32.80 -16.16
C6 DMU S . 8.71 -31.86 -15.10
O7 DMU S . 4.77 -32.68 -16.17
O16 DMU S . 10.06 -31.45 -15.21
C18 DMU S . 10.99 -32.33 -14.58
C19 DMU S . 12.21 -31.51 -14.21
C22 DMU S . 13.39 -32.40 -13.83
C25 DMU S . 14.72 -31.68 -14.07
C28 DMU S . 15.04 -30.71 -12.93
C31 DMU S . 16.08 -29.69 -13.37
C34 DMU S . 17.38 -29.88 -12.60
C37 DMU S . 17.73 -28.65 -11.76
C40 DMU S . 19.16 -28.21 -12.01
C43 DMU S . 19.95 -28.11 -10.71
O49 DMU S . 8.05 -29.75 -14.23
O55 DMU S . 5.52 -29.98 -15.52
C57 DMU S . 7.03 -34.51 -17.05
O61 DMU S . 7.27 -34.07 -18.36
C5 DMU S . 2.57 -31.67 -16.50
C7 DMU S . 1.76 -32.87 -15.99
C8 DMU S . 1.52 -33.83 -17.16
C9 DMU S . 2.89 -34.26 -17.74
O1 DMU S . 3.61 -33.08 -18.16
C10 DMU S . 3.88 -32.12 -17.13
O2 DMU S . 0.65 -34.90 -16.81
O3 DMU S . 2.89 -30.81 -15.43
O4 DMU S . 0.52 -32.48 -15.37
C11 DMU S . 2.84 -35.27 -18.87
O6 DMU S . 2.21 -34.65 -19.99
C1 DMU T . 10.44 -26.71 -19.34
C2 DMU T . 9.61 -27.99 -19.35
C3 DMU T . 9.50 -28.51 -20.78
C4 DMU T . 10.90 -28.74 -21.34
O5 DMU T . 11.65 -27.50 -21.27
C6 DMU T . 11.82 -27.03 -19.92
O7 DMU T . 8.76 -29.74 -20.76
O16 DMU T . 12.69 -25.90 -19.90
C18 DMU T . 13.70 -26.00 -18.90
C19 DMU T . 15.10 -26.04 -19.52
C22 DMU T . 16.08 -26.71 -18.55
C25 DMU T . 17.36 -25.90 -18.37
C28 DMU T . 18.55 -26.79 -18.05
C31 DMU T . 19.78 -26.00 -17.59
C34 DMU T . 20.26 -26.49 -16.22
C37 DMU T . 21.71 -26.14 -15.96
C40 DMU T . 22.24 -26.86 -14.72
C43 DMU T . 23.10 -25.98 -13.85
O49 DMU T . 10.54 -26.23 -18.00
O55 DMU T . 8.30 -27.75 -18.86
C57 DMU T . 10.93 -29.29 -22.76
O61 DMU T . 10.33 -28.35 -23.63
C5 DMU T . 6.41 -30.33 -20.71
C7 DMU T . 6.61 -31.84 -20.72
C8 DMU T . 6.81 -32.37 -22.12
C9 DMU T . 7.91 -31.63 -22.86
O1 DMU T . 7.69 -30.20 -22.80
C10 DMU T . 7.53 -29.63 -21.48
O2 DMU T . 7.13 -33.76 -22.08
O3 DMU T . 6.41 -29.84 -19.36
O4 DMU T . 5.50 -32.48 -20.12
C11 DMU T . 7.96 -32.05 -24.33
O6 DMU T . 9.25 -31.79 -24.85
C1 DMU U . -58.37 -3.97 -23.05
C2 DMU U . -59.29 -3.15 -23.94
C3 DMU U . -58.63 -1.85 -24.36
C4 DMU U . -57.23 -2.09 -24.94
O5 DMU U . -56.44 -2.90 -24.05
C6 DMU U . -57.02 -4.18 -23.73
O7 DMU U . -59.43 -1.23 -25.38
O16 DMU U . -56.15 -4.85 -22.83
C18 DMU U . -54.98 -5.36 -23.46
C19 DMU U . -54.49 -6.53 -22.61
C22 DMU U . -53.13 -7.05 -23.08
C25 DMU U . -52.66 -8.12 -22.11
C28 DMU U . -51.47 -8.89 -22.70
C31 DMU U . -50.14 -8.28 -22.30
C34 DMU U . -49.51 -9.06 -21.17
C37 DMU U . -49.35 -8.19 -19.93
C40 DMU U . -48.50 -8.89 -18.87
C43 DMU U . -47.89 -7.89 -17.91
O49 DMU U . -58.95 -5.23 -22.79
O55 DMU U . -60.49 -2.86 -23.24
C57 DMU U . -56.47 -0.79 -25.21
O61 DMU U . -56.08 -0.18 -24.00
C5 DMU U . -61.50 -0.01 -25.44
C7 DMU U . -61.58 0.03 -26.97
C8 DMU U . -60.67 1.10 -27.57
C9 DMU U . -59.26 1.04 -26.97
O1 DMU U . -59.34 1.10 -25.54
C10 DMU U . -60.05 0.00 -24.95
O2 DMU U . -60.60 0.88 -28.98
O3 DMU U . -62.13 -1.20 -24.96
O4 DMU U . -62.93 0.22 -27.39
C11 DMU U . -58.29 2.12 -27.48
O6 DMU U . -58.98 3.19 -28.14
C1 DMU V . -23.68 -1.68 2.80
C2 DMU V . -22.94 -2.75 3.60
C3 DMU V . -23.81 -3.99 3.80
C4 DMU V . -24.30 -4.49 2.44
O5 DMU V . -24.99 -3.45 1.72
C6 DMU V . -24.21 -2.26 1.48
O7 DMU V . -23.04 -5.02 4.44
O16 DMU V . -25.01 -1.28 0.82
O49 DMU V . -22.79 -0.62 2.51
O55 DMU V . -22.53 -2.23 4.85
C57 DMU V . -25.15 -5.76 2.51
O61 DMU V . -26.47 -5.46 2.94
C5 DMU V . -22.16 -5.46 6.65
C7 DMU V . -21.36 -6.71 6.30
C8 DMU V . -22.22 -7.97 6.21
C9 DMU V . -23.48 -7.73 5.37
O1 DMU V . -24.19 -6.55 5.84
C10 DMU V . -23.43 -5.32 5.80
O2 DMU V . -21.44 -9.01 5.63
O3 DMU V . -21.34 -4.32 6.46
O4 DMU V . -20.35 -6.93 7.26
C11 DMU V . -24.40 -8.94 5.39
O6 DMU V . -25.26 -8.91 6.51
C1 TRD W . -31.07 -2.78 -2.67
C2 TRD W . -31.35 -3.68 -3.87
C3 TRD W . -30.72 -3.12 -5.15
C4 TRD W . -31.48 -3.62 -6.38
C5 TRD W . -30.90 -3.03 -7.67
C6 TRD W . -31.54 -3.69 -8.89
C7 TRD W . -31.98 -2.66 -9.91
C8 TRD W . -32.92 -3.27 -10.95
C9 TRD W . -33.75 -2.21 -11.63
C1 HTH X . 4.99 -26.86 12.26
O1 HTH X . 6.24 -27.17 11.62
C2 HTH X . 4.27 -28.15 12.66
O2 HTH X . 2.98 -28.20 12.02
C3 HTH X . 4.11 -28.26 14.19
O3 HTH X . 5.35 -27.95 14.85
C4 HTH X . 3.66 -29.67 14.61
C5 HTH X . 2.20 -29.68 15.05
C6 HTH X . 1.81 -31.09 15.47
C7 HTH X . 0.32 -31.28 15.47
CU CU Y . -8.46 -26.04 -15.96
CU CU1 Z . -6.30 -26.16 -14.53
CD CD AA . 6.60 -33.31 15.66
CD CD BA . -48.22 3.23 -24.66
O OH CA . 18.96 24.87 24.29
C1 DMU DA . 41.90 -2.54 26.21
C2 DMU DA . 43.19 -1.77 26.48
C3 DMU DA . 43.35 -0.56 25.55
C4 DMU DA . 42.05 0.23 25.43
O5 DMU DA . 40.89 -0.61 25.20
C6 DMU DA . 40.69 -1.60 26.22
O7 DMU DA . 44.35 0.36 26.02
O16 DMU DA . 39.51 -2.36 25.93
C18 DMU DA . 38.34 -1.80 26.54
C19 DMU DA . 37.12 -2.22 25.73
C22 DMU DA . 35.87 -1.47 26.17
C25 DMU DA . 34.71 -2.41 26.45
C28 DMU DA . 33.40 -1.63 26.52
C31 DMU DA . 32.17 -2.51 26.57
C34 DMU DA . 31.33 -2.18 27.80
C37 DMU DA . 29.86 -2.50 27.60
C40 DMU DA . 29.35 -3.29 28.80
C43 DMU DA . 27.96 -2.85 29.21
O49 DMU DA . 41.75 -3.53 27.21
O55 DMU DA . 44.27 -2.67 26.34
C57 DMU DA . 42.12 1.28 24.32
O61 DMU DA . 41.05 2.20 24.50
C5 DMU DA . 46.65 1.23 26.16
C7 DMU DA . 46.55 2.39 25.18
C8 DMU DA . 46.87 1.91 23.76
C9 DMU DA . 45.94 0.77 23.37
O1 DMU DA . 45.97 -0.29 24.35
C10 DMU DA . 45.74 0.07 25.74
O2 DMU DA . 46.80 2.97 22.81
O3 DMU DA . 46.30 1.68 27.46
O4 DMU DA . 47.45 3.41 25.59
C11 DMU DA . 46.26 0.19 22.00
O6 DMU DA . 45.25 -0.74 21.63
C1 DMU EA . 17.14 -11.64 43.60
C2 DMU EA . 15.68 -11.50 44.00
C3 DMU EA . 15.51 -10.91 45.41
C4 DMU EA . 16.42 -9.70 45.63
O5 DMU EA . 17.77 -9.95 45.17
C6 DMU EA . 17.84 -10.30 43.78
O7 DMU EA . 14.12 -10.53 45.57
O16 DMU EA . 19.20 -10.41 43.36
O49 DMU EA . 17.25 -12.07 42.25
O55 DMU EA . 15.06 -12.77 43.92
C57 DMU EA . 16.49 -9.31 47.10
O61 DMU EA . 15.40 -8.44 47.40
C5 DMU EA . 12.31 -12.08 46.17
C7 DMU EA . 11.16 -11.27 45.59
C8 DMU EA . 10.65 -10.24 46.59
C9 DMU EA . 11.81 -9.37 47.10
O1 DMU EA . 12.90 -10.17 47.58
C10 DMU EA . 13.44 -11.17 46.68
O2 DMU EA . 9.67 -9.44 45.96
O3 DMU EA . 12.79 -13.01 45.23
O4 DMU EA . 10.10 -12.15 45.23
C11 DMU EA . 11.32 -8.46 48.22
O6 DMU EA . 12.41 -7.75 48.79
C1 DMU FA . -1.62 -3.66 26.06
C2 DMU FA . -3.13 -3.90 26.11
C3 DMU FA . -3.45 -5.39 26.28
C4 DMU FA . -2.68 -5.98 27.48
O5 DMU FA . -1.26 -5.68 27.38
C6 DMU FA . -0.97 -4.25 27.30
O7 DMU FA . -4.89 -5.56 26.41
O16 DMU FA . 0.44 -4.02 27.29
O49 DMU FA . -1.37 -2.27 25.97
O55 DMU FA . -3.74 -3.41 24.92
C57 DMU FA . -2.89 -7.50 27.62
O61 DMU FA . -1.66 -8.21 27.75
C5 DMU FA . -6.97 -5.78 25.11
C7 DMU FA . -7.84 -6.58 26.08
C8 DMU FA . -7.53 -8.08 26.07
C9 DMU FA . -6.03 -8.34 26.16
O1 DMU FA . -5.30 -7.58 25.18
C10 DMU FA . -5.48 -6.15 25.23
O2 DMU FA . -8.20 -8.69 27.17
O3 DMU FA . -7.15 -4.40 25.35
O4 DMU FA . -9.21 -6.39 25.74
C11 DMU FA . -5.71 -9.83 25.97
O6 DMU FA . -5.10 -10.35 27.14
FE HEA GA . 24.59 12.22 24.16
CHA HEA GA . 26.55 14.21 22.19
CHB HEA GA . 27.44 10.63 25.33
CHC HEA GA . 22.64 10.15 25.92
CHD HEA GA . 21.76 14.02 23.19
NA HEA GA . 26.68 12.35 23.78
C1A HEA GA . 27.24 13.36 23.04
C2A HEA GA . 28.67 13.32 23.30
C3A HEA GA . 28.91 12.34 24.17
C4A HEA GA . 27.65 11.70 24.48
CMA HEA GA . 30.26 11.95 24.70
OMA HEA GA . 30.40 11.08 25.53
CAA HEA GA . 29.69 14.28 22.69
CBA HEA GA . 30.04 13.90 21.27
CGA HEA GA . 31.18 14.77 20.76
O1A HEA GA . 32.10 14.21 20.11
O2A HEA GA . 31.17 16.02 21.00
NB HEA GA . 24.98 10.72 25.36
C1B HEA GA . 26.20 10.19 25.72
C2B HEA GA . 25.96 9.03 26.57
C3B HEA GA . 24.65 8.89 26.70
C4B HEA GA . 24.00 9.95 25.97
CMB HEA GA . 27.08 8.14 27.16
NC HEA GA . 22.52 12.11 24.46
C1C HEA GA . 21.98 11.21 25.33
C2C HEA GA . 20.59 11.57 25.54
C3C HEA GA . 20.33 12.64 24.77
C4C HEA GA . 21.56 13.00 24.08
CMC HEA GA . 19.63 10.80 26.47
CAC HEA GA . 19.02 13.41 24.64
CBC HEA GA . 17.85 12.79 24.80
ND HEA GA . 24.22 13.80 22.96
C1D HEA GA . 23.00 14.35 22.63
C2D HEA GA . 23.20 15.35 21.62
C3D HEA GA . 24.51 15.42 21.34
C4D HEA GA . 25.18 14.45 22.17
CMD HEA GA . 22.08 16.21 21.00
CAD HEA GA . 25.17 16.37 20.33
CBD HEA GA . 25.63 15.68 19.04
CGD HEA GA . 26.36 16.70 18.19
O1D HEA GA . 27.44 17.17 18.63
O2D HEA GA . 25.88 17.06 17.09
C11 HEA GA . 23.92 7.73 27.41
O11 HEA GA . 24.62 6.50 27.20
C12 HEA GA . 23.82 8.04 28.91
C13 HEA GA . 23.03 6.98 29.69
C14 HEA GA . 21.55 6.95 29.38
C15 HEA GA . 20.90 5.76 29.22
C16 HEA GA . 19.43 5.66 28.93
C17 HEA GA . 18.90 6.73 27.98
C18 HEA GA . 17.39 6.61 27.95
C19 HEA GA . 16.67 6.98 26.87
C20 HEA GA . 15.16 6.85 26.91
C21 HEA GA . 14.69 5.73 25.95
C22 HEA GA . 13.19 5.75 25.75
C23 HEA GA . 12.35 4.93 26.44
C24 HEA GA . 10.87 5.03 26.18
C25 HEA GA . 12.85 3.95 27.44
C26 HEA GA . 21.64 4.46 29.37
C27 HEA GA . 17.35 7.52 25.63
FE HEA HA . 20.57 24.41 27.55
CHA HEA HA . 23.05 24.49 25.23
CHB HEA HA . 21.40 27.63 28.53
CHC HEA HA . 17.86 24.44 29.64
CHD HEA HA . 19.45 21.35 26.26
NA HEA HA . 22.03 25.82 27.01
C1A HEA HA . 22.86 25.67 25.92
C2A HEA HA . 23.49 26.94 25.66
C3A HEA HA . 23.04 27.81 26.58
C4A HEA HA . 22.10 27.13 27.44
CMA HEA HA . 23.44 29.26 26.67
OMA HEA HA . 22.90 30.00 27.47
CAA HEA HA . 24.51 27.22 24.54
CBA HEA HA . 25.90 26.93 25.09
CGA HEA HA . 26.95 26.88 24.00
O1A HEA HA . 27.97 27.62 24.13
O2A HEA HA . 26.77 26.10 23.02
NB HEA HA . 19.76 25.81 28.82
C1B HEA HA . 20.30 27.04 29.14
C2B HEA HA . 19.50 27.61 30.22
C3B HEA HA . 18.53 26.74 30.54
C4B HEA HA . 18.67 25.57 29.65
CMB HEA HA . 19.74 28.96 30.89
NC HEA HA . 18.92 23.08 27.89
C1C HEA HA . 17.92 23.33 28.81
C2C HEA HA . 16.98 22.22 28.74
C3C HEA HA . 17.42 21.35 27.82
C4C HEA HA . 18.66 21.89 27.26
CMC HEA HA . 15.71 22.09 29.61
CAC HEA HA . 16.77 20.03 27.36
CBC HEA HA . 16.20 19.18 28.21
ND HEA HA . 21.15 23.12 26.05
C1D HEA HA . 20.54 21.96 25.63
C2D HEA HA . 21.25 21.49 24.44
C3D HEA HA . 22.23 22.37 24.17
C4D HEA HA . 22.19 23.40 25.17
CMD HEA HA . 20.89 20.21 23.67
CAD HEA HA . 23.29 22.33 23.06
CBD HEA HA . 22.81 22.48 21.62
CGD HEA HA . 24.02 22.07 20.78
O1D HEA HA . 24.92 22.92 20.63
O2D HEA HA . 24.06 20.90 20.28
C11 HEA HA . 17.37 26.99 31.55
O11 HEA HA . 16.15 26.54 30.96
C12 HEA HA . 17.60 26.20 32.87
C13 HEA HA . 16.78 26.75 34.05
C14 HEA HA . 16.87 25.82 35.26
C15 HEA HA . 17.51 26.17 36.39
C16 HEA HA . 17.58 25.20 37.57
C17 HEA HA . 16.35 25.34 38.51
C18 HEA HA . 16.15 26.75 39.05
C19 HEA HA . 16.35 27.11 40.34
C20 HEA HA . 16.10 28.54 40.77
C21 HEA HA . 17.33 29.27 41.34
C22 HEA HA . 18.42 29.39 40.29
C23 HEA HA . 19.00 30.53 39.88
C24 HEA HA . 18.62 31.88 40.44
C25 HEA HA . 20.08 30.45 38.83
C26 HEA HA . 18.19 27.51 36.52
C27 HEA HA . 16.83 26.11 41.37
C3 TRD IA . 30.58 -3.83 22.81
C4 TRD IA . 31.56 -4.68 23.60
C5 TRD IA . 32.97 -4.63 23.00
C6 TRD IA . 33.97 -5.36 23.89
C7 TRD IA . 35.41 -5.26 23.38
C8 TRD IA . 36.41 -5.60 24.49
C9 TRD IA . 37.85 -5.42 24.03
C10 TRD IA . 38.84 -6.08 24.98
C11 TRD IA . 40.27 -5.59 24.77
C12 TRD IA . 41.14 -6.63 24.04
C13 TRD IA . 42.60 -6.51 24.43
CU CU JA . 19.03 27.19 24.00
MG MG KA . 30.14 26.71 17.70
CA CA LA . 40.88 6.32 21.86
CL CL MA . -8.67 8.33 20.08
C1 DMU NA . 27.01 50.59 29.24
C2 DMU NA . 28.51 50.46 28.99
C3 DMU NA . 29.25 49.84 30.18
C4 DMU NA . 28.53 48.57 30.70
O5 DMU NA . 27.12 48.79 30.87
C6 DMU NA . 26.42 49.25 29.69
O7 DMU NA . 30.57 49.49 29.74
O16 DMU NA . 25.05 49.40 29.98
O49 DMU NA . 26.38 51.00 28.04
O55 DMU NA . 29.05 51.75 28.72
C57 DMU NA . 29.13 48.09 32.02
O61 DMU NA . 28.15 48.14 33.06
C5 DMU NA . 32.84 50.22 29.30
C7 DMU NA . 33.47 48.83 29.42
C8 DMU NA . 33.87 48.56 30.86
C9 DMU NA . 32.66 48.72 31.79
O1 DMU NA . 31.99 49.99 31.59
C10 DMU NA . 31.63 50.34 30.22
O2 DMU NA . 34.40 47.26 30.96
O3 DMU NA . 32.48 50.47 27.95
O4 DMU NA . 34.61 48.72 28.59
C11 DMU NA . 33.03 48.61 33.26
O6 DMU NA . 34.44 48.77 33.46
C1 DMU OA . 4.63 25.15 57.00
C2 DMU OA . 3.20 24.93 57.51
C3 DMU OA . 2.21 25.87 56.82
C4 DMU OA . 2.37 25.74 55.29
O5 DMU OA . 3.74 25.94 54.90
C6 DMU OA . 4.65 24.98 55.48
O7 DMU OA . 0.87 25.48 57.19
O16 DMU OA . 5.97 25.19 54.97
O49 DMU OA . 5.49 24.19 57.61
O55 DMU OA . 3.19 25.16 58.91
C57 DMU OA . 1.43 26.65 54.49
O61 DMU OA . 1.65 28.01 54.79
C5 DMU OA . -0.98 25.58 58.75
C7 DMU OA . -2.07 25.31 57.71
C8 DMU OA . -2.51 26.61 57.03
C9 DMU OA . -1.31 27.36 56.46
O1 DMU OA . -0.30 27.55 57.49
C10 DMU OA . 0.19 26.34 58.13
O2 DMU OA . -3.40 26.29 55.97
O3 DMU OA . -0.54 24.36 59.31
O4 DMU OA . -3.18 24.68 58.30
C11 DMU OA . -1.70 28.71 55.87
O6 DMU OA . -1.79 29.70 56.90
C1 TRD PA . 39.99 23.40 40.40
C2 TRD PA . 38.56 23.87 40.24
C3 TRD PA . 37.62 22.77 40.72
C4 TRD PA . 36.16 23.18 40.61
C5 TRD PA . 35.36 22.12 39.87
C6 TRD PA . 33.97 22.65 39.51
C7 TRD PA . 33.49 22.06 38.20
C8 TRD PA . 32.07 21.52 38.32
C9 TRD PA . 31.04 22.50 37.78
C10 TRD PA . 29.64 21.92 37.95
C11 TRD PA . 28.73 22.88 38.72
C12 TRD PA . 27.55 22.14 39.36
C13 TRD PA . 26.87 23.00 40.38
C1 TRD QA . 21.76 44.33 34.89
C2 TRD QA . 21.64 42.83 35.00
C3 TRD QA . 20.33 42.30 34.42
C4 TRD QA . 20.08 40.86 34.83
C5 TRD QA . 18.70 40.37 34.43
C6 TRD QA . 18.17 39.35 35.44
C7 TRD QA . 16.77 38.88 35.09
CU CU RA . 37.11 22.32 13.29
CU CU1 SA . 38.56 23.51 11.55
CD CD TA . 65.48 43.85 7.24
CD CD UA . 0.04 30.30 46.22
#